data_8J6H
#
_entry.id   8J6H
#
_cell.length_a   147.391
_cell.length_b   165.061
_cell.length_c   82.672
_cell.angle_alpha   90.0
_cell.angle_beta   90.0
_cell.angle_gamma   90.0
#
_symmetry.space_group_name_H-M   'P 21 21 2'
#
loop_
_entity.id
_entity.type
_entity.pdbx_description
1 polymer "IMP-specific 5'-nucleotidase 1"
2 non-polymer INOSINE
3 water water
#
_entity_poly.entity_id   1
_entity_poly.type   'polypeptide(L)'
_entity_poly.pdbx_seq_one_letter_code
;RYRVEYHLKSHRKDEFIDWVKGLLASPFVLHAVSHEGDYNDDLATTQRVRSQYADIFKDIEGLIKDKIEFDSRN(MSE)S
QDEIEDGASSQSLNILGQSRLNLLVPSIGTFFTELPLEQAFLWEDSQRAISARR(MSE)VAPSFNDIRHILNTAQIFHFK
KQENLHNGKVLRLVTFDGDVTLYEDGGSLVYTNPVIPYILKLLRCGINVGIVTAAGYDEAGTYENRLKGLIVALHDSTDI
PVSQKQNLTI(MSE)GGESSYLFRYYEDPEEDNFGFRQIDKEEWLLPR(MSE)KAWSLEDVEKTLDFAERTLNRLRKRLN
LPSEISIIRKVRAVGIVPGERYDEASKRQVPVKLDREQLEEIVLTLQNTLESFAPSRRIQFSCFDGGSDVWCDIGGKDLG
VRSLQQFYNPESPIQPSETLHVGDQFAPVGSANDFKARLAGCTLWIASPQETVNYLHRLLETDHHHHHHHH
;
_entity_poly.pdbx_strand_id   A,B,C,D
#
loop_
_chem_comp.id
_chem_comp.type
_chem_comp.name
_chem_comp.formula
NOS non-polymer INOSINE 'C10 H12 N4 O5'
#
# COMPACT_ATOMS: atom_id res chain seq x y z
N ARG A 3 3.90 -13.25 2.91
CA ARG A 3 4.84 -14.28 3.30
C ARG A 3 4.97 -15.34 2.22
N VAL A 4 4.71 -14.94 0.97
CA VAL A 4 4.83 -15.86 -0.15
C VAL A 4 6.28 -16.23 -0.38
N GLU A 5 6.51 -17.44 -0.87
CA GLU A 5 7.87 -17.92 -1.11
C GLU A 5 8.30 -17.64 -2.55
N TYR A 6 7.44 -16.98 -3.31
CA TYR A 6 7.76 -16.64 -4.68
C TYR A 6 7.79 -15.12 -4.91
N HIS A 7 8.83 -14.69 -5.62
CA HIS A 7 9.13 -13.28 -5.84
C HIS A 7 8.25 -12.64 -6.91
N LEU A 8 7.34 -11.75 -6.50
CA LEU A 8 6.41 -11.13 -7.44
C LEU A 8 6.70 -9.64 -7.66
N LYS A 9 6.92 -8.92 -6.56
CA LYS A 9 7.42 -7.55 -6.62
C LYS A 9 8.55 -7.42 -5.59
N SER A 10 8.95 -6.19 -5.26
CA SER A 10 10.06 -5.98 -4.34
C SER A 10 9.71 -6.29 -2.88
N HIS A 11 9.30 -7.54 -2.66
CA HIS A 11 9.05 -8.11 -1.34
C HIS A 11 10.18 -7.84 -0.36
N ASP A 14 13.97 -3.35 5.89
CA ASP A 14 13.98 -3.31 7.35
C ASP A 14 12.78 -2.53 7.88
N GLU A 15 11.92 -3.21 8.62
CA GLU A 15 10.68 -2.61 9.12
C GLU A 15 10.95 -1.56 10.19
N PHE A 16 11.97 -1.78 11.01
CA PHE A 16 12.30 -0.87 12.10
C PHE A 16 12.67 0.51 11.58
N ILE A 17 13.49 0.55 10.52
CA ILE A 17 13.90 1.81 9.92
C ILE A 17 12.71 2.54 9.30
N ASP A 18 11.85 1.79 8.61
CA ASP A 18 10.66 2.36 7.99
C ASP A 18 9.69 2.88 9.04
N TRP A 19 9.65 2.19 10.18
CA TRP A 19 8.83 2.60 11.31
C TRP A 19 9.33 3.91 11.90
N VAL A 20 10.65 4.03 12.03
CA VAL A 20 11.29 5.24 12.52
C VAL A 20 11.09 6.38 11.52
N LYS A 21 11.22 6.06 10.23
CA LYS A 21 11.02 7.02 9.16
C LYS A 21 9.63 7.63 9.22
N GLY A 22 8.63 6.79 9.51
CA GLY A 22 7.26 7.23 9.63
C GLY A 22 7.08 8.16 10.82
N LEU A 23 7.77 7.85 11.91
CA LEU A 23 7.74 8.70 13.10
C LEU A 23 8.32 10.08 12.81
N LEU A 24 9.47 10.09 12.13
CA LEU A 24 10.18 11.32 11.81
C LEU A 24 9.41 12.16 10.78
N ALA A 25 8.46 11.54 10.10
CA ALA A 25 7.68 12.22 9.07
C ALA A 25 6.73 13.25 9.66
N SER A 26 6.28 13.00 10.90
CA SER A 26 5.34 13.90 11.55
C SER A 26 5.93 15.29 11.84
N PRO A 27 7.14 15.35 12.46
CA PRO A 27 7.68 16.70 12.67
C PRO A 27 8.12 17.36 11.36
N PHE A 28 8.46 16.56 10.35
CA PHE A 28 8.90 17.09 9.07
C PHE A 28 7.81 17.90 8.39
N VAL A 29 6.59 17.38 8.40
CA VAL A 29 5.48 18.04 7.74
C VAL A 29 4.94 19.20 8.56
N LEU A 30 4.83 19.00 9.87
CA LEU A 30 4.20 19.98 10.75
C LEU A 30 5.11 21.16 11.10
N HIS A 31 6.43 20.96 10.99
CA HIS A 31 7.36 21.97 11.47
C HIS A 31 8.46 22.35 10.48
N ALA A 32 8.62 21.59 9.40
CA ALA A 32 9.67 21.89 8.42
C ALA A 32 9.10 22.32 7.07
N VAL A 33 8.25 21.48 6.48
CA VAL A 33 7.62 21.81 5.20
C VAL A 33 6.76 23.06 5.33
N SER A 34 6.18 23.23 6.52
CA SER A 34 5.37 24.41 6.82
C SER A 34 6.17 25.70 6.74
N HIS A 35 7.50 25.58 6.81
CA HIS A 35 8.39 26.73 6.82
C HIS A 35 9.38 26.72 5.66
N GLU A 36 8.93 26.31 4.48
CA GLU A 36 9.82 26.19 3.33
C GLU A 36 10.35 27.55 2.87
N GLY A 37 9.48 28.55 2.88
CA GLY A 37 9.84 29.87 2.39
C GLY A 37 10.17 30.86 3.49
N ASP A 38 10.13 30.41 4.74
CA ASP A 38 10.50 31.25 5.87
C ASP A 38 12.02 31.26 6.04
N TYR A 39 12.69 32.03 5.18
CA TYR A 39 14.15 32.00 5.06
C TYR A 39 14.92 32.73 6.15
N ASN A 40 14.22 33.53 6.95
CA ASN A 40 14.86 34.22 8.06
C ASN A 40 14.58 33.50 9.38
N ASP A 41 13.64 32.57 9.33
CA ASP A 41 13.26 31.76 10.47
C ASP A 41 14.02 30.44 10.38
N ASP A 42 14.94 30.38 9.42
CA ASP A 42 15.72 29.16 9.17
C ASP A 42 16.44 28.65 10.42
N LEU A 43 16.87 29.58 11.28
CA LEU A 43 17.55 29.22 12.51
C LEU A 43 16.59 28.54 13.49
N ALA A 44 15.44 29.17 13.68
CA ALA A 44 14.45 28.67 14.64
C ALA A 44 13.73 27.43 14.13
N THR A 45 13.46 27.39 12.82
CA THR A 45 12.82 26.23 12.23
C THR A 45 13.70 25.00 12.37
N THR A 46 14.98 25.14 11.99
CA THR A 46 15.93 24.04 12.07
C THR A 46 16.12 23.58 13.51
N GLN A 47 16.16 24.52 14.44
CA GLN A 47 16.32 24.21 15.86
C GLN A 47 15.17 23.36 16.39
N ARG A 48 13.94 23.79 16.08
CA ARG A 48 12.75 23.07 16.52
C ARG A 48 12.67 21.69 15.87
N VAL A 49 12.95 21.63 14.58
CA VAL A 49 12.93 20.37 13.84
C VAL A 49 13.97 19.39 14.39
N ARG A 50 15.16 19.90 14.70
CA ARG A 50 16.23 19.07 15.23
C ARG A 50 15.86 18.51 16.61
N SER A 51 15.18 19.32 17.42
CA SER A 51 14.77 18.90 18.75
C SER A 51 13.65 17.85 18.66
N GLN A 52 12.72 18.06 17.73
CA GLN A 52 11.64 17.12 17.49
C GLN A 52 12.19 15.76 17.06
N TYR A 53 13.14 15.77 16.14
CA TYR A 53 13.79 14.56 15.69
C TYR A 53 14.53 13.87 16.82
N ALA A 54 15.29 14.66 17.58
CA ALA A 54 16.10 14.13 18.68
C ALA A 54 15.24 13.53 19.78
N ASP A 55 14.10 14.16 20.04
CA ASP A 55 13.18 13.66 21.07
C ASP A 55 12.63 12.29 20.69
N ILE A 56 12.35 12.10 19.41
CA ILE A 56 11.88 10.81 18.91
C ILE A 56 12.91 9.73 19.15
N PHE A 57 14.16 10.02 18.82
CA PHE A 57 15.26 9.06 19.00
C PHE A 57 15.49 8.74 20.47
N LYS A 58 15.31 9.74 21.34
CA LYS A 58 15.44 9.51 22.77
C LYS A 58 14.33 8.57 23.27
N ASP A 59 13.15 8.73 22.68
CA ASP A 59 12.01 7.88 23.02
C ASP A 59 12.23 6.43 22.58
N ILE A 60 12.81 6.27 21.38
CA ILE A 60 13.07 4.93 20.86
C ILE A 60 14.14 4.23 21.69
N GLU A 61 15.07 5.01 22.24
CA GLU A 61 16.08 4.48 23.15
C GLU A 61 15.45 3.77 24.33
N GLY A 62 14.43 4.40 24.91
CA GLY A 62 13.72 3.85 26.05
C GLY A 62 13.02 2.55 25.70
N LEU A 63 12.37 2.52 24.53
CA LEU A 63 11.68 1.33 24.07
C LEU A 63 12.67 0.19 23.82
N ILE A 64 13.85 0.54 23.32
CA ILE A 64 14.90 -0.45 23.11
C ILE A 64 15.36 -1.03 24.44
N LYS A 65 15.56 -0.17 25.43
CA LYS A 65 15.95 -0.59 26.77
C LYS A 65 14.91 -1.52 27.37
N ASP A 66 13.63 -1.20 27.15
CA ASP A 66 12.54 -2.05 27.61
C ASP A 66 12.57 -3.41 26.94
N LYS A 67 12.85 -3.41 25.63
CA LYS A 67 12.95 -4.66 24.87
C LYS A 67 14.09 -5.52 25.39
N ILE A 68 15.25 -4.90 25.62
CA ILE A 68 16.41 -5.60 26.16
C ILE A 68 16.11 -6.23 27.51
N GLU A 69 15.48 -5.44 28.39
CA GLU A 69 15.12 -5.92 29.72
C GLU A 69 14.14 -7.09 29.64
N PHE A 70 13.11 -6.94 28.79
CA PHE A 70 12.12 -7.99 28.59
C PHE A 70 12.75 -9.24 28.00
N ASP A 71 13.64 -9.05 27.02
CA ASP A 71 14.30 -10.17 26.36
C ASP A 71 15.33 -10.82 27.28
N SER A 72 15.80 -10.08 28.28
CA SER A 72 16.72 -10.62 29.26
C SER A 72 16.01 -11.64 30.13
N ARG A 73 14.70 -11.47 30.27
CA ARG A 73 13.89 -12.39 31.08
C ARG A 73 13.34 -13.53 30.22
N GLN A 94 4.63 -9.40 23.56
CA GLN A 94 6.07 -9.27 23.77
C GLN A 94 6.42 -7.92 24.37
N SER A 95 7.59 -7.41 23.99
CA SER A 95 7.93 -6.02 24.27
C SER A 95 7.06 -5.15 23.39
N ARG A 96 6.85 -3.91 23.83
CA ARG A 96 6.03 -2.95 23.09
C ARG A 96 6.56 -2.75 21.67
N LEU A 97 7.88 -2.67 21.56
CA LEU A 97 8.53 -2.46 20.27
C LEU A 97 8.29 -3.65 19.35
N ASN A 98 8.26 -4.85 19.93
CA ASN A 98 7.94 -6.06 19.17
C ASN A 98 6.49 -6.04 18.68
N LEU A 99 5.60 -5.50 19.50
CA LEU A 99 4.21 -5.33 19.10
C LEU A 99 4.10 -4.33 17.96
N LEU A 100 4.81 -3.22 18.10
CA LEU A 100 4.83 -2.18 17.07
C LEU A 100 5.54 -2.69 15.82
N VAL A 101 6.68 -3.32 16.01
CA VAL A 101 7.48 -3.85 14.91
C VAL A 101 7.71 -5.35 15.10
N PRO A 102 6.88 -6.19 14.47
CA PRO A 102 6.93 -7.65 14.66
C PRO A 102 8.17 -8.30 14.06
N SER A 103 8.77 -7.70 13.04
CA SER A 103 9.93 -8.29 12.38
C SER A 103 11.24 -7.72 12.94
N ILE A 104 11.17 -7.14 14.13
CA ILE A 104 12.34 -6.50 14.72
C ILE A 104 13.29 -7.55 15.29
N GLY A 105 14.59 -7.31 15.10
CA GLY A 105 15.61 -8.21 15.61
C GLY A 105 15.94 -7.86 17.05
N THR A 106 16.63 -8.75 17.74
CA THR A 106 17.02 -8.52 19.12
C THR A 106 18.15 -7.49 19.19
N PHE A 107 18.10 -6.64 20.21
CA PHE A 107 19.16 -5.66 20.45
C PHE A 107 20.05 -6.12 21.59
N PHE A 108 21.25 -6.60 21.24
CA PHE A 108 22.18 -7.11 22.24
C PHE A 108 22.85 -5.98 23.00
N THR A 109 22.87 -4.79 22.40
CA THR A 109 23.39 -3.62 23.07
C THR A 109 22.42 -2.45 22.96
N GLU A 110 22.48 -1.57 23.96
CA GLU A 110 21.74 -0.33 23.93
C GLU A 110 22.45 0.63 22.98
N LEU A 111 21.69 1.49 22.33
CA LEU A 111 22.26 2.41 21.36
C LEU A 111 21.98 3.86 21.77
N PRO A 112 23.00 4.72 21.68
CA PRO A 112 22.82 6.16 21.90
C PRO A 112 22.24 6.84 20.67
N LEU A 113 20.94 6.70 20.45
CA LEU A 113 20.28 7.19 19.25
C LEU A 113 20.31 8.71 19.12
N GLU A 114 20.03 9.40 20.21
CA GLU A 114 19.90 10.86 20.19
C GLU A 114 21.20 11.54 19.74
N GLN A 115 22.32 11.10 20.31
CA GLN A 115 23.63 11.65 19.99
C GLN A 115 24.01 11.32 18.55
N ALA A 116 23.77 10.08 18.14
CA ALA A 116 24.07 9.62 16.78
C ALA A 116 23.34 10.48 15.76
N PHE A 117 22.10 10.83 16.06
CA PHE A 117 21.34 11.72 15.19
C PHE A 117 21.99 13.10 15.10
N LEU A 118 22.29 13.67 16.26
CA LEU A 118 22.85 15.01 16.34
C LEU A 118 24.20 15.12 15.63
N TRP A 119 24.99 14.06 15.73
CA TRP A 119 26.29 14.02 15.06
C TRP A 119 26.10 13.95 13.56
N GLU A 120 25.27 13.01 13.11
CA GLU A 120 25.00 12.84 11.69
C GLU A 120 24.28 14.05 11.11
N ASP A 121 23.50 14.73 11.95
CA ASP A 121 22.76 15.91 11.51
C ASP A 121 23.71 17.06 11.19
N SER A 122 24.83 17.12 11.90
CA SER A 122 25.83 18.15 11.65
C SER A 122 26.49 17.94 10.29
N GLN A 123 26.71 16.67 9.94
CA GLN A 123 27.35 16.33 8.68
C GLN A 123 26.37 16.39 7.51
N ARG A 124 25.13 15.96 7.76
CA ARG A 124 24.18 15.76 6.68
C ARG A 124 23.12 16.86 6.58
N ALA A 125 23.02 17.67 7.63
CA ALA A 125 22.06 18.78 7.69
C ALA A 125 20.63 18.30 7.42
N ILE A 126 20.22 17.27 8.14
CA ILE A 126 18.90 16.68 7.96
C ILE A 126 17.80 17.62 8.44
N SER A 127 18.06 18.31 9.55
CA SER A 127 17.07 19.19 10.17
C SER A 127 16.81 20.47 9.36
N ALA A 128 17.70 20.78 8.44
CA ALA A 128 17.58 21.99 7.64
C ALA A 128 16.76 21.76 6.37
N ARG A 129 16.51 20.50 6.04
CA ARG A 129 15.75 20.15 4.86
C ARG A 129 14.26 20.39 5.07
N ARG A 130 13.60 20.98 4.07
CA ARG A 130 12.18 21.29 4.17
C ARG A 130 11.37 20.55 3.12
N MSE A 131 12.04 20.04 2.08
CA MSE A 131 11.36 19.37 0.98
C MSE A 131 11.59 17.86 0.99
O MSE A 131 10.80 17.11 0.43
CB MSE A 131 11.82 19.95 -0.36
CG MSE A 131 11.38 21.38 -0.59
SE MSE A 131 9.43 21.57 -0.38
CE MSE A 131 8.87 20.78 -2.07
N VAL A 132 12.67 17.42 1.63
CA VAL A 132 12.98 16.01 1.68
C VAL A 132 13.03 15.50 3.13
N ALA A 133 12.15 14.55 3.43
CA ALA A 133 12.05 13.96 4.75
C ALA A 133 13.32 13.19 5.12
N PRO A 134 13.51 12.90 6.42
CA PRO A 134 14.61 12.02 6.82
C PRO A 134 14.50 10.66 6.12
N SER A 135 15.57 10.24 5.45
CA SER A 135 15.51 9.08 4.59
C SER A 135 15.89 7.77 5.29
N PHE A 136 15.75 6.67 4.56
CA PHE A 136 16.13 5.35 5.03
C PHE A 136 17.62 5.33 5.41
N ASN A 137 18.45 5.84 4.51
CA ASN A 137 19.90 5.83 4.71
C ASN A 137 20.34 6.78 5.82
N ASP A 138 19.56 7.83 6.06
CA ASP A 138 19.81 8.73 7.17
C ASP A 138 19.73 7.96 8.48
N ILE A 139 18.66 7.18 8.63
CA ILE A 139 18.44 6.38 9.82
C ILE A 139 19.46 5.26 9.94
N ARG A 140 19.74 4.59 8.82
CA ARG A 140 20.75 3.54 8.77
C ARG A 140 22.11 4.06 9.23
N HIS A 141 22.46 5.26 8.77
CA HIS A 141 23.69 5.93 9.18
C HIS A 141 23.69 6.21 10.68
N ILE A 142 22.56 6.71 11.17
CA ILE A 142 22.41 7.04 12.59
C ILE A 142 22.50 5.78 13.44
N LEU A 143 21.84 4.71 13.00
CA LEU A 143 21.86 3.44 13.70
C LEU A 143 23.27 2.86 13.76
N ASN A 144 23.98 2.90 12.64
CA ASN A 144 25.36 2.42 12.59
C ASN A 144 26.27 3.23 13.49
N THR A 145 26.13 4.55 13.43
CA THR A 145 26.92 5.46 14.25
C THR A 145 26.66 5.20 15.73
N ALA A 146 25.42 4.88 16.06
CA ALA A 146 25.02 4.61 17.43
C ALA A 146 25.70 3.34 17.97
N GLN A 147 25.81 2.32 17.11
CA GLN A 147 26.42 1.07 17.51
C GLN A 147 27.91 1.24 17.79
N ILE A 148 28.59 1.98 16.91
CA ILE A 148 30.00 2.29 17.09
C ILE A 148 30.21 3.15 18.34
N PHE A 149 29.34 4.13 18.52
CA PHE A 149 29.38 4.99 19.70
C PHE A 149 29.32 4.18 20.99
N HIS A 150 28.42 3.20 21.02
CA HIS A 150 28.23 2.36 22.20
C HIS A 150 29.52 1.65 22.62
N PHE A 151 30.19 1.04 21.65
CA PHE A 151 31.42 0.30 21.94
C PHE A 151 32.53 1.24 22.44
N LYS A 152 32.57 2.46 21.88
CA LYS A 152 33.57 3.44 22.28
C LYS A 152 33.36 3.89 23.72
N LYS A 153 32.10 4.02 24.13
CA LYS A 153 31.77 4.41 25.49
C LYS A 153 32.13 3.29 26.46
N GLN A 154 31.77 2.07 26.09
CA GLN A 154 32.19 0.88 26.83
C GLN A 154 33.70 0.82 26.89
N GLU A 155 34.32 1.14 25.76
CA GLU A 155 35.76 1.08 25.67
C GLU A 155 36.38 1.93 26.79
N ASN A 156 36.21 3.24 26.76
CA ASN A 156 36.86 4.13 27.74
C ASN A 156 36.60 3.73 29.19
N LEU A 157 35.43 3.18 29.47
CA LEU A 157 35.12 2.62 30.78
C LEU A 157 35.93 1.31 31.03
N HIS A 158 36.06 0.48 29.98
CA HIS A 158 36.72 -0.85 30.02
C HIS A 158 36.05 -1.81 31.00
N ASN A 159 35.69 -1.29 32.16
CA ASN A 159 34.59 -1.78 32.98
C ASN A 159 33.41 -2.44 32.24
N GLY A 160 32.94 -1.85 31.15
CA GLY A 160 31.88 -2.46 30.37
C GLY A 160 32.35 -3.50 29.37
N LYS A 161 31.39 -4.08 28.64
CA LYS A 161 31.68 -5.11 27.66
C LYS A 161 32.33 -4.49 26.44
N VAL A 162 33.59 -4.85 26.21
CA VAL A 162 34.37 -4.30 25.11
C VAL A 162 34.22 -5.17 23.87
N LEU A 163 34.37 -4.57 22.69
CA LEU A 163 34.27 -5.30 21.44
C LEU A 163 35.43 -6.29 21.29
N ARG A 164 35.10 -7.57 21.23
CA ARG A 164 36.13 -8.62 21.16
C ARG A 164 36.19 -9.29 19.79
N LEU A 165 35.10 -9.19 19.03
CA LEU A 165 35.04 -9.86 17.73
C LEU A 165 34.37 -9.00 16.67
N VAL A 166 35.09 -8.75 15.58
CA VAL A 166 34.52 -8.06 14.42
C VAL A 166 34.50 -9.01 13.23
N THR A 167 33.32 -9.18 12.64
CA THR A 167 33.18 -10.06 11.48
C THR A 167 32.82 -9.29 10.22
N PHE A 168 33.31 -9.76 9.08
CA PHE A 168 33.05 -9.12 7.80
C PHE A 168 32.44 -10.10 6.81
N ASP A 169 32.19 -9.63 5.59
CA ASP A 169 31.60 -10.46 4.54
C ASP A 169 32.43 -10.49 3.28
N GLY A 170 32.72 -11.69 2.79
CA GLY A 170 33.38 -11.87 1.50
C GLY A 170 32.71 -13.00 0.75
N ASP A 171 31.39 -13.07 0.90
CA ASP A 171 30.60 -14.26 0.53
C ASP A 171 30.61 -14.64 -0.96
N VAL A 172 30.69 -13.64 -1.84
CA VAL A 172 30.66 -13.90 -3.29
C VAL A 172 31.83 -14.80 -3.71
N THR A 173 31.56 -15.71 -4.63
CA THR A 173 32.52 -16.67 -5.20
C THR A 173 33.98 -16.23 -5.16
N THR A 184 42.90 -1.90 -4.26
CA THR A 184 41.54 -1.45 -4.52
C THR A 184 40.72 -1.44 -3.22
N ASN A 185 41.32 -1.93 -2.15
CA ASN A 185 40.64 -2.07 -0.86
C ASN A 185 41.33 -1.29 0.25
N PRO A 186 40.63 -0.30 0.82
CA PRO A 186 41.16 0.53 1.91
C PRO A 186 40.79 0.00 3.30
N VAL A 187 40.12 -1.14 3.36
CA VAL A 187 39.69 -1.71 4.64
C VAL A 187 40.83 -2.50 5.29
N ILE A 188 41.70 -3.06 4.46
CA ILE A 188 42.81 -3.91 4.90
C ILE A 188 43.62 -3.34 6.07
N PRO A 189 44.05 -2.06 5.99
CA PRO A 189 44.83 -1.56 7.14
C PRO A 189 44.04 -1.51 8.44
N TYR A 190 42.72 -1.32 8.32
CA TYR A 190 41.86 -1.25 9.50
C TYR A 190 41.65 -2.63 10.11
N ILE A 191 41.61 -3.65 9.27
CA ILE A 191 41.56 -5.04 9.74
C ILE A 191 42.83 -5.32 10.55
N LEU A 192 43.96 -4.88 10.02
CA LEU A 192 45.25 -5.02 10.71
C LEU A 192 45.24 -4.27 12.03
N LYS A 193 44.68 -3.06 12.03
CA LYS A 193 44.62 -2.26 13.24
C LYS A 193 43.73 -2.93 14.29
N LEU A 194 42.65 -3.54 13.83
CA LEU A 194 41.76 -4.29 14.72
C LEU A 194 42.52 -5.41 15.41
N LEU A 195 43.30 -6.16 14.63
CA LEU A 195 44.09 -7.27 15.14
C LEU A 195 45.13 -6.82 16.15
N ARG A 196 45.78 -5.70 15.86
CA ARG A 196 46.79 -5.14 16.76
C ARG A 196 46.14 -4.55 18.01
N CYS A 197 44.84 -4.29 17.93
CA CYS A 197 44.08 -3.79 19.07
C CYS A 197 43.54 -4.93 19.92
N GLY A 198 43.97 -6.15 19.62
CA GLY A 198 43.55 -7.32 20.37
C GLY A 198 42.13 -7.75 20.07
N ILE A 199 41.61 -7.29 18.93
CA ILE A 199 40.27 -7.67 18.50
C ILE A 199 40.33 -8.77 17.45
N ASN A 200 39.53 -9.82 17.64
CA ASN A 200 39.50 -10.93 16.71
C ASN A 200 38.71 -10.58 15.46
N VAL A 201 39.26 -10.94 14.30
CA VAL A 201 38.61 -10.63 13.02
C VAL A 201 38.32 -11.89 12.22
N GLY A 202 37.05 -12.08 11.89
CA GLY A 202 36.64 -13.22 11.10
C GLY A 202 35.95 -12.78 9.82
N ILE A 203 36.21 -13.50 8.73
CA ILE A 203 35.56 -13.20 7.46
C ILE A 203 34.64 -14.36 7.08
N VAL A 204 33.33 -14.08 7.05
CA VAL A 204 32.35 -15.11 6.73
C VAL A 204 32.02 -15.09 5.25
N THR A 205 32.13 -16.25 4.61
CA THR A 205 32.01 -16.36 3.16
C THR A 205 31.13 -17.54 2.75
N ALA A 206 30.31 -17.34 1.72
CA ALA A 206 29.39 -18.37 1.26
C ALA A 206 29.95 -19.17 0.07
N ALA A 207 31.18 -18.87 -0.33
CA ALA A 207 31.78 -19.50 -1.51
C ALA A 207 31.82 -21.02 -1.40
N GLY A 208 32.06 -21.53 -0.20
CA GLY A 208 31.98 -22.96 0.03
C GLY A 208 33.12 -23.77 -0.55
N TYR A 209 34.16 -23.11 -1.05
CA TYR A 209 35.36 -23.81 -1.49
C TYR A 209 35.99 -24.48 -0.27
N ASP A 210 36.53 -25.68 -0.46
CA ASP A 210 36.97 -26.49 0.69
C ASP A 210 38.48 -26.50 0.89
N GLU A 211 39.20 -25.63 0.17
CA GLU A 211 40.65 -25.59 0.29
C GLU A 211 41.14 -24.19 0.69
N ALA A 212 42.26 -24.14 1.39
CA ALA A 212 42.80 -22.89 1.89
C ALA A 212 43.45 -22.06 0.79
N GLY A 213 43.96 -22.75 -0.22
CA GLY A 213 44.65 -22.09 -1.33
C GLY A 213 43.78 -21.08 -2.07
N THR A 214 42.51 -21.43 -2.27
CA THR A 214 41.56 -20.56 -2.94
C THR A 214 41.38 -19.25 -2.18
N TYR A 215 41.14 -19.35 -0.88
CA TYR A 215 40.92 -18.18 -0.05
C TYR A 215 42.21 -17.40 0.17
N GLU A 216 43.34 -18.09 0.08
CA GLU A 216 44.64 -17.42 0.15
C GLU A 216 44.81 -16.52 -1.06
N ASN A 217 44.38 -17.00 -2.22
CA ASN A 217 44.47 -16.25 -3.46
C ASN A 217 43.47 -15.10 -3.51
N ARG A 218 42.24 -15.36 -3.08
CA ARG A 218 41.20 -14.33 -3.05
C ARG A 218 41.56 -13.22 -2.09
N LEU A 219 42.19 -13.58 -0.98
CA LEU A 219 42.52 -12.61 0.06
C LEU A 219 44.02 -12.35 0.12
N LYS A 220 44.66 -12.40 -1.04
CA LYS A 220 46.10 -12.23 -1.15
C LYS A 220 46.57 -10.90 -0.56
N GLY A 221 45.87 -9.82 -0.91
CA GLY A 221 46.22 -8.50 -0.44
C GLY A 221 46.18 -8.37 1.07
N LEU A 222 45.27 -9.11 1.71
CA LEU A 222 45.13 -9.06 3.16
C LEU A 222 46.27 -9.81 3.84
N ILE A 223 46.58 -11.01 3.36
CA ILE A 223 47.61 -11.84 3.97
C ILE A 223 49.02 -11.29 3.68
N VAL A 224 49.18 -10.64 2.54
CA VAL A 224 50.46 -10.02 2.21
C VAL A 224 50.71 -8.84 3.15
N ALA A 225 49.71 -7.98 3.30
CA ALA A 225 49.81 -6.83 4.19
C ALA A 225 50.01 -7.26 5.64
N LEU A 226 49.29 -8.30 6.04
CA LEU A 226 49.41 -8.83 7.40
C LEU A 226 50.80 -9.41 7.62
N HIS A 227 51.30 -10.13 6.62
CA HIS A 227 52.64 -10.70 6.68
C HIS A 227 53.70 -9.61 6.73
N ASP A 228 53.48 -8.55 5.96
CA ASP A 228 54.44 -7.45 5.86
C ASP A 228 54.38 -6.51 7.06
N SER A 229 53.42 -6.72 7.95
CA SER A 229 53.29 -5.87 9.13
C SER A 229 54.27 -6.30 10.22
N THR A 230 55.17 -5.39 10.59
CA THR A 230 56.14 -5.66 11.64
C THR A 230 55.60 -5.22 12.99
N ASP A 231 54.60 -4.35 12.95
CA ASP A 231 54.06 -3.70 14.14
C ASP A 231 53.04 -4.57 14.88
N ILE A 232 52.68 -5.70 14.29
CA ILE A 232 51.71 -6.60 14.90
C ILE A 232 52.36 -7.93 15.27
N PRO A 233 52.18 -8.36 16.52
CA PRO A 233 52.68 -9.67 16.96
C PRO A 233 52.01 -10.79 16.18
N VAL A 234 52.76 -11.87 15.92
CA VAL A 234 52.21 -13.01 15.18
C VAL A 234 50.99 -13.56 15.92
N SER A 235 51.07 -13.56 17.25
CA SER A 235 49.95 -14.00 18.09
C SER A 235 48.67 -13.25 17.74
N GLN A 236 48.78 -11.94 17.54
CA GLN A 236 47.62 -11.13 17.18
C GLN A 236 47.27 -11.28 15.71
N LYS A 237 48.27 -11.55 14.88
CA LYS A 237 48.03 -11.83 13.46
C LYS A 237 47.20 -13.10 13.30
N GLN A 238 47.42 -14.06 14.19
CA GLN A 238 46.74 -15.36 14.14
C GLN A 238 45.26 -15.26 14.49
N ASN A 239 44.84 -14.12 15.02
CA ASN A 239 43.45 -13.92 15.38
C ASN A 239 42.59 -13.51 14.19
N LEU A 240 43.12 -13.70 12.99
CA LEU A 240 42.35 -13.52 11.77
C LEU A 240 41.88 -14.87 11.24
N THR A 241 40.57 -15.02 11.08
CA THR A 241 40.01 -16.27 10.59
C THR A 241 39.08 -16.05 9.41
N ILE A 242 38.83 -17.12 8.66
CA ILE A 242 37.86 -17.08 7.57
C ILE A 242 36.93 -18.29 7.66
N MSE A 243 35.64 -18.03 7.60
CA MSE A 243 34.64 -19.08 7.69
C MSE A 243 33.94 -19.29 6.36
O MSE A 243 33.03 -18.53 5.99
CB MSE A 243 33.62 -18.75 8.78
CG MSE A 243 32.56 -19.82 8.98
SE MSE A 243 33.23 -21.38 9.92
CE MSE A 243 33.32 -20.64 11.72
N GLY A 244 34.36 -20.31 5.62
CA GLY A 244 33.77 -20.62 4.33
C GLY A 244 32.51 -21.45 4.48
N GLY A 245 31.67 -21.42 3.44
CA GLY A 245 30.42 -22.16 3.45
C GLY A 245 29.52 -21.74 4.60
N GLU A 246 29.55 -20.44 4.91
CA GLU A 246 28.79 -19.85 6.01
C GLU A 246 29.24 -20.37 7.39
N SER A 247 29.30 -21.69 7.55
CA SER A 247 29.83 -22.28 8.77
C SER A 247 30.22 -23.74 8.52
N SER A 248 30.94 -23.98 7.42
CA SER A 248 31.31 -25.33 7.04
C SER A 248 32.82 -25.55 7.06
N TYR A 249 33.57 -24.50 6.74
CA TYR A 249 35.03 -24.58 6.78
C TYR A 249 35.61 -23.40 7.57
N LEU A 250 36.60 -23.68 8.41
CA LEU A 250 37.27 -22.62 9.16
C LEU A 250 38.78 -22.65 8.92
N PHE A 251 39.32 -21.50 8.54
CA PHE A 251 40.76 -21.38 8.31
C PHE A 251 41.35 -20.26 9.17
N ARG A 252 42.59 -20.43 9.60
CA ARG A 252 43.25 -19.43 10.44
C ARG A 252 44.56 -18.97 9.81
N TYR A 253 44.94 -17.73 10.07
CA TYR A 253 46.19 -17.20 9.55
C TYR A 253 47.38 -17.80 10.30
N TYR A 254 48.42 -18.18 9.56
CA TYR A 254 49.61 -18.76 10.16
C TYR A 254 50.89 -18.13 9.63
N GLU A 255 51.92 -18.14 10.47
CA GLU A 255 53.26 -17.71 10.08
C GLU A 255 54.29 -18.60 10.72
N ASP A 256 54.84 -19.54 9.96
CA ASP A 256 55.82 -20.42 10.55
C ASP A 256 57.23 -20.11 10.05
N PRO A 257 58.20 -20.00 10.98
CA PRO A 257 59.62 -19.73 10.70
C PRO A 257 60.30 -20.84 9.91
N GLU A 258 59.88 -22.08 10.14
CA GLU A 258 60.51 -23.24 9.48
C GLU A 258 60.30 -23.26 7.97
N GLU A 259 59.05 -23.27 7.53
CA GLU A 259 58.83 -23.26 6.11
C GLU A 259 59.16 -21.89 5.58
N ASP A 260 59.06 -20.92 6.49
CA ASP A 260 59.08 -19.51 6.18
C ASP A 260 57.96 -19.14 5.19
N ASN A 261 56.78 -19.74 5.25
CA ASN A 261 55.70 -18.99 4.62
C ASN A 261 54.62 -18.59 5.60
N PHE A 262 53.51 -18.23 4.98
CA PHE A 262 52.33 -17.69 5.61
C PHE A 262 51.13 -18.03 4.74
N GLY A 263 49.93 -17.85 5.28
CA GLY A 263 48.71 -18.16 4.56
C GLY A 263 47.60 -18.56 5.50
N PHE A 264 46.77 -19.51 5.07
CA PHE A 264 45.66 -19.98 5.89
C PHE A 264 45.75 -21.47 6.19
N ARG A 265 45.54 -21.83 7.45
CA ARG A 265 45.51 -23.23 7.86
C ARG A 265 44.11 -23.61 8.34
N GLN A 266 43.58 -24.71 7.80
CA GLN A 266 42.23 -25.14 8.13
C GLN A 266 42.14 -25.75 9.53
N ILE A 267 41.32 -25.14 10.37
CA ILE A 267 41.11 -25.62 11.74
C ILE A 267 40.20 -26.84 11.75
N ASP A 268 40.54 -27.85 12.53
CA ASP A 268 39.78 -29.09 12.55
C ASP A 268 38.40 -28.90 13.14
N LYS A 269 37.48 -29.76 12.70
CA LYS A 269 36.05 -29.64 12.95
C LYS A 269 35.77 -29.69 14.45
N GLU A 270 36.53 -30.52 15.15
CA GLU A 270 36.34 -30.75 16.59
C GLU A 270 36.43 -29.47 17.41
N GLU A 271 37.23 -28.52 16.96
CA GLU A 271 37.49 -27.31 17.71
C GLU A 271 36.35 -26.31 17.64
N TRP A 272 35.80 -26.08 16.45
CA TRP A 272 34.87 -24.98 16.24
C TRP A 272 33.41 -25.38 16.03
N LEU A 273 33.15 -26.66 15.74
CA LEU A 273 31.77 -27.11 15.52
C LEU A 273 30.90 -26.89 16.75
N LEU A 274 29.73 -26.30 16.53
CA LEU A 274 28.75 -26.13 17.60
C LEU A 274 28.15 -27.49 17.96
N PRO A 275 27.64 -27.63 19.19
CA PRO A 275 27.06 -28.92 19.61
C PRO A 275 25.89 -29.35 18.73
N ARG A 276 25.07 -28.40 18.28
CA ARG A 276 23.94 -28.69 17.41
C ARG A 276 24.43 -29.33 16.10
N MSE A 277 25.56 -28.83 15.61
CA MSE A 277 26.10 -29.25 14.32
C MSE A 277 26.82 -30.60 14.41
O MSE A 277 26.94 -31.30 13.40
CB MSE A 277 27.05 -28.18 13.78
CG MSE A 277 26.56 -26.76 13.98
SE MSE A 277 27.79 -25.44 13.28
CE MSE A 277 27.87 -26.08 11.44
N LYS A 278 27.28 -30.94 15.60
CA LYS A 278 27.98 -32.21 15.81
C LYS A 278 27.03 -33.39 15.70
N ALA A 279 25.77 -33.16 16.04
CA ALA A 279 24.75 -34.21 16.00
C ALA A 279 24.19 -34.39 14.60
N TRP A 280 24.66 -33.58 13.66
CA TRP A 280 24.22 -33.67 12.28
C TRP A 280 24.80 -34.91 11.59
N SER A 281 23.94 -35.73 11.00
CA SER A 281 24.39 -36.94 10.34
C SER A 281 24.96 -36.64 8.97
N LEU A 282 26.07 -37.27 8.64
CA LEU A 282 26.77 -37.05 7.38
C LEU A 282 25.91 -37.43 6.17
N GLU A 283 25.10 -38.46 6.33
CA GLU A 283 24.26 -38.93 5.23
C GLU A 283 23.23 -37.87 4.86
N ASP A 284 22.66 -37.21 5.86
CA ASP A 284 21.73 -36.12 5.62
C ASP A 284 22.42 -34.96 4.91
N VAL A 285 23.65 -34.66 5.33
CA VAL A 285 24.44 -33.62 4.71
C VAL A 285 24.68 -33.93 3.23
N GLU A 286 25.06 -35.18 2.95
CA GLU A 286 25.32 -35.61 1.59
C GLU A 286 24.02 -35.67 0.77
N LYS A 287 22.95 -36.15 1.38
CA LYS A 287 21.65 -36.21 0.70
C LYS A 287 21.16 -34.82 0.33
N THR A 288 21.37 -33.86 1.23
CA THR A 288 20.98 -32.47 0.99
C THR A 288 21.70 -31.89 -0.21
N LEU A 289 23.02 -32.04 -0.22
CA LEU A 289 23.85 -31.51 -1.30
C LEU A 289 23.57 -32.20 -2.63
N ASP A 290 23.35 -33.51 -2.57
CA ASP A 290 23.08 -34.29 -3.78
C ASP A 290 21.76 -33.88 -4.43
N PHE A 291 20.75 -33.64 -3.60
CA PHE A 291 19.45 -33.19 -4.11
C PHE A 291 19.60 -31.78 -4.67
N ALA A 292 20.34 -30.94 -3.97
CA ALA A 292 20.59 -29.58 -4.41
C ALA A 292 21.31 -29.57 -5.75
N GLU A 293 22.33 -30.41 -5.89
CA GLU A 293 23.08 -30.50 -7.14
C GLU A 293 22.22 -31.00 -8.28
N ARG A 294 21.36 -31.99 -7.98
CA ARG A 294 20.42 -32.50 -8.96
C ARG A 294 19.45 -31.41 -9.38
N THR A 295 18.93 -30.69 -8.39
CA THR A 295 18.01 -29.58 -8.63
C THR A 295 18.65 -28.48 -9.46
N LEU A 296 19.94 -28.27 -9.28
CA LEU A 296 20.65 -27.26 -10.04
C LEU A 296 20.74 -27.67 -11.51
N ASN A 297 20.92 -28.97 -11.74
CA ASN A 297 21.07 -29.47 -13.10
C ASN A 297 19.79 -29.39 -13.92
N ARG A 298 18.63 -29.58 -13.29
CA ARG A 298 17.37 -29.45 -14.01
C ARG A 298 17.07 -27.99 -14.30
N LEU A 299 17.41 -27.11 -13.36
CA LEU A 299 17.26 -25.68 -13.57
C LEU A 299 18.09 -25.19 -14.75
N ARG A 300 19.27 -25.79 -14.93
CA ARG A 300 20.11 -25.50 -16.09
C ARG A 300 19.38 -25.88 -17.37
N LYS A 301 18.79 -27.07 -17.37
CA LYS A 301 18.05 -27.59 -18.51
C LYS A 301 16.85 -26.71 -18.85
N ARG A 302 16.00 -26.46 -17.86
CA ARG A 302 14.74 -25.77 -18.08
C ARG A 302 14.92 -24.29 -18.42
N LEU A 303 15.90 -23.64 -17.78
CA LEU A 303 16.17 -22.23 -18.04
C LEU A 303 17.05 -22.04 -19.25
N ASN A 304 17.42 -23.15 -19.88
CA ASN A 304 18.30 -23.17 -21.05
C ASN A 304 19.56 -22.32 -20.82
N LEU A 305 20.16 -22.48 -19.65
CA LEU A 305 21.35 -21.72 -19.29
C LEU A 305 22.51 -22.10 -20.21
N PRO A 306 23.39 -21.12 -20.50
CA PRO A 306 24.55 -21.35 -21.36
C PRO A 306 25.47 -22.44 -20.81
N SER A 307 26.22 -23.09 -21.70
CA SER A 307 27.08 -24.20 -21.31
C SER A 307 28.30 -23.72 -20.51
N GLU A 308 28.64 -22.45 -20.68
CA GLU A 308 29.77 -21.86 -19.94
C GLU A 308 29.46 -21.82 -18.45
N ILE A 309 28.17 -21.76 -18.12
CA ILE A 309 27.73 -21.85 -16.74
C ILE A 309 28.02 -23.24 -16.19
N SER A 310 28.72 -23.31 -15.06
CA SER A 310 29.11 -24.60 -14.49
C SER A 310 28.60 -24.79 -13.08
N ILE A 311 28.45 -26.04 -12.67
CA ILE A 311 28.00 -26.39 -11.34
C ILE A 311 29.15 -26.96 -10.51
N ILE A 312 29.47 -26.30 -9.41
CA ILE A 312 30.59 -26.71 -8.56
C ILE A 312 30.11 -27.42 -7.31
N ARG A 313 30.66 -28.61 -7.06
CA ARG A 313 30.32 -29.39 -5.86
C ARG A 313 31.51 -29.51 -4.93
N LYS A 314 31.30 -29.18 -3.66
CA LYS A 314 32.33 -29.31 -2.65
C LYS A 314 31.85 -30.24 -1.53
N VAL A 315 32.67 -30.40 -0.50
CA VAL A 315 32.37 -31.32 0.60
C VAL A 315 31.12 -30.89 1.37
N ARG A 316 30.95 -29.58 1.56
CA ARG A 316 29.81 -29.07 2.31
C ARG A 316 29.05 -28.00 1.54
N ALA A 317 29.25 -27.96 0.23
CA ALA A 317 28.61 -26.92 -0.58
C ALA A 317 28.47 -27.33 -2.04
N VAL A 318 27.40 -26.84 -2.67
CA VAL A 318 27.22 -26.98 -4.11
C VAL A 318 26.72 -25.64 -4.65
N GLY A 319 27.14 -25.27 -5.85
CA GLY A 319 26.76 -23.99 -6.40
C GLY A 319 26.83 -23.84 -7.90
N ILE A 320 26.20 -22.78 -8.40
CA ILE A 320 26.25 -22.42 -9.81
C ILE A 320 27.07 -21.13 -9.98
N VAL A 321 28.06 -21.17 -10.86
CA VAL A 321 28.95 -20.03 -11.06
C VAL A 321 28.91 -19.54 -12.51
N PRO A 322 29.13 -18.23 -12.71
CA PRO A 322 29.12 -17.65 -14.06
C PRO A 322 30.27 -18.16 -14.92
N GLY A 323 30.04 -18.22 -16.23
CA GLY A 323 31.05 -18.72 -17.15
C GLY A 323 31.73 -17.63 -17.95
N GLU A 324 32.44 -18.03 -19.00
CA GLU A 324 33.23 -17.08 -19.78
C GLU A 324 33.51 -17.69 -21.17
N PRO A 335 31.90 -12.31 -21.65
CA PRO A 335 31.53 -12.86 -20.35
C PRO A 335 30.14 -13.48 -20.38
N VAL A 336 29.98 -14.66 -19.80
CA VAL A 336 28.67 -15.31 -19.73
C VAL A 336 28.18 -15.32 -18.29
N LYS A 337 27.11 -14.58 -18.02
CA LYS A 337 26.59 -14.49 -16.65
C LYS A 337 25.12 -14.89 -16.56
N LEU A 338 24.57 -14.81 -15.35
CA LEU A 338 23.17 -15.16 -15.11
C LEU A 338 22.36 -13.93 -14.71
N ASP A 339 21.14 -13.85 -15.23
CA ASP A 339 20.23 -12.78 -14.86
C ASP A 339 19.85 -12.90 -13.38
N ARG A 340 19.54 -11.77 -12.75
CA ARG A 340 19.13 -11.78 -11.36
C ARG A 340 17.81 -12.52 -11.17
N GLU A 341 16.96 -12.49 -12.20
CA GLU A 341 15.72 -13.24 -12.19
C GLU A 341 16.01 -14.74 -12.15
N GLN A 342 17.04 -15.15 -12.88
CA GLN A 342 17.45 -16.55 -12.93
C GLN A 342 18.06 -16.98 -11.60
N LEU A 343 18.92 -16.12 -11.05
CA LEU A 343 19.57 -16.40 -9.77
C LEU A 343 18.53 -16.49 -8.65
N GLU A 344 17.56 -15.58 -8.68
CA GLU A 344 16.47 -15.60 -7.71
C GLU A 344 15.63 -16.86 -7.85
N GLU A 345 15.37 -17.24 -9.11
CA GLU A 345 14.62 -18.46 -9.40
C GLU A 345 15.31 -19.68 -8.81
N ILE A 346 16.63 -19.71 -8.93
CA ILE A 346 17.44 -20.82 -8.43
C ILE A 346 17.39 -20.91 -6.90
N VAL A 347 17.62 -19.79 -6.22
CA VAL A 347 17.62 -19.75 -4.77
C VAL A 347 16.25 -20.09 -4.18
N LEU A 348 15.20 -19.48 -4.74
CA LEU A 348 13.84 -19.73 -4.28
C LEU A 348 13.44 -21.18 -4.48
N THR A 349 13.82 -21.75 -5.63
CA THR A 349 13.53 -23.15 -5.91
C THR A 349 14.24 -24.06 -4.93
N LEU A 350 15.53 -23.82 -4.72
CA LEU A 350 16.32 -24.61 -3.79
C LEU A 350 15.76 -24.57 -2.37
N GLN A 351 15.46 -23.37 -1.89
CA GLN A 351 14.93 -23.19 -0.54
C GLN A 351 13.61 -23.94 -0.36
N ASN A 352 12.69 -23.72 -1.29
CA ASN A 352 11.40 -24.40 -1.27
C ASN A 352 11.55 -25.91 -1.39
N THR A 353 12.43 -26.34 -2.29
CA THR A 353 12.68 -27.76 -2.53
C THR A 353 13.29 -28.45 -1.31
N LEU A 354 14.35 -27.86 -0.77
CA LEU A 354 15.08 -28.49 0.32
C LEU A 354 14.33 -28.42 1.65
N GLU A 355 13.52 -27.37 1.83
CA GLU A 355 12.75 -27.23 3.07
C GLU A 355 11.60 -28.24 3.13
N SER A 356 11.42 -28.97 2.04
CA SER A 356 10.46 -30.07 2.00
C SER A 356 11.17 -31.41 1.86
N PHE A 357 12.46 -31.42 2.19
CA PHE A 357 13.28 -32.62 2.13
C PHE A 357 13.71 -33.01 3.53
N ALA A 358 13.23 -34.16 4.01
CA ALA A 358 13.42 -34.59 5.40
C ALA A 358 14.86 -34.54 5.92
N PRO A 359 15.86 -34.99 5.11
CA PRO A 359 17.22 -34.84 5.62
C PRO A 359 17.64 -33.38 5.81
N SER A 360 17.19 -32.50 4.93
CA SER A 360 17.61 -31.10 4.96
C SER A 360 17.04 -30.34 6.15
N ARG A 361 15.93 -30.80 6.71
CA ARG A 361 15.32 -30.14 7.86
C ARG A 361 15.76 -30.77 9.18
N ARG A 362 16.40 -31.94 9.10
CA ARG A 362 17.11 -32.49 10.25
C ARG A 362 18.46 -31.78 10.32
N ILE A 363 18.68 -30.95 9.31
CA ILE A 363 19.91 -30.21 9.10
C ILE A 363 19.53 -28.72 9.04
N GLN A 364 20.51 -27.83 9.09
CA GLN A 364 20.31 -26.44 8.73
C GLN A 364 20.94 -26.20 7.36
N PHE A 365 20.42 -25.27 6.57
CA PHE A 365 21.07 -24.98 5.29
C PHE A 365 20.88 -23.53 4.86
N SER A 366 21.71 -23.07 3.92
CA SER A 366 21.65 -21.68 3.48
C SER A 366 21.91 -21.52 1.99
N CYS A 367 21.25 -20.53 1.39
CA CYS A 367 21.43 -20.20 -0.03
C CYS A 367 21.80 -18.73 -0.20
N PHE A 368 22.62 -18.44 -1.21
CA PHE A 368 23.15 -17.09 -1.40
C PHE A 368 23.26 -16.71 -2.87
N ASP A 369 22.57 -15.65 -3.28
CA ASP A 369 22.63 -15.18 -4.66
C ASP A 369 23.09 -13.73 -4.77
N GLY A 370 24.04 -13.33 -3.93
CA GLY A 370 24.54 -11.97 -3.93
C GLY A 370 25.10 -11.52 -5.26
N GLY A 371 26.23 -12.10 -5.67
CA GLY A 371 26.83 -11.78 -6.95
C GLY A 371 26.07 -12.44 -8.09
N SER A 372 26.79 -12.87 -9.12
CA SER A 372 26.16 -13.62 -10.19
C SER A 372 26.37 -15.11 -9.93
N ASP A 373 26.42 -15.46 -8.65
CA ASP A 373 26.62 -16.84 -8.22
C ASP A 373 25.55 -17.26 -7.23
N VAL A 374 25.23 -18.55 -7.21
CA VAL A 374 24.34 -19.10 -6.21
C VAL A 374 25.01 -20.26 -5.49
N TRP A 375 25.13 -20.15 -4.18
CA TRP A 375 25.75 -21.19 -3.38
C TRP A 375 24.78 -21.80 -2.37
N CYS A 376 24.73 -23.12 -2.32
CA CYS A 376 23.97 -23.82 -1.31
C CYS A 376 24.93 -24.43 -0.29
N ASP A 377 24.95 -23.86 0.91
CA ASP A 377 25.89 -24.29 1.94
C ASP A 377 25.18 -24.94 3.13
N ILE A 378 25.89 -25.82 3.82
CA ILE A 378 25.34 -26.53 4.96
C ILE A 378 25.15 -25.59 6.16
N GLY A 379 26.10 -24.68 6.34
CA GLY A 379 26.05 -23.78 7.48
C GLY A 379 25.03 -22.67 7.39
N GLY A 380 25.17 -21.69 8.28
CA GLY A 380 24.36 -20.49 8.28
C GLY A 380 25.20 -19.34 8.79
N LYS A 381 24.85 -18.11 8.45
CA LYS A 381 25.64 -16.96 8.87
C LYS A 381 25.62 -16.78 10.38
N ASP A 382 24.46 -17.03 10.99
CA ASP A 382 24.37 -16.96 12.44
C ASP A 382 25.25 -18.03 13.07
N LEU A 383 25.24 -19.23 12.50
CA LEU A 383 26.05 -20.34 13.01
C LEU A 383 27.54 -20.06 12.89
N GLY A 384 27.94 -19.42 11.79
CA GLY A 384 29.33 -19.08 11.57
C GLY A 384 29.85 -18.11 12.60
N VAL A 385 29.08 -17.05 12.85
CA VAL A 385 29.43 -16.07 13.86
C VAL A 385 29.45 -16.72 15.24
N ARG A 386 28.45 -17.54 15.54
CA ARG A 386 28.38 -18.23 16.82
C ARG A 386 29.54 -19.23 17.00
N SER A 387 29.96 -19.85 15.91
CA SER A 387 31.08 -20.78 15.96
C SER A 387 32.37 -20.04 16.29
N LEU A 388 32.59 -18.90 15.64
CA LEU A 388 33.78 -18.09 15.87
C LEU A 388 33.83 -17.56 17.30
N GLN A 389 32.67 -17.20 17.84
CA GLN A 389 32.57 -16.72 19.21
C GLN A 389 33.08 -17.76 20.21
N GLN A 390 32.85 -19.03 19.89
CA GLN A 390 33.31 -20.12 20.74
C GLN A 390 34.78 -20.46 20.49
N PHE A 391 35.18 -20.44 19.21
CA PHE A 391 36.53 -20.81 18.82
C PHE A 391 37.61 -19.97 19.50
N TYR A 392 37.41 -18.66 19.53
CA TYR A 392 38.42 -17.75 20.08
C TYR A 392 38.61 -17.93 21.59
N ASN A 393 37.51 -18.18 22.29
CA ASN A 393 37.57 -18.45 23.73
C ASN A 393 36.51 -19.48 24.12
N PRO A 394 36.85 -20.78 24.04
CA PRO A 394 35.94 -21.87 24.40
C PRO A 394 35.48 -21.84 25.84
N GLU A 395 36.35 -21.35 26.73
CA GLU A 395 36.03 -21.27 28.15
C GLU A 395 34.97 -20.20 28.42
N SER A 396 35.21 -19.00 27.90
CA SER A 396 34.25 -17.91 27.96
C SER A 396 33.96 -17.41 26.56
N PRO A 397 33.01 -18.04 25.86
CA PRO A 397 32.63 -17.69 24.48
C PRO A 397 32.32 -16.20 24.34
N ILE A 398 32.77 -15.61 23.23
CA ILE A 398 32.54 -14.20 22.98
C ILE A 398 31.05 -13.90 22.91
N GLN A 399 30.58 -13.05 23.83
CA GLN A 399 29.19 -12.67 23.88
C GLN A 399 28.78 -11.90 22.63
N PRO A 400 27.50 -12.03 22.23
CA PRO A 400 26.95 -11.27 21.11
C PRO A 400 27.11 -9.76 21.31
N SER A 401 27.08 -9.33 22.56
CA SER A 401 27.24 -7.91 22.90
C SER A 401 28.68 -7.44 22.67
N GLU A 402 29.58 -8.39 22.44
CA GLU A 402 30.97 -8.08 22.15
C GLU A 402 31.31 -8.48 20.71
N THR A 403 30.28 -8.55 19.88
CA THR A 403 30.43 -9.00 18.50
C THR A 403 29.81 -8.01 17.52
N LEU A 404 30.57 -7.61 16.51
CA LEU A 404 30.07 -6.68 15.50
C LEU A 404 30.28 -7.22 14.09
N HIS A 405 29.18 -7.46 13.39
CA HIS A 405 29.25 -7.94 12.01
C HIS A 405 29.03 -6.80 11.01
N VAL A 406 30.11 -6.38 10.36
CA VAL A 406 30.03 -5.36 9.32
C VAL A 406 29.63 -6.02 8.00
N GLY A 407 28.36 -5.89 7.64
CA GLY A 407 27.83 -6.62 6.50
C GLY A 407 27.20 -5.80 5.40
N ASP A 408 27.25 -6.32 4.18
CA ASP A 408 26.71 -5.64 3.00
C ASP A 408 25.62 -6.48 2.33
N GLN A 409 25.12 -7.49 3.03
CA GLN A 409 24.15 -8.40 2.44
C GLN A 409 22.81 -8.36 3.16
N PHE A 410 22.40 -7.16 3.57
CA PHE A 410 21.07 -6.95 4.10
C PHE A 410 20.09 -6.78 2.94
N ALA A 411 19.87 -7.86 2.21
CA ALA A 411 19.12 -7.84 0.97
C ALA A 411 18.47 -9.20 0.73
N PRO A 412 17.57 -9.31 -0.27
CA PRO A 412 17.06 -10.65 -0.56
C PRO A 412 18.08 -11.53 -1.27
N VAL A 413 19.19 -11.81 -0.60
CA VAL A 413 20.25 -12.65 -1.17
C VAL A 413 20.15 -14.08 -0.62
N GLY A 414 18.93 -14.49 -0.28
CA GLY A 414 18.70 -15.84 0.21
C GLY A 414 18.75 -15.92 1.72
N SER A 415 18.78 -17.15 2.23
CA SER A 415 18.81 -17.38 3.68
C SER A 415 20.18 -17.06 4.28
N ALA A 416 21.10 -16.62 3.43
CA ALA A 416 22.43 -16.23 3.89
C ALA A 416 22.53 -14.72 4.06
N ASN A 417 21.38 -14.06 4.21
CA ASN A 417 21.34 -12.62 4.39
C ASN A 417 21.91 -12.22 5.76
N ASP A 418 22.30 -10.95 5.88
CA ASP A 418 22.93 -10.47 7.11
C ASP A 418 21.92 -10.23 8.23
N PHE A 419 20.64 -10.34 7.92
CA PHE A 419 19.61 -10.27 8.96
C PHE A 419 19.72 -11.48 9.86
N LYS A 420 20.29 -12.55 9.32
CA LYS A 420 20.57 -13.76 10.09
C LYS A 420 21.70 -13.51 11.08
N ALA A 421 22.63 -12.63 10.72
CA ALA A 421 23.76 -12.30 11.57
C ALA A 421 23.30 -11.51 12.80
N ARG A 422 22.13 -10.90 12.71
CA ARG A 422 21.57 -10.16 13.84
C ARG A 422 21.13 -11.12 14.95
N LEU A 423 21.06 -12.40 14.63
CA LEU A 423 20.73 -13.41 15.62
C LEU A 423 21.91 -13.70 16.54
N ALA A 424 23.12 -13.49 16.01
CA ALA A 424 24.33 -13.88 16.73
C ALA A 424 25.05 -12.70 17.39
N GLY A 425 24.68 -11.48 17.02
CA GLY A 425 25.31 -10.31 17.62
C GLY A 425 24.97 -8.98 16.98
N CYS A 426 25.68 -7.94 17.39
CA CYS A 426 25.49 -6.60 16.83
C CYS A 426 25.96 -6.57 15.38
N THR A 427 25.40 -5.66 14.59
CA THR A 427 25.75 -5.60 13.18
C THR A 427 25.94 -4.18 12.67
N LEU A 428 26.54 -4.07 11.49
CA LEU A 428 26.75 -2.79 10.83
C LEU A 428 26.29 -2.91 9.37
N TRP A 429 25.35 -2.07 8.98
CA TRP A 429 24.83 -2.08 7.61
C TRP A 429 25.59 -1.08 6.76
N ILE A 430 26.50 -1.58 5.94
CA ILE A 430 27.34 -0.72 5.10
C ILE A 430 26.98 -0.86 3.63
N ALA A 431 27.02 0.26 2.91
CA ALA A 431 26.68 0.29 1.50
C ALA A 431 27.90 0.53 0.62
N SER A 432 28.93 1.15 1.20
CA SER A 432 30.13 1.47 0.46
C SER A 432 31.39 1.05 1.22
N PRO A 433 32.48 0.77 0.49
CA PRO A 433 33.77 0.50 1.14
C PRO A 433 34.21 1.68 1.99
N GLN A 434 33.87 2.88 1.54
CA GLN A 434 34.17 4.10 2.28
C GLN A 434 33.42 4.13 3.60
N GLU A 435 32.17 3.66 3.57
CA GLU A 435 31.35 3.57 4.78
C GLU A 435 32.02 2.67 5.81
N THR A 436 32.47 1.51 5.37
CA THR A 436 33.18 0.58 6.23
C THR A 436 34.42 1.23 6.83
N VAL A 437 35.22 1.85 5.97
CA VAL A 437 36.43 2.56 6.39
C VAL A 437 36.09 3.68 7.36
N ASN A 438 35.07 4.47 7.02
CA ASN A 438 34.64 5.57 7.88
C ASN A 438 34.23 5.07 9.26
N TYR A 439 33.36 4.07 9.29
CA TYR A 439 32.89 3.50 10.55
C TYR A 439 34.03 2.90 11.37
N LEU A 440 34.98 2.28 10.70
CA LEU A 440 36.12 1.67 11.38
C LEU A 440 37.08 2.72 11.92
N HIS A 441 37.19 3.85 11.21
CA HIS A 441 38.03 4.95 11.65
C HIS A 441 37.52 5.54 12.95
N ARG A 442 36.22 5.83 13.00
CA ARG A 442 35.61 6.38 14.20
C ARG A 442 35.77 5.43 15.38
N LEU A 443 35.61 4.14 15.12
CA LEU A 443 35.74 3.11 16.14
C LEU A 443 37.15 3.09 16.72
N LEU A 444 38.14 3.17 15.85
CA LEU A 444 39.54 3.12 16.26
C LEU A 444 40.19 4.50 16.20
N GLU A 445 39.70 5.41 17.03
CA GLU A 445 40.26 6.76 17.11
C GLU A 445 40.37 7.22 18.56
N THR A 446 41.29 8.15 18.82
CA THR A 446 41.45 8.72 20.15
C THR A 446 40.63 10.00 20.28
N GLU B 5 5.68 19.31 -4.68
CA GLU B 5 5.34 18.66 -3.42
C GLU B 5 6.60 18.11 -2.76
N TYR B 6 6.54 17.92 -1.44
CA TYR B 6 7.68 17.45 -0.65
C TYR B 6 7.87 15.96 -0.85
N HIS B 7 9.06 15.45 -0.58
CA HIS B 7 9.20 14.01 -0.72
C HIS B 7 9.73 13.27 0.50
N LEU B 8 8.81 12.38 0.89
CA LEU B 8 8.86 11.43 1.99
C LEU B 8 9.54 10.13 1.56
N LYS B 9 9.03 9.54 0.48
CA LYS B 9 9.50 8.25 -0.02
C LYS B 9 9.73 8.26 -1.52
N SER B 10 10.27 7.16 -2.04
CA SER B 10 10.49 7.03 -3.47
C SER B 10 9.24 6.50 -4.16
N LYS B 13 7.79 4.59 -10.40
CA LYS B 13 8.50 4.31 -11.65
C LYS B 13 7.60 4.55 -12.86
N ASP B 14 7.48 3.54 -13.71
CA ASP B 14 6.64 3.63 -14.90
C ASP B 14 5.38 2.79 -14.72
N GLU B 15 4.22 3.46 -14.74
CA GLU B 15 2.95 2.80 -14.46
C GLU B 15 2.57 1.78 -15.54
N PHE B 16 2.89 2.09 -16.79
CA PHE B 16 2.55 1.20 -17.90
C PHE B 16 3.24 -0.15 -17.76
N ILE B 17 4.51 -0.13 -17.39
CA ILE B 17 5.27 -1.37 -17.19
C ILE B 17 4.71 -2.16 -16.01
N ASP B 18 4.39 -1.46 -14.93
CA ASP B 18 3.79 -2.10 -13.76
C ASP B 18 2.42 -2.67 -14.10
N TRP B 19 1.71 -1.99 -14.99
CA TRP B 19 0.39 -2.42 -15.43
C TRP B 19 0.48 -3.73 -16.21
N VAL B 20 1.48 -3.84 -17.07
CA VAL B 20 1.71 -5.05 -17.84
C VAL B 20 2.18 -6.18 -16.93
N LYS B 21 2.98 -5.82 -15.93
CA LYS B 21 3.50 -6.80 -14.98
C LYS B 21 2.37 -7.46 -14.19
N GLY B 22 1.40 -6.65 -13.78
CA GLY B 22 0.26 -7.15 -13.05
C GLY B 22 -0.59 -8.06 -13.92
N LEU B 23 -0.65 -7.76 -15.21
CA LEU B 23 -1.39 -8.59 -16.16
C LEU B 23 -0.72 -9.95 -16.35
N LEU B 24 0.60 -9.94 -16.50
CA LEU B 24 1.36 -11.16 -16.71
C LEU B 24 1.46 -11.99 -15.44
N ALA B 25 1.25 -11.34 -14.30
CA ALA B 25 1.36 -12.01 -13.01
C ALA B 25 0.27 -13.05 -12.80
N SER B 26 -0.91 -12.80 -13.37
CA SER B 26 -2.05 -13.70 -13.19
C SER B 26 -1.83 -15.08 -13.84
N PRO B 27 -1.36 -15.13 -15.10
CA PRO B 27 -1.07 -16.47 -15.63
C PRO B 27 0.08 -17.15 -14.89
N PHE B 28 1.02 -16.35 -14.40
CA PHE B 28 2.21 -16.85 -13.72
C PHE B 28 1.84 -17.67 -12.47
N VAL B 29 0.97 -17.11 -11.63
CA VAL B 29 0.59 -17.79 -10.40
C VAL B 29 -0.18 -19.07 -10.67
N LEU B 30 -1.09 -19.02 -11.65
CA LEU B 30 -1.98 -20.15 -11.91
C LEU B 30 -1.34 -21.27 -12.72
N HIS B 31 -0.52 -20.90 -13.71
CA HIS B 31 0.00 -21.90 -14.64
C HIS B 31 1.48 -22.20 -14.44
N ALA B 32 2.21 -21.32 -13.75
CA ALA B 32 3.64 -21.52 -13.56
C ALA B 32 4.00 -21.91 -12.13
N VAL B 33 3.70 -21.03 -11.17
CA VAL B 33 4.02 -21.28 -9.76
C VAL B 33 3.39 -22.59 -9.28
N SER B 34 2.20 -22.86 -9.78
CA SER B 34 1.48 -24.08 -9.46
C SER B 34 2.22 -25.32 -9.95
N HIS B 35 2.99 -25.17 -11.03
CA HIS B 35 3.64 -26.32 -11.66
C HIS B 35 5.10 -26.52 -11.23
N GLU B 36 5.46 -25.94 -10.09
CA GLU B 36 6.78 -26.22 -9.53
C GLU B 36 6.75 -27.57 -8.81
N GLY B 37 7.82 -28.34 -8.97
CA GLY B 37 7.87 -29.69 -8.45
C GLY B 37 7.51 -30.66 -9.56
N ASP B 38 6.90 -30.12 -10.62
CA ASP B 38 6.54 -30.89 -11.79
C ASP B 38 7.62 -30.76 -12.86
N TYR B 39 8.73 -31.48 -12.68
CA TYR B 39 9.85 -31.37 -13.60
C TYR B 39 9.58 -32.11 -14.90
N ASN B 40 8.78 -33.18 -14.81
CA ASN B 40 8.11 -33.69 -16.01
C ASN B 40 7.08 -32.65 -16.44
N ASP B 41 6.68 -32.70 -17.72
CA ASP B 41 5.67 -31.81 -18.28
C ASP B 41 6.10 -30.34 -18.35
N ASP B 42 7.37 -30.06 -18.06
CA ASP B 42 7.83 -28.66 -17.98
C ASP B 42 7.88 -27.95 -19.33
N LEU B 43 8.23 -28.67 -20.39
CA LEU B 43 8.20 -28.10 -21.74
C LEU B 43 6.77 -27.65 -22.07
N ALA B 44 5.83 -28.55 -21.83
CA ALA B 44 4.41 -28.28 -22.07
C ALA B 44 3.93 -27.08 -21.26
N THR B 45 4.31 -27.04 -19.99
CA THR B 45 3.96 -25.93 -19.11
C THR B 45 4.55 -24.62 -19.62
N THR B 46 5.83 -24.67 -19.98
CA THR B 46 6.52 -23.49 -20.51
C THR B 46 5.84 -22.99 -21.78
N GLN B 47 5.48 -23.92 -22.66
CA GLN B 47 4.84 -23.58 -23.93
C GLN B 47 3.51 -22.86 -23.73
N ARG B 48 2.71 -23.35 -22.79
CA ARG B 48 1.41 -22.74 -22.53
C ARG B 48 1.59 -21.38 -21.89
N VAL B 49 2.44 -21.32 -20.86
CA VAL B 49 2.75 -20.08 -20.17
C VAL B 49 3.23 -19.01 -21.17
N ARG B 50 4.09 -19.42 -22.09
CA ARG B 50 4.57 -18.53 -23.15
C ARG B 50 3.41 -18.01 -23.99
N SER B 51 2.47 -18.90 -24.32
CA SER B 51 1.32 -18.54 -25.13
C SER B 51 0.41 -17.54 -24.42
N GLN B 52 0.24 -17.73 -23.11
CA GLN B 52 -0.57 -16.82 -22.31
C GLN B 52 0.02 -15.42 -22.31
N TYR B 53 1.33 -15.34 -22.08
CA TYR B 53 2.04 -14.06 -22.06
C TYR B 53 1.94 -13.36 -23.40
N ALA B 54 2.18 -14.10 -24.48
CA ALA B 54 2.18 -13.54 -25.83
C ALA B 54 0.85 -12.89 -26.18
N ASP B 55 -0.24 -13.56 -25.81
CA ASP B 55 -1.58 -13.05 -26.10
C ASP B 55 -1.86 -11.75 -25.37
N ILE B 56 -1.35 -11.63 -24.14
CA ILE B 56 -1.49 -10.40 -23.38
C ILE B 56 -0.81 -9.26 -24.12
N PHE B 57 0.39 -9.52 -24.62
CA PHE B 57 1.15 -8.52 -25.36
C PHE B 57 0.45 -8.13 -26.66
N LYS B 58 -0.14 -9.11 -27.33
CA LYS B 58 -0.87 -8.85 -28.58
C LYS B 58 -2.10 -8.00 -28.29
N ASP B 59 -2.74 -8.24 -27.15
CA ASP B 59 -3.87 -7.44 -26.72
C ASP B 59 -3.42 -5.99 -26.48
N ILE B 60 -2.29 -5.83 -25.80
CA ILE B 60 -1.76 -4.51 -25.49
C ILE B 60 -1.28 -3.83 -26.77
N GLU B 61 -0.79 -4.61 -27.72
CA GLU B 61 -0.45 -4.10 -29.05
C GLU B 61 -1.66 -3.42 -29.67
N GLY B 62 -2.80 -4.12 -29.62
CA GLY B 62 -4.04 -3.60 -30.14
C GLY B 62 -4.47 -2.31 -29.47
N LEU B 63 -4.33 -2.28 -28.15
CA LEU B 63 -4.68 -1.09 -27.37
C LEU B 63 -3.85 0.11 -27.79
N ILE B 64 -2.58 -0.13 -28.09
CA ILE B 64 -1.68 0.93 -28.53
C ILE B 64 -2.12 1.48 -29.88
N LYS B 65 -2.43 0.59 -30.82
CA LYS B 65 -2.88 1.01 -32.14
C LYS B 65 -4.17 1.83 -32.05
N ASP B 66 -5.02 1.49 -31.09
CA ASP B 66 -6.28 2.21 -30.92
C ASP B 66 -6.02 3.60 -30.38
N LYS B 67 -5.14 3.68 -29.39
CA LYS B 67 -4.76 4.95 -28.78
C LYS B 67 -4.13 5.89 -29.80
N ILE B 68 -3.25 5.35 -30.63
CA ILE B 68 -2.57 6.13 -31.66
C ILE B 68 -3.58 6.78 -32.61
N GLU B 69 -4.59 6.02 -33.01
CA GLU B 69 -5.62 6.53 -33.91
C GLU B 69 -6.56 7.50 -33.20
N PHE B 70 -6.89 7.22 -31.94
CA PHE B 70 -7.65 8.18 -31.14
C PHE B 70 -6.82 9.44 -30.98
N ASP B 71 -5.52 9.25 -30.79
CA ASP B 71 -4.62 10.38 -30.58
C ASP B 71 -4.36 11.16 -31.87
N SER B 72 -5.09 10.83 -32.92
CA SER B 72 -5.01 11.65 -34.12
C SER B 72 -6.06 12.76 -34.08
N ARG B 73 -7.00 12.65 -33.14
CA ARG B 73 -8.06 13.63 -32.94
C ARG B 73 -7.53 15.02 -32.66
N ASN B 74 -6.87 15.19 -31.52
CA ASN B 74 -6.09 16.39 -31.30
C ASN B 74 -4.65 15.93 -31.34
N MSE B 75 -3.70 16.85 -31.23
CA MSE B 75 -2.23 16.69 -31.08
C MSE B 75 -1.45 17.93 -31.51
O MSE B 75 -1.57 18.42 -32.64
CB MSE B 75 -1.66 15.45 -31.82
CG MSE B 75 -1.72 14.14 -30.97
SE MSE B 75 -1.71 14.39 -29.04
CE MSE B 75 -3.30 13.32 -28.58
N SER B 76 -0.58 18.39 -30.61
CA SER B 76 0.08 19.72 -30.61
C SER B 76 1.11 19.92 -31.72
N LEU B 92 -14.30 15.09 -26.68
CA LEU B 92 -12.92 14.85 -26.26
C LEU B 92 -12.74 13.40 -25.82
N GLY B 93 -12.57 13.19 -24.52
CA GLY B 93 -12.41 11.86 -23.97
C GLY B 93 -10.96 11.40 -23.97
N GLN B 94 -10.76 10.09 -23.90
CA GLN B 94 -9.42 9.54 -23.85
C GLN B 94 -9.40 8.11 -24.39
N SER B 95 -8.21 7.62 -24.72
CA SER B 95 -8.06 6.22 -25.11
C SER B 95 -8.37 5.34 -23.92
N ARG B 96 -8.76 4.09 -24.19
CA ARG B 96 -9.05 3.15 -23.12
C ARG B 96 -7.80 2.87 -22.30
N LEU B 97 -6.65 2.94 -22.97
CA LEU B 97 -5.37 2.77 -22.32
C LEU B 97 -5.15 3.88 -21.29
N ASN B 98 -5.51 5.11 -21.68
CA ASN B 98 -5.39 6.26 -20.78
C ASN B 98 -6.30 6.15 -19.57
N LEU B 99 -7.42 5.44 -19.73
CA LEU B 99 -8.32 5.21 -18.60
C LEU B 99 -7.68 4.19 -17.65
N LEU B 100 -7.18 3.10 -18.22
CA LEU B 100 -6.53 2.04 -17.44
C LEU B 100 -5.25 2.54 -16.80
N VAL B 101 -4.35 3.10 -17.62
CA VAL B 101 -3.14 3.72 -17.11
C VAL B 101 -3.11 5.20 -17.49
N PRO B 102 -3.44 6.07 -16.53
CA PRO B 102 -3.58 7.53 -16.72
C PRO B 102 -2.28 8.25 -17.02
N SER B 103 -1.18 7.83 -16.39
CA SER B 103 0.10 8.52 -16.54
C SER B 103 0.88 8.01 -17.75
N ILE B 104 0.19 7.32 -18.65
CA ILE B 104 0.85 6.75 -19.83
C ILE B 104 1.27 7.87 -20.79
N GLY B 105 2.42 7.68 -21.42
CA GLY B 105 2.94 8.67 -22.35
C GLY B 105 2.31 8.53 -23.73
N THR B 106 2.95 9.12 -24.72
CA THR B 106 2.43 9.05 -26.09
C THR B 106 3.25 8.07 -26.94
N PHE B 107 2.56 7.18 -27.63
CA PHE B 107 3.19 6.24 -28.54
C PHE B 107 3.16 6.80 -29.96
N PHE B 108 4.30 7.29 -30.44
CA PHE B 108 4.38 7.84 -31.78
C PHE B 108 4.52 6.74 -32.83
N THR B 109 4.69 5.51 -32.36
CA THR B 109 4.87 4.39 -33.26
C THR B 109 4.20 3.12 -32.77
N GLU B 110 3.90 2.22 -33.70
CA GLU B 110 3.38 0.90 -33.39
C GLU B 110 4.50 0.04 -32.83
N LEU B 111 4.17 -0.79 -31.84
CA LEU B 111 5.17 -1.63 -31.20
C LEU B 111 4.81 -3.11 -31.29
N PRO B 112 5.70 -3.90 -31.93
CA PRO B 112 5.52 -5.36 -32.02
C PRO B 112 5.87 -6.05 -30.71
N LEU B 113 4.99 -5.93 -29.72
CA LEU B 113 5.26 -6.44 -28.38
C LEU B 113 5.42 -7.96 -28.33
N GLU B 114 4.54 -8.68 -29.03
CA GLU B 114 4.58 -10.13 -29.00
C GLU B 114 5.88 -10.68 -29.59
N GLN B 115 6.26 -10.18 -30.76
CA GLN B 115 7.50 -10.58 -31.40
C GLN B 115 8.70 -10.31 -30.49
N ALA B 116 8.67 -9.15 -29.84
CA ALA B 116 9.74 -8.78 -28.91
C ALA B 116 9.76 -9.71 -27.70
N PHE B 117 8.58 -10.03 -27.18
CA PHE B 117 8.48 -10.96 -26.07
C PHE B 117 9.07 -12.32 -26.41
N LEU B 118 8.68 -12.84 -27.58
CA LEU B 118 9.13 -14.15 -28.02
C LEU B 118 10.64 -14.20 -28.20
N TRP B 119 11.23 -13.09 -28.65
CA TRP B 119 12.67 -13.00 -28.78
C TRP B 119 13.32 -12.93 -27.41
N GLU B 120 12.79 -12.07 -26.56
CA GLU B 120 13.34 -11.88 -25.21
C GLU B 120 13.14 -13.12 -24.34
N ASP B 121 12.05 -13.84 -24.58
CA ASP B 121 11.78 -15.07 -23.83
C ASP B 121 12.77 -16.16 -24.22
N SER B 122 13.26 -16.10 -25.46
CA SER B 122 14.26 -17.05 -25.92
C SER B 122 15.59 -16.80 -25.23
N GLN B 123 15.91 -15.52 -25.05
CA GLN B 123 17.17 -15.11 -24.42
C GLN B 123 17.14 -15.25 -22.91
N ARG B 124 16.01 -14.87 -22.31
CA ARG B 124 15.94 -14.73 -20.85
C ARG B 124 15.18 -15.87 -20.17
N ALA B 125 14.50 -16.70 -20.95
CA ALA B 125 13.72 -17.82 -20.44
C ALA B 125 12.72 -17.38 -19.37
N ILE B 126 11.95 -16.36 -19.70
CA ILE B 126 10.96 -15.79 -18.77
C ILE B 126 9.82 -16.76 -18.50
N SER B 127 9.33 -17.41 -19.56
CA SER B 127 8.20 -18.32 -19.45
C SER B 127 8.55 -19.59 -18.68
N ALA B 128 9.84 -19.92 -18.63
CA ALA B 128 10.29 -21.14 -17.99
C ALA B 128 10.31 -21.02 -16.46
N ARG B 129 10.25 -19.79 -15.97
CA ARG B 129 10.34 -19.54 -14.54
C ARG B 129 9.05 -19.92 -13.80
N ARG B 130 9.22 -20.53 -12.63
CA ARG B 130 8.08 -20.96 -11.82
C ARG B 130 8.03 -20.20 -10.49
N MSE B 131 9.15 -19.61 -10.09
CA MSE B 131 9.22 -18.89 -8.82
C MSE B 131 9.34 -17.38 -9.00
O MSE B 131 8.98 -16.62 -8.10
CB MSE B 131 10.38 -19.40 -7.96
CG MSE B 131 10.23 -20.83 -7.50
SE MSE B 131 8.62 -21.14 -6.44
CE MSE B 131 9.31 -20.69 -4.68
N VAL B 132 9.86 -16.95 -10.14
CA VAL B 132 10.06 -15.54 -10.38
C VAL B 132 9.23 -15.04 -11.57
N ALA B 133 8.32 -14.12 -11.28
CA ALA B 133 7.42 -13.56 -12.29
C ALA B 133 8.17 -12.70 -13.31
N PRO B 134 7.55 -12.46 -14.47
CA PRO B 134 8.12 -11.49 -15.44
C PRO B 134 8.42 -10.16 -14.77
N SER B 135 9.68 -9.75 -14.80
CA SER B 135 10.14 -8.60 -14.04
C SER B 135 9.92 -7.27 -14.75
N PHE B 136 10.18 -6.19 -14.02
CA PHE B 136 10.16 -4.84 -14.57
C PHE B 136 11.16 -4.74 -15.72
N ASN B 137 12.37 -5.26 -15.47
CA ASN B 137 13.43 -5.24 -16.46
C ASN B 137 13.10 -6.09 -17.68
N ASP B 138 12.41 -7.21 -17.46
CA ASP B 138 11.99 -8.07 -18.56
C ASP B 138 11.11 -7.29 -19.54
N ILE B 139 10.10 -6.61 -18.99
CA ILE B 139 9.18 -5.81 -19.78
C ILE B 139 9.88 -4.63 -20.44
N ARG B 140 10.78 -3.99 -19.69
CA ARG B 140 11.55 -2.86 -20.18
C ARG B 140 12.39 -3.25 -21.40
N HIS B 141 13.04 -4.41 -21.32
CA HIS B 141 13.82 -4.93 -22.43
C HIS B 141 12.93 -5.22 -23.63
N ILE B 142 11.76 -5.78 -23.38
CA ILE B 142 10.79 -6.08 -24.42
C ILE B 142 10.34 -4.81 -25.14
N LEU B 143 9.98 -3.80 -24.35
CA LEU B 143 9.55 -2.52 -24.89
C LEU B 143 10.65 -1.86 -25.72
N ASN B 144 11.88 -1.91 -25.22
CA ASN B 144 13.03 -1.39 -25.96
C ASN B 144 13.28 -2.17 -27.24
N THR B 145 13.20 -3.50 -27.14
CA THR B 145 13.39 -4.38 -28.29
C THR B 145 12.31 -4.15 -29.35
N ALA B 146 11.08 -3.96 -28.89
CA ALA B 146 9.95 -3.72 -29.79
C ALA B 146 10.14 -2.41 -30.56
N GLN B 147 10.63 -1.39 -29.87
CA GLN B 147 10.88 -0.10 -30.49
C GLN B 147 11.94 -0.22 -31.57
N ILE B 148 13.00 -0.97 -31.27
CA ILE B 148 14.06 -1.23 -32.23
C ILE B 148 13.55 -2.04 -33.40
N PHE B 149 12.77 -3.09 -33.10
CA PHE B 149 12.18 -3.94 -34.11
C PHE B 149 11.37 -3.15 -35.13
N HIS B 150 10.62 -2.17 -34.65
CA HIS B 150 9.79 -1.34 -35.52
C HIS B 150 10.60 -0.58 -36.58
N PHE B 151 11.67 0.08 -36.13
CA PHE B 151 12.50 0.87 -37.03
C PHE B 151 13.23 -0.01 -38.04
N LYS B 152 13.55 -1.23 -37.65
CA LYS B 152 14.24 -2.15 -38.53
C LYS B 152 13.34 -2.61 -39.68
N LYS B 153 12.05 -2.74 -39.42
CA LYS B 153 11.09 -3.17 -40.43
C LYS B 153 10.83 -2.05 -41.44
N GLN B 154 10.90 -0.81 -40.97
CA GLN B 154 10.68 0.35 -41.82
C GLN B 154 11.87 0.56 -42.76
N GLU B 155 13.04 0.13 -42.31
CA GLU B 155 14.23 0.12 -43.17
C GLU B 155 14.00 -0.85 -44.32
N ASN B 156 13.31 -1.94 -44.00
CA ASN B 156 12.87 -2.93 -44.99
C ASN B 156 11.81 -2.31 -45.89
N LEU B 157 10.76 -1.79 -45.27
CA LEU B 157 9.56 -1.34 -45.99
C LEU B 157 9.83 -0.22 -46.99
N HIS B 158 8.96 -0.13 -47.99
CA HIS B 158 9.03 0.91 -49.01
C HIS B 158 8.73 2.29 -48.43
N ASN B 159 9.74 3.15 -48.44
CA ASN B 159 9.58 4.55 -48.05
C ASN B 159 8.95 4.70 -46.67
N GLY B 160 9.27 3.77 -45.78
CA GLY B 160 8.72 3.79 -44.44
C GLY B 160 9.37 4.85 -43.59
N LYS B 161 8.63 5.32 -42.59
CA LYS B 161 9.15 6.32 -41.67
C LYS B 161 10.31 5.74 -40.87
N VAL B 162 11.49 5.75 -41.50
CA VAL B 162 12.70 5.20 -40.89
C VAL B 162 13.31 6.20 -39.91
N LEU B 163 14.21 5.72 -39.07
CA LEU B 163 14.88 6.56 -38.07
C LEU B 163 15.75 7.62 -38.74
N ARG B 164 15.53 8.87 -38.36
CA ARG B 164 16.29 9.98 -38.94
C ARG B 164 17.06 10.76 -37.88
N LEU B 165 16.55 10.76 -36.65
CA LEU B 165 17.23 11.43 -35.55
C LEU B 165 17.39 10.51 -34.35
N VAL B 166 18.63 10.38 -33.88
CA VAL B 166 18.92 9.63 -32.66
C VAL B 166 19.57 10.56 -31.64
N THR B 167 18.98 10.64 -30.46
CA THR B 167 19.49 11.53 -29.42
C THR B 167 20.04 10.76 -28.23
N PHE B 168 21.05 11.34 -27.58
CA PHE B 168 21.69 10.73 -26.41
C PHE B 168 21.80 11.74 -25.28
N ASP B 169 21.90 11.24 -24.05
CA ASP B 169 22.19 12.10 -22.91
C ASP B 169 23.68 12.32 -22.77
N GLY B 170 24.07 13.51 -22.31
CA GLY B 170 25.47 13.87 -22.19
C GLY B 170 25.93 14.07 -20.74
N ASP B 171 25.04 13.76 -19.81
CA ASP B 171 25.31 13.90 -18.37
C ASP B 171 25.67 15.33 -17.99
N VAL B 172 26.28 15.48 -16.81
CA VAL B 172 26.90 16.74 -16.39
C VAL B 172 28.21 16.46 -15.65
N THR B 173 28.86 17.53 -15.22
CA THR B 173 30.09 17.42 -14.43
C THR B 173 29.79 16.80 -13.06
N ASN B 185 36.10 4.21 -25.76
CA ASN B 185 34.69 4.02 -25.43
C ASN B 185 33.96 3.30 -26.58
N PRO B 186 33.19 2.26 -26.25
CA PRO B 186 32.51 1.41 -27.23
C PRO B 186 31.33 2.07 -27.93
N VAL B 187 30.80 3.15 -27.37
CA VAL B 187 29.64 3.81 -27.96
C VAL B 187 30.05 4.73 -29.11
N ILE B 188 31.28 5.23 -29.06
CA ILE B 188 31.81 6.12 -30.08
C ILE B 188 31.74 5.54 -31.52
N PRO B 189 32.14 4.27 -31.71
CA PRO B 189 32.02 3.73 -33.08
C PRO B 189 30.60 3.75 -33.63
N TYR B 190 29.62 3.36 -32.83
CA TYR B 190 28.23 3.26 -33.29
C TYR B 190 27.66 4.62 -33.68
N ILE B 191 28.08 5.66 -32.97
CA ILE B 191 27.68 7.02 -33.32
C ILE B 191 28.17 7.36 -34.72
N LEU B 192 29.40 6.97 -35.03
CA LEU B 192 29.99 7.20 -36.34
C LEU B 192 29.23 6.44 -37.43
N LYS B 193 28.82 5.20 -37.12
CA LYS B 193 28.06 4.40 -38.07
C LYS B 193 26.71 5.04 -38.32
N LEU B 194 26.09 5.55 -37.26
CA LEU B 194 24.85 6.30 -37.38
C LEU B 194 25.02 7.49 -38.32
N LEU B 195 26.10 8.24 -38.11
CA LEU B 195 26.40 9.40 -38.94
C LEU B 195 26.68 9.00 -40.39
N ARG B 196 27.43 7.92 -40.57
CA ARG B 196 27.75 7.45 -41.91
C ARG B 196 26.51 6.85 -42.58
N CYS B 197 25.61 6.30 -41.79
CA CYS B 197 24.34 5.79 -42.30
C CYS B 197 23.35 6.92 -42.60
N GLY B 198 23.83 8.16 -42.51
CA GLY B 198 23.02 9.32 -42.83
C GLY B 198 21.98 9.62 -41.76
N ILE B 199 22.24 9.18 -40.54
CA ILE B 199 21.33 9.44 -39.43
C ILE B 199 21.89 10.54 -38.53
N ASN B 200 21.10 11.59 -38.34
CA ASN B 200 21.51 12.72 -37.51
C ASN B 200 21.61 12.34 -36.04
N VAL B 201 22.73 12.67 -35.41
CA VAL B 201 22.96 12.34 -34.02
C VAL B 201 23.10 13.59 -33.16
N GLY B 202 22.32 13.65 -32.08
CA GLY B 202 22.37 14.78 -31.17
C GLY B 202 22.64 14.35 -29.74
N ILE B 203 23.41 15.17 -29.02
CA ILE B 203 23.69 14.89 -27.62
C ILE B 203 23.17 16.02 -26.75
N VAL B 204 22.22 15.70 -25.88
CA VAL B 204 21.60 16.69 -25.01
C VAL B 204 22.11 16.58 -23.58
N THR B 205 22.64 17.68 -23.06
CA THR B 205 23.18 17.71 -21.72
C THR B 205 22.56 18.82 -20.87
N ALA B 206 22.61 18.65 -19.55
CA ALA B 206 22.08 19.65 -18.63
C ALA B 206 23.18 20.61 -18.19
N ALA B 207 24.37 20.44 -18.74
CA ALA B 207 25.48 21.35 -18.46
C ALA B 207 25.16 22.74 -18.98
N GLY B 208 25.42 23.76 -18.16
CA GLY B 208 25.07 25.13 -18.51
C GLY B 208 26.18 25.89 -19.19
N TYR B 209 27.30 25.21 -19.43
CA TYR B 209 28.47 25.85 -20.05
C TYR B 209 28.14 26.37 -21.46
N ASP B 210 28.50 27.61 -21.72
CA ASP B 210 28.13 28.29 -22.96
C ASP B 210 29.27 28.33 -23.97
N GLU B 211 30.40 27.70 -23.63
CA GLU B 211 31.57 27.72 -24.50
C GLU B 211 31.78 26.37 -25.16
N ALA B 212 32.16 26.40 -26.43
CA ALA B 212 32.37 25.17 -27.20
C ALA B 212 33.57 24.39 -26.67
N GLY B 213 34.51 25.10 -26.06
CA GLY B 213 35.71 24.49 -25.52
C GLY B 213 35.43 23.41 -24.51
N THR B 214 34.53 23.69 -23.57
CA THR B 214 34.19 22.73 -22.52
C THR B 214 33.67 21.42 -23.10
N TYR B 215 32.97 21.50 -24.23
CA TYR B 215 32.38 20.32 -24.84
C TYR B 215 33.36 19.62 -25.79
N GLU B 216 34.30 20.38 -26.35
CA GLU B 216 35.41 19.78 -27.06
C GLU B 216 36.31 19.08 -26.05
N ASN B 217 36.34 19.61 -24.84
CA ASN B 217 37.08 19.01 -23.74
C ASN B 217 36.29 17.90 -23.04
N ARG B 218 34.98 17.89 -23.18
CA ARG B 218 34.19 16.84 -22.56
C ARG B 218 33.93 15.70 -23.55
N LEU B 219 33.73 16.05 -24.81
CA LEU B 219 33.49 15.04 -25.82
C LEU B 219 34.73 14.78 -26.69
N LYS B 220 35.89 14.76 -26.06
CA LYS B 220 37.12 14.41 -26.76
C LYS B 220 37.06 12.94 -27.15
N GLY B 221 37.96 12.52 -28.04
CA GLY B 221 37.93 11.17 -28.55
C GLY B 221 36.91 11.01 -29.66
N LEU B 222 35.65 11.33 -29.36
CA LEU B 222 34.58 11.30 -30.35
C LEU B 222 34.88 12.25 -31.51
N ILE B 223 35.22 13.48 -31.16
CA ILE B 223 35.61 14.48 -32.16
C ILE B 223 36.85 14.02 -32.91
N VAL B 224 37.80 13.45 -32.17
CA VAL B 224 39.04 12.95 -32.76
C VAL B 224 38.74 11.78 -33.69
N ALA B 225 37.93 10.84 -33.20
CA ALA B 225 37.54 9.68 -34.01
C ALA B 225 36.83 10.12 -35.27
N LEU B 226 35.92 11.08 -35.14
CA LEU B 226 35.20 11.63 -36.29
C LEU B 226 36.18 12.34 -37.22
N HIS B 227 37.13 13.07 -36.64
CA HIS B 227 38.16 13.74 -37.42
C HIS B 227 39.06 12.74 -38.12
N ASP B 228 39.44 11.69 -37.39
CA ASP B 228 40.35 10.68 -37.90
C ASP B 228 39.70 9.74 -38.91
N SER B 229 38.38 9.55 -38.77
CA SER B 229 37.66 8.61 -39.63
C SER B 229 37.58 9.10 -41.08
N THR B 230 38.31 8.43 -41.95
CA THR B 230 38.35 8.80 -43.37
C THR B 230 37.16 8.21 -44.14
N ASP B 231 36.53 7.20 -43.56
CA ASP B 231 35.43 6.50 -44.24
C ASP B 231 34.13 7.29 -44.21
N ILE B 232 34.12 8.43 -43.52
CA ILE B 232 32.94 9.26 -43.41
C ILE B 232 33.09 10.61 -44.11
N PRO B 233 32.12 10.97 -44.96
CA PRO B 233 32.07 12.31 -45.57
C PRO B 233 31.87 13.37 -44.49
N VAL B 234 32.47 14.54 -44.69
CA VAL B 234 32.38 15.61 -43.69
C VAL B 234 30.96 16.19 -43.62
N SER B 235 30.18 15.97 -44.65
CA SER B 235 28.78 16.38 -44.65
C SER B 235 28.01 15.58 -43.60
N GLN B 236 28.32 14.30 -43.52
CA GLN B 236 27.71 13.42 -42.53
C GLN B 236 28.37 13.61 -41.16
N LYS B 237 29.64 13.99 -41.17
CA LYS B 237 30.37 14.27 -39.94
C LYS B 237 29.72 15.41 -39.16
N GLN B 238 29.25 16.42 -39.89
CA GLN B 238 28.67 17.60 -39.27
C GLN B 238 27.28 17.33 -38.69
N ASN B 239 26.72 16.16 -38.95
CA ASN B 239 25.38 15.84 -38.44
C ASN B 239 25.40 15.58 -36.94
N LEU B 240 26.58 15.54 -36.35
CA LEU B 240 26.72 15.44 -34.90
C LEU B 240 26.49 16.81 -34.26
N THR B 241 25.61 16.85 -33.25
CA THR B 241 25.31 18.11 -32.58
C THR B 241 25.30 17.97 -31.06
N ILE B 242 25.53 19.08 -30.37
CA ILE B 242 25.47 19.12 -28.91
C ILE B 242 24.43 20.14 -28.44
N MSE B 243 23.49 19.68 -27.62
CA MSE B 243 22.53 20.57 -27.00
C MSE B 243 22.88 20.79 -25.53
O MSE B 243 22.78 19.86 -24.72
CB MSE B 243 21.11 20.02 -27.14
CG MSE B 243 20.32 20.63 -28.29
SE MSE B 243 20.04 22.55 -28.04
CE MSE B 243 18.18 22.66 -28.61
N GLY B 244 23.30 22.00 -25.20
CA GLY B 244 23.64 22.35 -23.84
C GLY B 244 22.53 23.10 -23.15
N GLY B 245 22.47 22.99 -21.82
CA GLY B 245 21.41 23.59 -21.05
C GLY B 245 20.06 23.04 -21.48
N GLU B 246 20.06 21.76 -21.85
CA GLU B 246 18.88 21.05 -22.37
C GLU B 246 18.42 21.59 -23.73
N SER B 247 18.19 22.91 -23.81
CA SER B 247 17.80 23.53 -25.06
C SER B 247 18.26 24.99 -25.13
N SER B 248 19.43 25.25 -24.55
CA SER B 248 19.93 26.62 -24.45
C SER B 248 21.05 26.92 -25.45
N TYR B 249 21.97 25.98 -25.61
CA TYR B 249 23.10 26.17 -26.52
C TYR B 249 23.21 25.03 -27.51
N LEU B 250 23.41 25.37 -28.79
CA LEU B 250 23.59 24.36 -29.82
C LEU B 250 24.98 24.44 -30.45
N PHE B 251 25.70 23.31 -30.41
CA PHE B 251 27.01 23.22 -31.02
C PHE B 251 27.02 22.12 -32.07
N ARG B 252 27.54 22.43 -33.25
CA ARG B 252 27.63 21.44 -34.31
C ARG B 252 29.09 21.20 -34.69
N TYR B 253 29.43 19.93 -34.92
CA TYR B 253 30.78 19.55 -35.30
C TYR B 253 31.22 20.24 -36.59
N TYR B 254 32.44 20.77 -36.60
CA TYR B 254 32.96 21.43 -37.79
C TYR B 254 34.34 20.88 -38.16
N GLU B 255 34.64 20.90 -39.45
CA GLU B 255 35.91 20.38 -39.95
C GLU B 255 36.35 21.11 -41.21
N ASP B 256 37.16 22.15 -41.04
CA ASP B 256 37.68 22.92 -42.18
C ASP B 256 38.71 22.05 -42.91
N PRO B 257 38.49 21.85 -44.21
CA PRO B 257 39.34 21.02 -45.09
C PRO B 257 40.81 21.43 -45.17
N GLU B 258 41.10 22.73 -45.30
CA GLU B 258 42.46 23.14 -45.63
C GLU B 258 43.31 23.59 -44.44
N GLU B 259 42.69 23.87 -43.30
CA GLU B 259 43.42 24.45 -42.18
C GLU B 259 43.49 23.56 -40.94
N ASP B 260 43.08 22.29 -41.10
CA ASP B 260 43.12 21.29 -40.04
C ASP B 260 42.53 21.83 -38.73
N ASN B 261 41.36 22.42 -38.82
CA ASN B 261 40.64 22.89 -37.64
C ASN B 261 39.36 22.09 -37.46
N PHE B 262 39.25 21.40 -36.33
CA PHE B 262 38.06 20.61 -36.06
C PHE B 262 37.61 20.78 -34.61
N GLY B 263 36.37 20.39 -34.35
CA GLY B 263 35.79 20.52 -33.02
C GLY B 263 34.33 20.90 -33.09
N PHE B 264 33.87 21.70 -32.14
CA PHE B 264 32.48 22.13 -32.10
C PHE B 264 32.35 23.63 -32.32
N ARG B 265 31.34 24.00 -33.10
CA ARG B 265 31.09 25.41 -33.41
C ARG B 265 29.67 25.78 -33.02
N GLN B 266 29.52 26.84 -32.22
CA GLN B 266 28.21 27.27 -31.75
C GLN B 266 27.35 27.76 -32.90
N ILE B 267 26.08 27.39 -32.90
CA ILE B 267 25.14 27.81 -33.93
C ILE B 267 24.29 28.97 -33.42
N ASP B 268 23.99 29.92 -34.29
CA ASP B 268 23.24 31.10 -33.90
C ASP B 268 21.81 30.74 -33.54
N LYS B 269 21.28 31.38 -32.50
CA LYS B 269 20.00 31.01 -31.90
C LYS B 269 18.81 31.09 -32.86
N GLU B 270 18.76 32.12 -33.71
CA GLU B 270 17.62 32.30 -34.61
C GLU B 270 17.45 31.13 -35.57
N GLU B 271 18.53 30.39 -35.79
CA GLU B 271 18.52 29.28 -36.74
C GLU B 271 17.81 28.05 -36.17
N TRP B 272 18.06 27.73 -34.90
CA TRP B 272 17.57 26.49 -34.33
C TRP B 272 16.46 26.66 -33.28
N LEU B 273 16.34 27.85 -32.70
CA LEU B 273 15.33 28.09 -31.68
C LEU B 273 13.91 27.90 -32.21
N LEU B 274 13.06 27.28 -31.40
CA LEU B 274 11.64 27.16 -31.71
C LEU B 274 10.99 28.53 -31.55
N PRO B 275 9.91 28.80 -32.32
CA PRO B 275 9.24 30.10 -32.29
C PRO B 275 8.81 30.55 -30.90
N ARG B 276 8.21 29.65 -30.12
CA ARG B 276 7.75 29.98 -28.78
C ARG B 276 8.91 30.42 -27.89
N MSE B 277 10.06 29.81 -28.08
CA MSE B 277 11.26 30.15 -27.31
C MSE B 277 11.80 31.52 -27.73
O MSE B 277 12.35 32.26 -26.91
CB MSE B 277 12.33 29.07 -27.48
CG MSE B 277 11.77 27.66 -27.52
SE MSE B 277 13.17 26.31 -27.74
CE MSE B 277 14.14 26.64 -26.08
N LYS B 278 11.65 31.83 -29.01
CA LYS B 278 12.10 33.11 -29.54
C LYS B 278 11.30 34.26 -28.94
N ALA B 279 10.04 34.01 -28.63
CA ALA B 279 9.15 35.02 -28.09
C ALA B 279 9.37 35.26 -26.60
N TRP B 280 10.18 34.39 -25.99
CA TRP B 280 10.51 34.53 -24.57
C TRP B 280 11.24 35.83 -24.29
N SER B 281 10.92 36.47 -23.16
CA SER B 281 11.59 37.69 -22.76
C SER B 281 12.94 37.39 -22.14
N LEU B 282 13.97 38.12 -22.59
CA LEU B 282 15.31 37.98 -22.02
C LEU B 282 15.30 38.38 -20.56
N GLU B 283 14.51 39.39 -20.24
CA GLU B 283 14.36 39.86 -18.87
C GLU B 283 13.82 38.76 -17.96
N ASP B 284 12.75 38.10 -18.40
CA ASP B 284 12.16 37.00 -17.65
C ASP B 284 13.16 35.86 -17.47
N VAL B 285 13.95 35.60 -18.52
CA VAL B 285 15.00 34.60 -18.46
C VAL B 285 16.03 34.97 -17.40
N GLU B 286 16.47 36.23 -17.44
CA GLU B 286 17.47 36.72 -16.50
C GLU B 286 16.94 36.75 -15.07
N LYS B 287 15.71 37.23 -14.91
CA LYS B 287 15.07 37.30 -13.60
C LYS B 287 14.92 35.91 -12.98
N THR B 288 14.62 34.92 -13.82
CA THR B 288 14.49 33.55 -13.38
C THR B 288 15.82 33.01 -12.87
N LEU B 289 16.87 33.26 -13.64
CA LEU B 289 18.22 32.80 -13.29
C LEU B 289 18.73 33.49 -12.02
N ASP B 290 18.44 34.77 -11.88
CA ASP B 290 18.87 35.53 -10.72
C ASP B 290 18.19 35.03 -9.45
N PHE B 291 16.92 34.68 -9.56
CA PHE B 291 16.17 34.15 -8.43
C PHE B 291 16.73 32.80 -8.01
N ALA B 292 17.03 31.97 -9.00
CA ALA B 292 17.58 30.65 -8.75
C ALA B 292 18.95 30.74 -8.09
N GLU B 293 19.73 31.73 -8.50
CA GLU B 293 21.08 31.92 -7.96
C GLU B 293 21.02 32.33 -6.49
N ARG B 294 20.03 33.13 -6.13
CA ARG B 294 19.83 33.52 -4.75
C ARG B 294 19.29 32.35 -3.94
N THR B 295 18.37 31.60 -4.54
CA THR B 295 17.81 30.42 -3.90
C THR B 295 18.92 29.39 -3.64
N LEU B 296 19.81 29.23 -4.60
CA LEU B 296 20.97 28.36 -4.44
C LEU B 296 21.87 28.84 -3.31
N ASN B 297 22.11 30.15 -3.25
CA ASN B 297 22.92 30.74 -2.20
C ASN B 297 22.24 30.66 -0.84
N ARG B 298 20.92 30.74 -0.83
CA ARG B 298 20.15 30.54 0.39
C ARG B 298 20.36 29.13 0.92
N LEU B 299 20.17 28.17 0.02
CA LEU B 299 20.24 26.74 0.35
C LEU B 299 21.58 26.33 0.94
N ARG B 300 22.68 26.86 0.39
CA ARG B 300 24.01 26.45 0.85
C ARG B 300 24.27 26.91 2.28
N LYS B 301 23.70 28.04 2.66
CA LYS B 301 23.85 28.54 4.02
C LYS B 301 22.92 27.81 4.98
N ARG B 302 21.68 27.60 4.54
CA ARG B 302 20.69 26.86 5.31
C ARG B 302 21.17 25.46 5.63
N LEU B 303 21.62 24.77 4.58
CA LEU B 303 22.09 23.40 4.69
C LEU B 303 23.53 23.37 5.19
N ASN B 304 24.07 24.56 5.43
CA ASN B 304 25.45 24.72 5.90
C ASN B 304 26.44 23.95 5.04
N LEU B 305 26.25 24.03 3.73
CA LEU B 305 27.10 23.32 2.78
C LEU B 305 28.52 23.85 2.84
N PRO B 306 29.51 22.96 2.60
CA PRO B 306 30.92 23.35 2.64
C PRO B 306 31.25 24.43 1.61
N SER B 307 32.21 25.28 1.93
CA SER B 307 32.59 26.38 1.05
C SER B 307 33.20 25.90 -0.26
N GLU B 308 33.65 24.64 -0.26
CA GLU B 308 34.23 24.04 -1.46
C GLU B 308 33.20 23.86 -2.57
N ILE B 309 31.94 23.68 -2.18
CA ILE B 309 30.86 23.63 -3.16
C ILE B 309 30.72 25.00 -3.80
N SER B 310 30.80 25.05 -5.12
CA SER B 310 30.74 26.33 -5.82
C SER B 310 29.48 26.46 -6.68
N ILE B 311 28.97 27.69 -6.76
CA ILE B 311 27.78 27.99 -7.54
C ILE B 311 28.15 28.65 -8.86
N ILE B 312 27.82 28.00 -9.96
CA ILE B 312 28.19 28.49 -11.28
C ILE B 312 27.01 29.13 -12.01
N ARG B 313 27.22 30.35 -12.49
CA ARG B 313 26.20 31.07 -13.25
C ARG B 313 26.64 31.30 -14.69
N LYS B 314 25.76 30.95 -15.63
CA LYS B 314 26.05 31.14 -17.05
C LYS B 314 24.98 31.99 -17.73
N VAL B 315 25.06 32.07 -19.05
CA VAL B 315 24.14 32.91 -19.82
C VAL B 315 22.70 32.40 -19.73
N ARG B 316 22.51 31.11 -19.92
CA ARG B 316 21.19 30.51 -19.91
C ARG B 316 21.01 29.48 -18.81
N ALA B 317 21.92 29.46 -17.84
CA ALA B 317 21.85 28.46 -16.79
C ALA B 317 22.60 28.87 -15.52
N VAL B 318 22.17 28.30 -14.41
CA VAL B 318 22.86 28.47 -13.13
C VAL B 318 22.87 27.10 -12.44
N GLY B 319 23.95 26.80 -11.73
CA GLY B 319 24.07 25.50 -11.11
C GLY B 319 24.96 25.44 -9.89
N ILE B 320 24.90 24.31 -9.19
CA ILE B 320 25.76 24.07 -8.04
C ILE B 320 26.61 22.83 -8.34
N VAL B 321 27.91 22.93 -8.07
CA VAL B 321 28.85 21.87 -8.46
C VAL B 321 29.75 21.48 -7.29
N PRO B 322 30.28 20.24 -7.31
CA PRO B 322 31.06 19.73 -6.17
C PRO B 322 32.43 20.38 -6.04
N GLY B 323 33.10 20.14 -4.91
CA GLY B 323 34.38 20.74 -4.62
C GLY B 323 35.56 19.83 -4.94
N GLU B 324 36.73 20.20 -4.43
CA GLU B 324 37.97 19.49 -4.71
C GLU B 324 38.09 18.20 -3.88
N VAL B 336 32.76 18.95 -0.37
CA VAL B 336 33.39 18.69 -1.67
C VAL B 336 32.46 17.86 -2.55
N LYS B 337 31.61 17.05 -1.91
CA LYS B 337 30.54 16.38 -2.63
C LYS B 337 29.22 16.49 -1.87
N LEU B 338 28.11 16.25 -2.56
CA LEU B 338 26.79 16.46 -1.97
C LEU B 338 25.98 15.17 -1.85
N ASP B 339 25.24 15.04 -0.75
CA ASP B 339 24.35 13.90 -0.54
C ASP B 339 23.19 13.96 -1.53
N ARG B 340 22.61 12.79 -1.83
CA ARG B 340 21.47 12.74 -2.75
C ARG B 340 20.27 13.43 -2.14
N GLU B 341 20.18 13.43 -0.82
CA GLU B 341 19.12 14.16 -0.12
C GLU B 341 19.28 15.66 -0.33
N GLN B 342 20.51 16.15 -0.16
CA GLN B 342 20.81 17.55 -0.37
C GLN B 342 20.57 17.95 -1.81
N LEU B 343 20.94 17.08 -2.74
CA LEU B 343 20.73 17.32 -4.16
C LEU B 343 19.24 17.44 -4.48
N GLU B 344 18.46 16.53 -3.93
CA GLU B 344 17.02 16.52 -4.19
C GLU B 344 16.32 17.66 -3.48
N GLU B 345 16.84 18.02 -2.30
CA GLU B 345 16.32 19.17 -1.56
C GLU B 345 16.43 20.43 -2.40
N ILE B 346 17.60 20.63 -3.00
CA ILE B 346 17.85 21.79 -3.85
C ILE B 346 16.95 21.82 -5.07
N VAL B 347 16.84 20.69 -5.76
CA VAL B 347 16.01 20.59 -6.95
C VAL B 347 14.54 20.85 -6.64
N LEU B 348 14.02 20.18 -5.62
CA LEU B 348 12.63 20.38 -5.21
C LEU B 348 12.37 21.81 -4.76
N THR B 349 13.33 22.38 -4.02
CA THR B 349 13.22 23.77 -3.57
C THR B 349 13.21 24.70 -4.77
N LEU B 350 14.17 24.53 -5.66
CA LEU B 350 14.28 25.37 -6.86
C LEU B 350 13.06 25.24 -7.76
N GLN B 351 12.62 24.00 -7.99
CA GLN B 351 11.49 23.75 -8.87
C GLN B 351 10.23 24.46 -8.39
N ASN B 352 9.81 24.18 -7.17
CA ASN B 352 8.58 24.74 -6.62
C ASN B 352 8.65 26.26 -6.40
N THR B 353 9.83 26.76 -6.05
CA THR B 353 10.02 28.18 -5.81
C THR B 353 9.81 29.00 -7.09
N LEU B 354 10.42 28.54 -8.17
CA LEU B 354 10.33 29.23 -9.46
C LEU B 354 8.93 29.11 -10.07
N GLU B 355 8.22 28.05 -9.72
CA GLU B 355 6.86 27.87 -10.23
C GLU B 355 5.90 28.86 -9.58
N SER B 356 6.31 29.45 -8.46
CA SER B 356 5.55 30.52 -7.83
C SER B 356 6.16 31.87 -8.20
N PHE B 357 7.09 31.85 -9.16
CA PHE B 357 7.74 33.05 -9.65
C PHE B 357 7.21 33.35 -11.05
N ALA B 358 6.50 34.46 -11.19
CA ALA B 358 5.82 34.82 -12.43
C ALA B 358 6.72 34.85 -13.67
N PRO B 359 7.92 35.45 -13.58
CA PRO B 359 8.79 35.42 -14.77
C PRO B 359 9.12 34.01 -15.23
N SER B 360 9.29 33.09 -14.29
CA SER B 360 9.59 31.70 -14.62
C SER B 360 8.38 31.01 -15.23
N ARG B 361 7.19 31.43 -14.82
CA ARG B 361 5.95 30.91 -15.38
C ARG B 361 5.81 31.27 -16.85
N ARG B 362 6.36 32.41 -17.23
CA ARG B 362 6.26 32.91 -18.59
C ARG B 362 7.36 32.33 -19.48
N ILE B 363 8.20 31.50 -18.89
CA ILE B 363 9.25 30.79 -19.61
C ILE B 363 9.17 29.31 -19.24
N GLN B 364 10.10 28.50 -19.74
CA GLN B 364 10.20 27.10 -19.33
C GLN B 364 11.59 26.80 -18.79
N PHE B 365 11.65 26.14 -17.65
CA PHE B 365 12.93 25.81 -17.02
C PHE B 365 13.00 24.33 -16.68
N SER B 366 14.22 23.84 -16.49
CA SER B 366 14.44 22.44 -16.15
C SER B 366 15.53 22.28 -15.09
N CYS B 367 15.44 21.24 -14.29
CA CYS B 367 16.42 20.97 -13.26
C CYS B 367 16.92 19.52 -13.33
N PHE B 368 18.17 19.31 -12.93
CA PHE B 368 18.84 18.02 -13.08
C PHE B 368 19.74 17.73 -11.88
N ASP B 369 19.54 16.58 -11.24
CA ASP B 369 20.43 16.18 -10.14
C ASP B 369 20.87 14.73 -10.26
N GLY B 370 21.08 14.28 -11.50
CA GLY B 370 21.56 12.94 -11.75
C GLY B 370 22.98 12.77 -11.26
N GLY B 371 23.88 13.57 -11.80
CA GLY B 371 25.27 13.57 -11.35
C GLY B 371 25.40 14.26 -10.01
N SER B 372 26.62 14.60 -9.65
CA SER B 372 26.88 15.30 -8.38
C SER B 372 26.36 16.72 -8.44
N ASP B 373 26.18 17.23 -9.65
CA ASP B 373 25.77 18.62 -9.85
C ASP B 373 24.26 18.79 -9.84
N VAL B 374 23.82 20.00 -9.53
CA VAL B 374 22.44 20.40 -9.73
C VAL B 374 22.42 21.61 -10.64
N TRP B 375 21.83 21.46 -11.82
CA TRP B 375 21.79 22.54 -12.80
C TRP B 375 20.39 23.03 -13.07
N CYS B 376 20.22 24.36 -13.08
CA CYS B 376 18.96 24.97 -13.45
C CYS B 376 19.11 25.63 -14.81
N ASP B 377 18.58 24.99 -15.84
CA ASP B 377 18.73 25.47 -17.21
C ASP B 377 17.42 25.97 -17.78
N ILE B 378 17.49 27.05 -18.56
CA ILE B 378 16.34 27.52 -19.31
C ILE B 378 16.01 26.53 -20.42
N GLY B 379 14.76 26.12 -20.50
CA GLY B 379 14.33 25.18 -21.51
C GLY B 379 14.10 23.79 -20.95
N GLY B 380 14.16 22.78 -21.82
CA GLY B 380 13.93 21.41 -21.40
C GLY B 380 14.39 20.39 -22.43
N LYS B 381 14.43 19.12 -22.03
CA LYS B 381 14.85 18.05 -22.92
C LYS B 381 13.88 17.87 -24.08
N ASP B 382 12.59 18.05 -23.79
CA ASP B 382 11.56 17.99 -24.83
C ASP B 382 11.80 19.07 -25.87
N LEU B 383 11.98 20.31 -25.41
CA LEU B 383 12.24 21.43 -26.30
C LEU B 383 13.57 21.26 -27.02
N GLY B 384 14.51 20.58 -26.36
CA GLY B 384 15.82 20.33 -26.93
C GLY B 384 15.77 19.40 -28.12
N VAL B 385 15.02 18.31 -27.98
CA VAL B 385 14.88 17.33 -29.06
C VAL B 385 14.13 17.92 -30.24
N ARG B 386 13.07 18.66 -29.95
CA ARG B 386 12.22 19.23 -30.99
C ARG B 386 12.93 20.35 -31.76
N SER B 387 13.79 21.08 -31.07
CA SER B 387 14.57 22.13 -31.70
C SER B 387 15.55 21.53 -32.72
N LEU B 388 16.14 20.40 -32.35
CA LEU B 388 17.06 19.69 -33.24
C LEU B 388 16.31 19.11 -34.43
N GLN B 389 15.06 18.74 -34.23
CA GLN B 389 14.23 18.18 -35.29
C GLN B 389 14.04 19.19 -36.42
N GLN B 390 13.87 20.46 -36.07
CA GLN B 390 13.70 21.51 -37.07
C GLN B 390 15.05 21.93 -37.65
N PHE B 391 16.09 21.87 -36.83
CA PHE B 391 17.40 22.37 -37.23
C PHE B 391 18.01 21.57 -38.37
N TYR B 392 17.92 20.25 -38.28
CA TYR B 392 18.50 19.38 -39.28
C TYR B 392 17.85 19.57 -40.64
N ASN B 393 16.53 19.67 -40.66
CA ASN B 393 15.81 19.93 -41.90
C ASN B 393 14.56 20.75 -41.65
N PRO B 394 14.67 22.08 -41.79
CA PRO B 394 13.57 23.02 -41.55
C PRO B 394 12.43 22.88 -42.55
N GLU B 395 12.73 22.47 -43.78
CA GLU B 395 11.68 22.35 -44.78
C GLU B 395 10.81 21.11 -44.48
N SER B 396 11.43 20.10 -43.89
CA SER B 396 10.72 18.89 -43.50
C SER B 396 11.25 18.42 -42.15
N PRO B 397 10.76 19.04 -41.07
CA PRO B 397 11.21 18.75 -39.70
C PRO B 397 11.12 17.27 -39.38
N ILE B 398 12.15 16.74 -38.72
CA ILE B 398 12.16 15.35 -38.32
C ILE B 398 11.01 15.10 -37.33
N GLN B 399 10.21 14.08 -37.63
CA GLN B 399 9.03 13.80 -36.83
C GLN B 399 9.36 12.91 -35.64
N PRO B 400 8.55 12.99 -34.57
CA PRO B 400 8.68 12.12 -33.39
C PRO B 400 8.74 10.64 -33.76
N SER B 401 8.03 10.25 -34.81
CA SER B 401 8.04 8.87 -35.29
C SER B 401 9.39 8.52 -35.91
N GLU B 402 10.17 9.54 -36.24
CA GLU B 402 11.48 9.35 -36.85
C GLU B 402 12.61 9.69 -35.88
N THR B 403 12.25 9.86 -34.62
CA THR B 403 13.21 10.26 -33.60
C THR B 403 13.27 9.24 -32.45
N LEU B 404 14.47 8.78 -32.13
CA LEU B 404 14.66 7.87 -31.01
C LEU B 404 15.65 8.43 -30.00
N HIS B 405 15.19 8.62 -28.77
CA HIS B 405 16.06 9.12 -27.71
C HIS B 405 16.56 7.99 -26.81
N VAL B 406 17.86 7.71 -26.90
CA VAL B 406 18.47 6.70 -26.05
C VAL B 406 19.00 7.36 -24.78
N GLY B 407 18.27 7.21 -23.68
CA GLY B 407 18.60 7.93 -22.46
C GLY B 407 18.69 7.08 -21.20
N ASP B 408 19.55 7.51 -20.30
CA ASP B 408 19.78 6.80 -19.05
C ASP B 408 19.32 7.60 -17.83
N GLN B 409 18.35 8.50 -18.05
CA GLN B 409 17.87 9.37 -16.99
C GLN B 409 16.38 9.19 -16.74
N PHE B 410 15.89 7.96 -16.88
CA PHE B 410 14.50 7.64 -16.55
C PHE B 410 14.37 7.39 -15.05
N ALA B 411 14.61 8.44 -14.27
CA ALA B 411 14.67 8.34 -12.81
C ALA B 411 14.22 9.66 -12.19
N PRO B 412 14.00 9.69 -10.86
CA PRO B 412 13.69 10.98 -10.22
C PRO B 412 14.86 11.95 -10.27
N VAL B 413 15.23 12.36 -11.48
CA VAL B 413 16.42 13.19 -11.70
C VAL B 413 15.99 14.66 -11.80
N GLY B 414 14.69 14.90 -11.61
CA GLY B 414 14.16 16.25 -11.70
C GLY B 414 13.38 16.41 -12.98
N SER B 415 13.12 17.66 -13.36
CA SER B 415 12.29 17.96 -14.52
C SER B 415 12.99 17.72 -15.85
N ALA B 416 14.29 17.42 -15.80
CA ALA B 416 15.05 17.14 -17.01
C ALA B 416 15.14 15.66 -17.31
N ASN B 417 14.31 14.87 -16.61
CA ASN B 417 14.29 13.42 -16.81
C ASN B 417 13.90 13.04 -18.24
N ASP B 418 14.23 11.82 -18.63
CA ASP B 418 14.01 11.36 -19.99
C ASP B 418 12.54 11.06 -20.28
N PHE B 419 11.70 11.10 -19.25
CA PHE B 419 10.26 10.93 -19.45
C PHE B 419 9.71 12.12 -20.22
N LYS B 420 10.39 13.26 -20.10
CA LYS B 420 10.02 14.46 -20.84
C LYS B 420 10.36 14.31 -22.32
N ALA B 421 11.34 13.45 -22.62
CA ALA B 421 11.76 13.21 -23.99
C ALA B 421 10.70 12.41 -24.76
N ARG B 422 9.85 11.71 -24.03
CA ARG B 422 8.76 10.95 -24.64
C ARG B 422 7.71 11.86 -25.25
N LEU B 423 7.79 13.15 -24.93
CA LEU B 423 6.89 14.14 -25.51
C LEU B 423 7.33 14.49 -26.93
N ALA B 424 8.62 14.34 -27.20
CA ALA B 424 9.20 14.79 -28.46
C ALA B 424 9.40 13.65 -29.46
N GLY B 425 9.50 12.42 -28.96
CA GLY B 425 9.69 11.29 -29.83
C GLY B 425 9.82 9.95 -29.13
N CYS B 426 10.21 8.92 -29.88
CA CYS B 426 10.41 7.59 -29.32
C CYS B 426 11.63 7.57 -28.40
N THR B 427 11.64 6.64 -27.45
CA THR B 427 12.75 6.55 -26.50
C THR B 427 13.21 5.13 -26.23
N LEU B 428 14.42 5.00 -25.73
CA LEU B 428 14.92 3.75 -25.18
C LEU B 428 15.35 3.95 -23.74
N TRP B 429 14.92 3.05 -22.86
CA TRP B 429 15.26 3.13 -21.44
C TRP B 429 16.57 2.39 -21.19
N ILE B 430 17.59 3.13 -20.76
CA ILE B 430 18.92 2.56 -20.57
C ILE B 430 19.33 2.50 -19.11
N ALA B 431 19.79 1.33 -18.67
CA ALA B 431 20.24 1.14 -17.29
C ALA B 431 21.74 0.86 -17.23
N SER B 432 22.31 0.44 -18.36
CA SER B 432 23.73 0.14 -18.42
C SER B 432 24.33 0.64 -19.74
N PRO B 433 25.63 0.99 -19.73
CA PRO B 433 26.29 1.44 -20.96
C PRO B 433 26.37 0.33 -22.00
N GLN B 434 26.49 -0.91 -21.55
CA GLN B 434 26.54 -2.05 -22.46
C GLN B 434 25.20 -2.23 -23.16
N GLU B 435 24.13 -1.86 -22.46
CA GLU B 435 22.80 -1.88 -23.05
C GLU B 435 22.72 -0.94 -24.24
N THR B 436 23.32 0.24 -24.08
CA THR B 436 23.37 1.22 -25.16
C THR B 436 24.11 0.65 -26.36
N VAL B 437 25.23 -0.02 -26.10
CA VAL B 437 26.05 -0.63 -27.14
C VAL B 437 25.29 -1.75 -27.86
N ASN B 438 24.72 -2.66 -27.09
CA ASN B 438 23.98 -3.78 -27.65
C ASN B 438 22.75 -3.34 -28.43
N TYR B 439 22.03 -2.35 -27.91
CA TYR B 439 20.83 -1.83 -28.58
C TYR B 439 21.19 -1.18 -29.91
N LEU B 440 22.24 -0.37 -29.92
CA LEU B 440 22.69 0.29 -31.14
C LEU B 440 23.19 -0.72 -32.16
N HIS B 441 23.85 -1.77 -31.68
CA HIS B 441 24.33 -2.84 -32.55
C HIS B 441 23.17 -3.53 -33.26
N ARG B 442 22.15 -3.90 -32.51
CA ARG B 442 20.97 -4.56 -33.07
C ARG B 442 20.21 -3.62 -34.00
N LEU B 443 20.22 -2.34 -33.67
CA LEU B 443 19.55 -1.35 -34.52
C LEU B 443 20.30 -1.17 -35.83
N LEU B 444 21.62 -1.20 -35.77
CA LEU B 444 22.45 -0.91 -36.93
C LEU B 444 22.90 -2.15 -37.71
N GLU B 445 22.63 -3.33 -37.17
CA GLU B 445 23.03 -4.57 -37.84
C GLU B 445 22.19 -4.79 -39.09
N THR B 446 22.76 -5.48 -40.07
CA THR B 446 22.08 -5.74 -41.34
C THR B 446 22.30 -7.18 -41.78
N ARG C 1 -2.84 -7.67 -5.88
CA ARG C 1 -1.56 -7.09 -5.49
C ARG C 1 -1.45 -5.65 -5.97
N TYR C 2 -0.99 -5.47 -7.20
CA TYR C 2 -1.08 -4.17 -7.86
C TYR C 2 -2.37 -4.13 -8.67
N ARG C 3 -3.36 -3.42 -8.16
CA ARG C 3 -4.68 -3.39 -8.76
C ARG C 3 -4.67 -2.65 -10.11
N VAL C 4 -4.84 -3.42 -11.19
CA VAL C 4 -4.85 -2.85 -12.53
C VAL C 4 -6.18 -2.16 -12.82
N GLU C 5 -7.14 -2.33 -11.92
CA GLU C 5 -8.47 -1.75 -12.08
C GLU C 5 -8.70 -0.58 -11.13
N TYR C 6 -7.62 -0.14 -10.49
CA TYR C 6 -7.69 0.87 -9.45
C TYR C 6 -8.27 2.21 -9.91
N HIS C 7 -7.81 2.70 -11.04
CA HIS C 7 -8.17 4.05 -11.49
C HIS C 7 -9.47 4.10 -12.27
N LEU C 8 -10.16 2.96 -12.37
CA LEU C 8 -11.44 2.91 -13.06
C LEU C 8 -12.55 3.51 -12.21
N LYS C 9 -12.36 3.46 -10.89
CA LYS C 9 -13.33 4.03 -9.96
C LYS C 9 -12.81 5.33 -9.37
N LYS C 13 -11.74 8.97 0.72
CA LYS C 13 -10.91 9.19 1.90
C LYS C 13 -10.62 10.68 2.10
N ASP C 14 -10.82 11.17 3.32
CA ASP C 14 -10.50 12.54 3.65
C ASP C 14 -9.04 12.64 4.09
N GLU C 15 -8.21 13.21 3.21
CA GLU C 15 -6.77 13.27 3.43
C GLU C 15 -6.40 14.02 4.70
N PHE C 16 -7.11 15.12 4.96
CA PHE C 16 -6.86 15.94 6.13
C PHE C 16 -7.00 15.14 7.42
N ILE C 17 -8.04 14.32 7.49
CA ILE C 17 -8.29 13.51 8.68
C ILE C 17 -7.24 12.43 8.85
N ASP C 18 -6.84 11.79 7.76
CA ASP C 18 -5.78 10.79 7.81
C ASP C 18 -4.44 11.44 8.18
N TRP C 19 -4.27 12.67 7.74
CA TRP C 19 -3.07 13.44 8.06
C TRP C 19 -2.97 13.68 9.56
N VAL C 20 -4.08 14.10 10.16
CA VAL C 20 -4.15 14.33 11.60
C VAL C 20 -3.92 13.03 12.36
N LYS C 21 -4.51 11.95 11.86
CA LYS C 21 -4.37 10.63 12.48
C LYS C 21 -2.90 10.20 12.52
N GLY C 22 -2.17 10.52 11.47
CA GLY C 22 -0.76 10.21 11.40
C GLY C 22 0.06 11.00 12.39
N LEU C 23 -0.30 12.28 12.54
CA LEU C 23 0.37 13.14 13.49
C LEU C 23 0.09 12.69 14.93
N LEU C 24 -1.09 12.17 15.15
CA LEU C 24 -1.51 11.72 16.48
C LEU C 24 -0.97 10.35 16.83
N ALA C 25 -0.65 9.55 15.82
CA ALA C 25 -0.19 8.18 16.02
C ALA C 25 1.24 8.13 16.55
N SER C 26 2.06 9.11 16.18
CA SER C 26 3.46 9.13 16.58
C SER C 26 3.64 9.28 18.10
N PRO C 27 2.92 10.23 18.74
CA PRO C 27 3.04 10.23 20.21
C PRO C 27 2.37 9.02 20.83
N PHE C 28 1.33 8.51 20.18
CA PHE C 28 0.62 7.34 20.67
C PHE C 28 1.55 6.13 20.79
N VAL C 29 2.24 5.80 19.71
CA VAL C 29 3.09 4.62 19.69
C VAL C 29 4.29 4.78 20.62
N LEU C 30 4.78 6.01 20.75
CA LEU C 30 5.96 6.27 21.58
C LEU C 30 5.61 6.40 23.06
N HIS C 31 4.69 7.31 23.36
CA HIS C 31 4.35 7.61 24.74
C HIS C 31 3.18 6.80 25.27
N ALA C 32 2.10 6.77 24.50
CA ALA C 32 0.88 6.10 24.95
C ALA C 32 1.06 4.60 25.09
N VAL C 33 1.43 3.92 24.00
CA VAL C 33 1.64 2.47 24.05
C VAL C 33 2.58 2.12 25.21
N SER C 34 2.00 2.09 26.40
CA SER C 34 2.70 1.84 27.65
C SER C 34 1.73 1.04 28.50
N HIS C 35 1.09 0.09 27.82
CA HIS C 35 0.01 -0.73 28.37
C HIS C 35 0.22 -1.17 29.81
N GLU C 36 1.16 -2.08 30.04
CA GLU C 36 1.55 -2.44 31.40
C GLU C 36 1.91 -1.17 32.14
N GLY C 37 1.06 -0.71 33.05
CA GLY C 37 1.24 0.61 33.63
C GLY C 37 0.32 1.09 34.74
N ASP C 38 -0.91 0.58 34.78
CA ASP C 38 -1.95 1.05 35.72
C ASP C 38 -1.59 0.80 37.17
N TYR C 39 -0.48 0.11 37.38
CA TYR C 39 0.04 -0.03 38.73
C TYR C 39 0.37 1.32 39.31
N ASN C 40 0.82 2.23 38.44
CA ASN C 40 1.32 3.52 38.91
C ASN C 40 1.18 4.69 37.93
N ASP C 41 1.89 4.59 36.81
CA ASP C 41 2.13 5.69 35.87
C ASP C 41 1.11 5.90 34.79
N ASP C 42 -0.09 5.33 34.92
CA ASP C 42 -1.03 5.52 33.82
C ASP C 42 -1.81 6.83 33.92
N LEU C 43 -1.85 7.43 35.10
CA LEU C 43 -2.32 8.80 35.19
C LEU C 43 -1.31 9.72 34.52
N ALA C 44 -0.03 9.43 34.77
CA ALA C 44 1.06 10.22 34.20
C ALA C 44 1.15 10.04 32.69
N THR C 45 0.98 8.81 32.23
CA THR C 45 1.02 8.51 30.80
C THR C 45 -0.14 9.20 30.09
N THR C 46 -1.34 9.07 30.65
CA THR C 46 -2.53 9.69 30.09
C THR C 46 -2.38 11.21 30.00
N GLN C 47 -1.82 11.80 31.06
CA GLN C 47 -1.64 13.25 31.13
C GLN C 47 -0.70 13.76 30.04
N ARG C 48 0.42 13.08 29.87
CA ARG C 48 1.40 13.47 28.87
C ARG C 48 0.86 13.30 27.46
N VAL C 49 0.19 12.16 27.22
CA VAL C 49 -0.39 11.86 25.93
C VAL C 49 -1.48 12.86 25.54
N ARG C 50 -2.32 13.21 26.51
CA ARG C 50 -3.36 14.21 26.30
C ARG C 50 -2.77 15.54 25.86
N SER C 51 -1.65 15.91 26.48
CA SER C 51 -0.96 17.16 26.16
C SER C 51 -0.36 17.11 24.77
N GLN C 52 0.24 15.97 24.42
CA GLN C 52 0.82 15.76 23.09
C GLN C 52 -0.24 15.97 22.01
N TYR C 53 -1.41 15.37 22.20
CA TYR C 53 -2.52 15.50 21.26
C TYR C 53 -3.03 16.94 21.19
N ALA C 54 -3.19 17.55 22.36
CA ALA C 54 -3.73 18.91 22.46
C ALA C 54 -2.83 19.91 21.75
N ASP C 55 -1.52 19.74 21.89
CA ASP C 55 -0.55 20.62 21.26
C ASP C 55 -0.64 20.53 19.74
N ILE C 56 -0.75 19.31 19.24
CA ILE C 56 -0.84 19.07 17.79
C ILE C 56 -2.08 19.74 17.20
N PHE C 57 -3.23 19.56 17.85
CA PHE C 57 -4.46 20.19 17.41
C PHE C 57 -4.36 21.72 17.43
N LYS C 58 -3.66 22.24 18.43
CA LYS C 58 -3.47 23.69 18.55
C LYS C 58 -2.60 24.22 17.40
N ASP C 59 -1.66 23.38 16.97
CA ASP C 59 -0.78 23.75 15.85
C ASP C 59 -1.56 23.77 14.54
N ILE C 60 -2.48 22.83 14.40
CA ILE C 60 -3.32 22.75 13.21
C ILE C 60 -4.33 23.90 13.19
N GLU C 61 -4.73 24.35 14.39
CA GLU C 61 -5.60 25.51 14.52
C GLU C 61 -5.02 26.73 13.82
N GLY C 62 -3.76 27.03 14.11
CA GLY C 62 -3.06 28.16 13.52
C GLY C 62 -2.89 28.00 12.02
N LEU C 63 -2.61 26.78 11.59
CA LEU C 63 -2.45 26.48 10.17
C LEU C 63 -3.74 26.76 9.39
N ILE C 64 -4.87 26.45 10.02
CA ILE C 64 -6.17 26.72 9.43
C ILE C 64 -6.40 28.22 9.31
N LYS C 65 -6.09 28.96 10.38
CA LYS C 65 -6.28 30.40 10.41
C LYS C 65 -5.36 31.12 9.41
N ASP C 66 -4.16 30.57 9.22
CA ASP C 66 -3.25 31.11 8.22
C ASP C 66 -3.83 30.90 6.83
N LYS C 67 -4.41 29.72 6.61
CA LYS C 67 -5.04 29.40 5.35
C LYS C 67 -6.23 30.32 5.06
N ILE C 68 -7.02 30.59 6.09
CA ILE C 68 -8.15 31.50 5.98
C ILE C 68 -7.69 32.88 5.50
N GLU C 69 -6.65 33.40 6.15
CA GLU C 69 -6.11 34.71 5.81
C GLU C 69 -5.57 34.77 4.38
N PHE C 70 -4.75 33.78 4.03
CA PHE C 70 -4.19 33.65 2.68
C PHE C 70 -5.33 33.59 1.65
N ASP C 71 -6.29 32.70 1.90
CA ASP C 71 -7.43 32.52 1.01
C ASP C 71 -8.30 33.78 0.94
N SER C 72 -8.42 34.48 2.06
CA SER C 72 -9.21 35.70 2.12
C SER C 72 -8.68 36.75 1.16
N ARG C 73 -7.40 37.06 1.29
CA ARG C 73 -6.79 38.11 0.48
C ARG C 73 -6.52 37.68 -0.95
N ASN C 74 -5.96 36.49 -1.14
CA ASN C 74 -5.52 36.08 -2.48
C ASN C 74 -6.61 35.42 -3.31
N MSE C 75 -7.81 35.27 -2.75
CA MSE C 75 -8.91 34.67 -3.49
C MSE C 75 -10.20 35.46 -3.34
O MSE C 75 -10.24 36.49 -2.66
CB MSE C 75 -9.13 33.22 -3.06
CG MSE C 75 -8.00 32.28 -3.41
SE MSE C 75 -8.31 30.47 -2.74
CE MSE C 75 -6.65 29.64 -3.35
N SER C 76 -11.26 34.96 -3.97
CA SER C 76 -12.56 35.63 -3.97
C SER C 76 -13.66 34.63 -3.64
N LEU C 92 0.97 32.39 -8.39
CA LEU C 92 -0.07 31.80 -7.55
C LEU C 92 0.52 31.09 -6.35
N GLY C 93 0.30 31.67 -5.17
CA GLY C 93 0.82 31.10 -3.94
C GLY C 93 -0.01 29.94 -3.44
N GLN C 94 0.42 29.36 -2.33
CA GLN C 94 -0.27 28.24 -1.71
C GLN C 94 -0.27 28.45 -0.20
N SER C 95 -1.35 28.06 0.47
CA SER C 95 -1.37 28.09 1.92
C SER C 95 -0.42 27.02 2.43
N ARG C 96 0.18 27.24 3.59
CA ARG C 96 1.05 26.26 4.23
C ARG C 96 0.36 24.91 4.29
N LEU C 97 -0.86 24.92 4.81
CA LEU C 97 -1.65 23.71 4.98
C LEU C 97 -1.98 23.05 3.65
N ASN C 98 -2.13 23.85 2.60
CA ASN C 98 -2.39 23.33 1.26
C ASN C 98 -1.18 22.62 0.69
N LEU C 99 0.01 23.05 1.08
CA LEU C 99 1.23 22.37 0.68
C LEU C 99 1.37 21.08 1.47
N LEU C 100 0.95 21.11 2.73
CA LEU C 100 0.98 19.94 3.59
C LEU C 100 -0.11 18.96 3.16
N VAL C 101 -1.33 19.45 3.06
CA VAL C 101 -2.45 18.65 2.59
C VAL C 101 -3.02 19.24 1.30
N PRO C 102 -2.56 18.72 0.15
CA PRO C 102 -2.91 19.24 -1.18
C PRO C 102 -4.41 19.18 -1.51
N SER C 103 -5.10 18.16 -1.01
CA SER C 103 -6.50 17.97 -1.35
C SER C 103 -7.45 18.59 -0.33
N ILE C 104 -6.91 19.47 0.51
CA ILE C 104 -7.69 20.05 1.59
C ILE C 104 -8.72 21.05 1.05
N GLY C 105 -9.87 21.13 1.71
CA GLY C 105 -10.91 22.04 1.30
C GLY C 105 -10.77 23.38 2.00
N THR C 106 -11.53 24.37 1.55
CA THR C 106 -11.47 25.70 2.14
C THR C 106 -12.11 25.72 3.52
N PHE C 107 -11.49 26.47 4.44
CA PHE C 107 -12.02 26.61 5.79
C PHE C 107 -12.67 27.99 5.96
N PHE C 108 -13.99 28.02 5.88
CA PHE C 108 -14.71 29.28 5.97
C PHE C 108 -14.77 29.82 7.40
N THR C 109 -14.50 28.96 8.38
CA THR C 109 -14.52 29.39 9.77
C THR C 109 -13.31 28.89 10.57
N GLU C 110 -13.03 29.62 11.65
CA GLU C 110 -12.06 29.18 12.65
C GLU C 110 -12.53 27.88 13.30
N LEU C 111 -11.58 27.05 13.70
CA LEU C 111 -11.90 25.80 14.39
C LEU C 111 -11.07 25.65 15.66
N PRO C 112 -11.75 25.69 16.82
CA PRO C 112 -11.10 25.49 18.12
C PRO C 112 -10.80 24.01 18.37
N LEU C 113 -9.80 23.49 17.65
CA LEU C 113 -9.51 22.06 17.67
C LEU C 113 -9.04 21.55 19.02
N GLU C 114 -8.19 22.33 19.69
CA GLU C 114 -7.64 21.92 20.98
C GLU C 114 -8.75 21.75 22.01
N GLN C 115 -9.62 22.75 22.12
CA GLN C 115 -10.76 22.70 23.02
C GLN C 115 -11.70 21.55 22.66
N ALA C 116 -11.90 21.36 21.36
CA ALA C 116 -12.77 20.29 20.87
C ALA C 116 -12.23 18.92 21.25
N PHE C 117 -10.92 18.72 21.07
CA PHE C 117 -10.29 17.47 21.45
C PHE C 117 -10.42 17.20 22.95
N LEU C 118 -10.07 18.20 23.74
CA LEU C 118 -10.07 18.07 25.20
C LEU C 118 -11.46 17.77 25.73
N TRP C 119 -12.48 18.31 25.06
CA TRP C 119 -13.86 18.01 25.44
C TRP C 119 -14.20 16.57 25.09
N GLU C 120 -13.81 16.14 23.90
CA GLU C 120 -14.10 14.78 23.44
C GLU C 120 -13.32 13.74 24.25
N ASP C 121 -12.10 14.09 24.61
CA ASP C 121 -11.26 13.20 25.41
C ASP C 121 -11.89 12.99 26.79
N SER C 122 -12.54 14.03 27.30
CA SER C 122 -13.30 13.92 28.53
C SER C 122 -14.38 12.84 28.42
N GLN C 123 -15.01 12.75 27.25
CA GLN C 123 -16.13 11.84 27.05
C GLN C 123 -15.69 10.40 26.74
N ARG C 124 -14.71 10.25 25.85
CA ARG C 124 -14.36 8.93 25.31
C ARG C 124 -13.01 8.40 25.79
N ALA C 125 -12.25 9.22 26.49
CA ALA C 125 -10.95 8.83 27.04
C ALA C 125 -10.00 8.31 25.97
N ILE C 126 -9.76 9.13 24.95
CA ILE C 126 -8.87 8.77 23.85
C ILE C 126 -7.42 8.69 24.30
N SER C 127 -7.03 9.66 25.15
CA SER C 127 -5.67 9.70 25.67
C SER C 127 -5.41 8.55 26.65
N ALA C 128 -6.48 7.94 27.14
CA ALA C 128 -6.37 6.87 28.11
C ALA C 128 -6.24 5.50 27.44
N ARG C 129 -6.21 5.47 26.11
CA ARG C 129 -6.03 4.21 25.41
C ARG C 129 -4.56 3.93 25.12
N ARG C 130 -4.16 2.66 25.25
CA ARG C 130 -2.78 2.27 25.05
C ARG C 130 -2.63 1.33 23.87
N MSE C 131 -3.75 0.77 23.42
CA MSE C 131 -3.74 -0.20 22.34
C MSE C 131 -4.40 0.36 21.07
O MSE C 131 -3.96 0.09 19.96
CB MSE C 131 -4.46 -1.49 22.75
CG MSE C 131 -3.81 -2.21 23.94
SE MSE C 131 -2.07 -2.97 23.50
CE MSE C 131 -2.63 -4.31 22.20
N VAL C 132 -5.45 1.15 21.27
CA VAL C 132 -6.20 1.71 20.16
C VAL C 132 -5.87 3.18 19.94
N ALA C 133 -5.23 3.47 18.81
CA ALA C 133 -4.83 4.83 18.45
C ALA C 133 -6.05 5.72 18.22
N PRO C 134 -5.85 7.05 18.27
CA PRO C 134 -6.93 7.99 17.91
C PRO C 134 -7.53 7.65 16.55
N SER C 135 -8.83 7.40 16.52
CA SER C 135 -9.49 6.89 15.33
C SER C 135 -9.93 7.98 14.36
N PHE C 136 -10.37 7.55 13.18
CA PHE C 136 -10.97 8.44 12.19
C PHE C 136 -12.23 9.06 12.76
N ASN C 137 -13.02 8.25 13.47
CA ASN C 137 -14.24 8.73 14.10
C ASN C 137 -13.95 9.72 15.22
N ASP C 138 -12.88 9.47 15.97
CA ASP C 138 -12.44 10.38 17.03
C ASP C 138 -12.19 11.77 16.46
N ILE C 139 -11.40 11.82 15.40
CA ILE C 139 -11.04 13.08 14.75
C ILE C 139 -12.26 13.73 14.10
N ARG C 140 -13.10 12.91 13.48
CA ARG C 140 -14.33 13.39 12.86
C ARG C 140 -15.24 14.08 13.88
N HIS C 141 -15.33 13.48 15.06
CA HIS C 141 -16.14 14.03 16.13
C HIS C 141 -15.56 15.33 16.67
N ILE C 142 -14.23 15.40 16.73
CA ILE C 142 -13.54 16.60 17.18
C ILE C 142 -13.76 17.75 16.21
N LEU C 143 -13.62 17.46 14.91
CA LEU C 143 -13.83 18.45 13.87
C LEU C 143 -15.26 18.98 13.88
N ASN C 144 -16.22 18.09 14.04
CA ASN C 144 -17.63 18.48 14.11
C ASN C 144 -17.91 19.32 15.34
N THR C 145 -17.39 18.88 16.48
CA THR C 145 -17.55 19.60 17.74
C THR C 145 -16.93 20.99 17.66
N ALA C 146 -15.80 21.09 16.98
CA ALA C 146 -15.10 22.36 16.81
C ALA C 146 -15.95 23.36 16.03
N GLN C 147 -16.61 22.87 14.98
CA GLN C 147 -17.46 23.73 14.15
C GLN C 147 -18.66 24.24 14.94
N ILE C 148 -19.28 23.36 15.71
CA ILE C 148 -20.40 23.73 16.56
C ILE C 148 -19.97 24.75 17.61
N PHE C 149 -18.81 24.51 18.21
CA PHE C 149 -18.26 25.40 19.22
C PHE C 149 -18.03 26.81 18.65
N HIS C 150 -17.60 26.87 17.39
CA HIS C 150 -17.36 28.15 16.74
C HIS C 150 -18.63 28.99 16.65
N PHE C 151 -19.71 28.37 16.17
CA PHE C 151 -20.98 29.07 15.99
C PHE C 151 -21.57 29.51 17.32
N LYS C 152 -21.40 28.69 18.35
CA LYS C 152 -21.89 29.03 19.68
C LYS C 152 -21.09 30.19 20.27
N LYS C 153 -19.83 30.31 19.84
CA LYS C 153 -18.96 31.39 20.28
C LYS C 153 -19.43 32.72 19.72
N GLN C 154 -19.74 32.73 18.43
CA GLN C 154 -20.22 33.94 17.75
C GLN C 154 -21.51 34.46 18.38
N GLU C 155 -22.32 33.54 18.89
CA GLU C 155 -23.61 33.90 19.49
C GLU C 155 -23.42 34.72 20.75
N ASN C 156 -22.45 34.35 21.58
CA ASN C 156 -22.16 35.07 22.80
C ASN C 156 -21.24 36.28 22.57
N LEU C 157 -21.23 36.79 21.35
CA LEU C 157 -20.48 37.99 21.04
C LEU C 157 -21.38 39.06 20.46
N GLY C 160 -20.85 38.66 16.28
CA GLY C 160 -20.02 38.00 15.29
C GLY C 160 -20.81 37.58 14.08
N LYS C 161 -20.35 36.54 13.40
CA LYS C 161 -21.05 36.00 12.24
C LYS C 161 -21.80 34.72 12.62
N VAL C 162 -22.99 34.90 13.16
CA VAL C 162 -23.82 33.79 13.61
C VAL C 162 -24.36 32.96 12.45
N LEU C 163 -24.83 31.76 12.77
CA LEU C 163 -25.30 30.81 11.77
C LEU C 163 -26.68 31.21 11.22
N ARG C 164 -26.72 31.54 9.93
CA ARG C 164 -27.96 31.98 9.29
C ARG C 164 -28.66 30.85 8.52
N LEU C 165 -27.87 29.89 8.03
CA LEU C 165 -28.42 28.84 7.20
C LEU C 165 -27.93 27.45 7.58
N VAL C 166 -28.88 26.55 7.87
CA VAL C 166 -28.56 25.15 8.08
C VAL C 166 -29.21 24.32 6.98
N THR C 167 -28.42 23.44 6.35
CA THR C 167 -28.96 22.59 5.30
C THR C 167 -28.78 21.11 5.64
N PHE C 168 -29.71 20.29 5.18
CA PHE C 168 -29.67 18.86 5.45
C PHE C 168 -29.69 18.05 4.16
N ASP C 169 -29.48 16.74 4.29
CA ASP C 169 -29.44 15.85 3.13
C ASP C 169 -30.63 14.90 3.12
N GLY C 170 -31.62 15.20 2.28
CA GLY C 170 -32.77 14.34 2.13
C GLY C 170 -32.39 13.09 1.37
N ASP C 171 -31.77 13.27 0.21
CA ASP C 171 -31.32 12.14 -0.58
C ASP C 171 -30.09 12.50 -1.38
N ASN C 185 -39.89 10.94 14.32
CA ASN C 185 -38.47 11.16 14.04
C ASN C 185 -37.91 12.25 14.95
N PRO C 186 -36.73 11.98 15.54
CA PRO C 186 -36.09 12.88 16.51
C PRO C 186 -35.56 14.19 15.91
N VAL C 187 -35.25 14.19 14.62
CA VAL C 187 -34.68 15.37 13.98
C VAL C 187 -35.74 16.44 13.70
N ILE C 188 -36.97 15.98 13.46
CA ILE C 188 -38.07 16.88 13.14
C ILE C 188 -38.30 17.99 14.18
N PRO C 189 -38.32 17.64 15.49
CA PRO C 189 -38.45 18.74 16.45
C PRO C 189 -37.34 19.78 16.34
N TYR C 190 -36.10 19.34 16.20
CA TYR C 190 -34.96 20.25 16.15
C TYR C 190 -34.98 21.13 14.91
N ILE C 191 -35.56 20.63 13.82
CA ILE C 191 -35.74 21.43 12.62
C ILE C 191 -36.68 22.60 12.93
N LEU C 192 -37.75 22.30 13.68
CA LEU C 192 -38.74 23.30 14.05
C LEU C 192 -38.15 24.42 14.91
N LYS C 193 -37.31 24.06 15.87
CA LYS C 193 -36.70 25.04 16.76
C LYS C 193 -35.63 25.86 16.04
N LEU C 194 -34.91 25.24 15.11
CA LEU C 194 -34.00 25.97 14.23
C LEU C 194 -34.77 27.08 13.52
N LEU C 195 -35.92 26.73 12.97
CA LEU C 195 -36.77 27.70 12.29
C LEU C 195 -37.26 28.77 13.25
N ARG C 196 -37.55 28.39 14.49
CA ARG C 196 -38.03 29.35 15.47
C ARG C 196 -36.92 30.30 15.88
N CYS C 197 -35.71 29.77 15.98
CA CYS C 197 -34.54 30.58 16.30
C CYS C 197 -34.16 31.48 15.11
N GLY C 198 -35.03 31.54 14.12
CA GLY C 198 -34.83 32.42 12.97
C GLY C 198 -33.72 31.94 12.06
N ILE C 199 -33.56 30.63 11.99
CA ILE C 199 -32.53 30.04 11.13
C ILE C 199 -33.17 29.33 9.93
N ASN C 200 -32.70 29.68 8.75
CA ASN C 200 -33.22 29.09 7.51
C ASN C 200 -32.81 27.63 7.38
N VAL C 201 -33.79 26.77 7.10
CA VAL C 201 -33.55 25.34 6.97
C VAL C 201 -33.86 24.84 5.56
N GLY C 202 -32.85 24.31 4.88
CA GLY C 202 -33.04 23.77 3.55
C GLY C 202 -32.72 22.29 3.50
N ILE C 203 -33.56 21.54 2.79
CA ILE C 203 -33.32 20.11 2.60
C ILE C 203 -32.87 19.87 1.16
N VAL C 204 -31.61 19.47 1.00
CA VAL C 204 -31.09 19.21 -0.33
C VAL C 204 -31.18 17.74 -0.68
N THR C 205 -31.93 17.43 -1.74
CA THR C 205 -32.14 16.05 -2.17
C THR C 205 -31.62 15.83 -3.59
N ALA C 206 -31.23 14.60 -3.88
CA ALA C 206 -30.78 14.24 -5.22
C ALA C 206 -31.94 13.74 -6.07
N ALA C 207 -33.11 13.64 -5.45
CA ALA C 207 -34.32 13.20 -6.13
C ALA C 207 -34.72 14.20 -7.21
N GLY C 208 -35.06 13.69 -8.39
CA GLY C 208 -35.34 14.55 -9.53
C GLY C 208 -36.82 14.82 -9.75
N TYR C 209 -37.62 14.58 -8.72
CA TYR C 209 -39.07 14.78 -8.84
C TYR C 209 -39.41 16.25 -9.03
N ASP C 210 -40.18 16.52 -10.08
CA ASP C 210 -40.48 17.89 -10.48
C ASP C 210 -41.82 18.40 -9.94
N GLU C 211 -42.47 17.58 -9.12
CA GLU C 211 -43.73 18.01 -8.51
C GLU C 211 -43.58 18.16 -7.00
N ALA C 212 -44.24 19.16 -6.45
CA ALA C 212 -44.23 19.38 -5.01
C ALA C 212 -44.81 18.18 -4.29
N GLY C 213 -45.93 17.69 -4.80
CA GLY C 213 -46.70 16.59 -4.25
C GLY C 213 -45.92 15.42 -3.66
N THR C 214 -44.93 14.93 -4.39
CA THR C 214 -44.09 13.83 -3.92
C THR C 214 -43.37 14.21 -2.63
N TYR C 215 -42.74 15.37 -2.64
CA TYR C 215 -41.99 15.83 -1.49
C TYR C 215 -42.90 16.04 -0.28
N GLU C 216 -44.14 16.42 -0.54
CA GLU C 216 -45.12 16.52 0.54
C GLU C 216 -45.48 15.12 1.07
N ASN C 217 -45.42 14.12 0.21
CA ASN C 217 -45.82 12.78 0.59
C ASN C 217 -44.77 12.03 1.41
N ARG C 218 -43.50 12.36 1.23
CA ARG C 218 -42.45 11.73 2.03
C ARG C 218 -41.95 12.63 3.17
N LEU C 219 -42.06 13.95 3.00
CA LEU C 219 -41.73 14.85 4.11
C LEU C 219 -42.99 15.21 4.89
N LYS C 220 -43.96 14.31 4.84
CA LYS C 220 -45.19 14.40 5.61
C LYS C 220 -44.96 14.87 7.05
N GLY C 221 -44.25 14.06 7.82
CA GLY C 221 -44.00 14.35 9.23
C GLY C 221 -43.49 15.75 9.51
N LEU C 222 -42.52 16.20 8.72
CA LEU C 222 -41.97 17.54 8.88
C LEU C 222 -43.05 18.59 8.62
N ILE C 223 -43.77 18.42 7.52
CA ILE C 223 -44.80 19.37 7.13
C ILE C 223 -45.92 19.50 8.15
N VAL C 224 -46.49 18.37 8.56
CA VAL C 224 -47.63 18.42 9.48
C VAL C 224 -47.20 18.84 10.88
N ALA C 225 -46.03 18.39 11.33
CA ALA C 225 -45.55 18.75 12.67
C ALA C 225 -45.25 20.23 12.71
N LEU C 226 -44.70 20.73 11.61
CA LEU C 226 -44.56 22.16 11.42
C LEU C 226 -45.95 22.77 11.55
N HIS C 227 -46.80 22.50 10.56
CA HIS C 227 -48.19 22.98 10.52
C HIS C 227 -48.91 22.91 11.86
N ASP C 228 -48.79 21.78 12.54
CA ASP C 228 -49.53 21.55 13.79
C ASP C 228 -48.93 22.29 14.99
N SER C 229 -47.74 22.86 14.82
CA SER C 229 -47.08 23.55 15.92
C SER C 229 -47.56 25.00 16.03
N THR C 230 -48.00 25.38 17.23
CA THR C 230 -48.60 26.69 17.45
C THR C 230 -47.58 27.76 17.78
N ASP C 231 -46.42 27.33 18.29
CA ASP C 231 -45.39 28.24 18.75
C ASP C 231 -44.85 29.13 17.63
N ILE C 232 -44.51 28.50 16.51
CA ILE C 232 -43.82 29.18 15.42
C ILE C 232 -44.69 30.21 14.71
N PRO C 233 -44.16 31.43 14.53
CA PRO C 233 -44.81 32.38 13.62
C PRO C 233 -44.79 31.85 12.19
N VAL C 234 -45.78 32.17 11.39
CA VAL C 234 -45.87 31.64 10.04
C VAL C 234 -44.71 32.13 9.17
N SER C 235 -44.13 33.27 9.53
CA SER C 235 -43.00 33.82 8.81
C SER C 235 -41.78 32.88 8.89
N GLN C 236 -41.47 32.42 10.10
CA GLN C 236 -40.37 31.50 10.33
C GLN C 236 -40.70 30.11 9.79
N LYS C 237 -41.98 29.79 9.80
CA LYS C 237 -42.48 28.50 9.32
C LYS C 237 -42.19 28.29 7.85
N GLN C 238 -42.14 29.38 7.10
CA GLN C 238 -41.95 29.32 5.65
C GLN C 238 -40.50 29.54 5.26
N ASN C 239 -39.60 29.41 6.24
CA ASN C 239 -38.17 29.47 5.95
C ASN C 239 -37.62 28.09 5.65
N LEU C 240 -38.49 27.09 5.68
CA LEU C 240 -38.13 25.74 5.29
C LEU C 240 -38.20 25.58 3.78
N THR C 241 -37.16 25.00 3.19
CA THR C 241 -37.11 24.82 1.74
C THR C 241 -36.64 23.42 1.35
N ILE C 242 -37.04 22.99 0.16
CA ILE C 242 -36.53 21.76 -0.43
C ILE C 242 -35.86 22.05 -1.76
N MSE C 243 -34.56 21.81 -1.84
CA MSE C 243 -33.84 21.98 -3.10
C MSE C 243 -33.72 20.64 -3.81
O MSE C 243 -32.76 19.89 -3.59
CB MSE C 243 -32.46 22.59 -2.86
CG MSE C 243 -31.68 22.86 -4.12
SE MSE C 243 -32.53 24.16 -5.31
CE MSE C 243 -32.08 25.79 -4.35
N GLY C 244 -34.70 20.33 -4.65
CA GLY C 244 -34.73 19.06 -5.36
C GLY C 244 -33.82 19.05 -6.57
N GLY C 245 -33.46 17.85 -7.02
CA GLY C 245 -32.55 17.69 -8.14
C GLY C 245 -31.22 18.38 -7.90
N GLU C 246 -30.78 18.33 -6.64
CA GLU C 246 -29.55 19.00 -6.20
C GLU C 246 -29.61 20.52 -6.33
N SER C 247 -30.00 21.00 -7.51
CA SER C 247 -30.22 22.42 -7.74
C SER C 247 -31.09 22.64 -8.97
N SER C 248 -32.16 21.86 -9.07
CA SER C 248 -33.04 21.91 -10.23
C SER C 248 -34.44 22.42 -9.87
N TYR C 249 -34.91 22.04 -8.70
CA TYR C 249 -36.23 22.46 -8.24
C TYR C 249 -36.18 23.03 -6.82
N LEU C 250 -36.85 24.16 -6.61
CA LEU C 250 -36.94 24.74 -5.29
C LEU C 250 -38.39 24.83 -4.82
N PHE C 251 -38.65 24.29 -3.63
CA PHE C 251 -39.97 24.36 -3.03
C PHE C 251 -39.90 25.00 -1.65
N ARG C 252 -40.87 25.83 -1.33
CA ARG C 252 -40.91 26.49 -0.03
C ARG C 252 -42.21 26.17 0.69
N TYR C 253 -42.15 26.08 2.02
CA TYR C 253 -43.32 25.75 2.81
C TYR C 253 -44.34 26.87 2.74
N TYR C 254 -45.60 26.49 2.58
CA TYR C 254 -46.68 27.47 2.66
C TYR C 254 -47.74 27.03 3.65
N GLU C 255 -48.23 27.97 4.43
CA GLU C 255 -49.43 27.74 5.22
C GLU C 255 -50.56 28.67 4.76
N ASP C 256 -51.55 28.15 4.05
CA ASP C 256 -52.72 28.92 3.74
C ASP C 256 -53.97 28.32 4.36
N PRO C 257 -54.18 28.61 5.64
CA PRO C 257 -55.41 28.27 6.34
C PRO C 257 -56.62 29.06 5.87
N GLU C 258 -56.41 29.98 4.93
CA GLU C 258 -57.55 30.45 4.17
C GLU C 258 -58.26 29.22 3.60
N GLU C 259 -57.46 28.26 3.18
CA GLU C 259 -57.92 27.04 2.55
C GLU C 259 -57.70 25.85 3.48
N ASP C 260 -57.12 26.14 4.65
CA ASP C 260 -56.39 25.17 5.45
C ASP C 260 -55.60 24.26 4.53
N ASN C 261 -54.79 24.89 3.68
CA ASN C 261 -53.92 24.17 2.76
C ASN C 261 -52.47 24.40 3.14
N PHE C 262 -51.76 23.32 3.46
CA PHE C 262 -50.36 23.43 3.83
C PHE C 262 -49.52 22.45 3.03
N GLY C 263 -48.28 22.85 2.71
CA GLY C 263 -47.39 22.02 1.94
C GLY C 263 -46.22 22.79 1.35
N PHE C 264 -45.86 22.46 0.11
CA PHE C 264 -44.73 23.12 -0.55
C PHE C 264 -45.11 23.71 -1.90
N ARG C 265 -44.70 24.96 -2.11
CA ARG C 265 -44.96 25.64 -3.38
C ARG C 265 -43.67 25.82 -4.18
N GLN C 266 -43.72 25.47 -5.46
CA GLN C 266 -42.55 25.59 -6.33
C GLN C 266 -42.25 27.05 -6.62
N ILE C 267 -40.96 27.40 -6.59
CA ILE C 267 -40.53 28.78 -6.85
C ILE C 267 -39.99 28.91 -8.26
N ASP C 268 -40.35 30.00 -8.93
CA ASP C 268 -39.91 30.25 -10.29
C ASP C 268 -38.39 30.36 -10.36
N LYS C 269 -37.82 29.75 -11.41
CA LYS C 269 -36.38 29.73 -11.63
C LYS C 269 -35.72 31.08 -11.43
N GLU C 270 -36.32 32.12 -12.00
CA GLU C 270 -35.71 33.45 -12.05
C GLU C 270 -35.33 34.02 -10.68
N GLU C 271 -36.07 33.62 -9.65
CA GLU C 271 -35.83 34.13 -8.30
C GLU C 271 -34.59 33.49 -7.66
N TRP C 272 -34.40 32.19 -7.87
CA TRP C 272 -33.36 31.46 -7.16
C TRP C 272 -32.20 31.00 -8.04
N LEU C 273 -32.39 30.98 -9.36
CA LEU C 273 -31.32 30.54 -10.26
C LEU C 273 -30.12 31.48 -10.21
N LEU C 274 -28.94 30.90 -9.99
CA LEU C 274 -27.70 31.64 -10.05
C LEU C 274 -27.45 32.10 -11.48
N PRO C 275 -26.73 33.22 -11.65
CA PRO C 275 -26.49 33.81 -12.98
C PRO C 275 -25.87 32.84 -13.98
N ARG C 276 -24.82 32.14 -13.56
CA ARG C 276 -24.12 31.20 -14.44
C ARG C 276 -25.04 30.08 -14.93
N MSE C 277 -25.97 29.66 -14.09
CA MSE C 277 -26.92 28.61 -14.44
C MSE C 277 -27.92 29.11 -15.47
O MSE C 277 -28.40 28.34 -16.31
CB MSE C 277 -27.65 28.11 -13.20
CG MSE C 277 -26.73 27.70 -12.05
SE MSE C 277 -27.70 27.05 -10.51
CE MSE C 277 -28.50 25.45 -11.30
N LYS C 278 -28.25 30.40 -15.40
CA LYS C 278 -29.18 31.02 -16.35
C LYS C 278 -28.64 30.99 -17.78
N ALA C 279 -27.32 30.96 -17.91
CA ALA C 279 -26.67 31.01 -19.21
C ALA C 279 -26.77 29.68 -19.96
N TRP C 280 -27.11 28.62 -19.23
CA TRP C 280 -27.22 27.29 -19.82
C TRP C 280 -28.38 27.21 -20.81
N SER C 281 -28.11 26.68 -22.00
CA SER C 281 -29.15 26.51 -23.00
C SER C 281 -30.01 25.30 -22.66
N LEU C 282 -31.33 25.43 -22.83
CA LEU C 282 -32.26 24.35 -22.56
C LEU C 282 -31.96 23.15 -23.44
N GLU C 283 -31.53 23.41 -24.67
CA GLU C 283 -31.21 22.35 -25.62
C GLU C 283 -30.11 21.44 -25.09
N ASP C 284 -29.06 22.04 -24.53
CA ASP C 284 -27.96 21.28 -23.96
C ASP C 284 -28.42 20.50 -22.73
N VAL C 285 -29.38 21.07 -22.01
CA VAL C 285 -29.96 20.40 -20.84
C VAL C 285 -30.69 19.14 -21.25
N GLU C 286 -31.58 19.26 -22.23
CA GLU C 286 -32.37 18.13 -22.69
C GLU C 286 -31.51 17.10 -23.40
N LYS C 287 -30.57 17.57 -24.23
CA LYS C 287 -29.62 16.68 -24.90
C LYS C 287 -28.84 15.85 -23.89
N THR C 288 -28.43 16.51 -22.80
CA THR C 288 -27.72 15.84 -21.72
C THR C 288 -28.60 14.78 -21.08
N LEU C 289 -29.85 15.15 -20.78
CA LEU C 289 -30.79 14.24 -20.16
C LEU C 289 -31.20 13.12 -21.11
N ASP C 290 -31.33 13.43 -22.39
CA ASP C 290 -31.67 12.43 -23.40
C ASP C 290 -30.57 11.37 -23.50
N PHE C 291 -29.33 11.82 -23.60
CA PHE C 291 -28.19 10.92 -23.70
C PHE C 291 -28.06 10.07 -22.43
N ALA C 292 -28.37 10.67 -21.29
CA ALA C 292 -28.31 9.97 -20.01
C ALA C 292 -29.36 8.86 -19.95
N GLU C 293 -30.58 9.17 -20.36
CA GLU C 293 -31.67 8.21 -20.33
C GLU C 293 -31.40 7.04 -21.27
N ARG C 294 -30.79 7.34 -22.42
CA ARG C 294 -30.41 6.30 -23.37
C ARG C 294 -29.34 5.40 -22.77
N THR C 295 -28.34 6.01 -22.14
CA THR C 295 -27.25 5.27 -21.50
C THR C 295 -27.79 4.36 -20.41
N LEU C 296 -28.76 4.85 -19.65
CA LEU C 296 -29.40 4.07 -18.59
C LEU C 296 -30.08 2.83 -19.15
N ASN C 297 -30.82 3.00 -20.25
CA ASN C 297 -31.51 1.89 -20.88
C ASN C 297 -30.55 0.86 -21.45
N ARG C 298 -29.42 1.32 -21.98
CA ARG C 298 -28.39 0.42 -22.49
C ARG C 298 -27.78 -0.40 -21.35
N LEU C 299 -27.46 0.28 -20.26
CA LEU C 299 -26.95 -0.38 -19.06
C LEU C 299 -27.95 -1.42 -18.55
N ARG C 300 -29.23 -1.05 -18.55
CA ARG C 300 -30.30 -1.95 -18.14
C ARG C 300 -30.31 -3.26 -18.93
N LYS C 301 -30.19 -3.13 -20.26
CA LYS C 301 -30.20 -4.30 -21.13
C LYS C 301 -28.94 -5.12 -20.98
N ARG C 302 -27.78 -4.47 -21.01
CA ARG C 302 -26.50 -5.16 -20.86
C ARG C 302 -26.41 -5.87 -19.52
N LEU C 303 -26.85 -5.20 -18.46
CA LEU C 303 -26.82 -5.80 -17.13
C LEU C 303 -28.00 -6.73 -16.91
N ASN C 304 -28.94 -6.70 -17.85
CA ASN C 304 -30.15 -7.53 -17.79
C ASN C 304 -30.90 -7.35 -16.47
N LEU C 305 -31.08 -6.10 -16.08
CA LEU C 305 -31.77 -5.78 -14.83
C LEU C 305 -33.23 -6.24 -14.87
N PRO C 306 -33.79 -6.60 -13.70
CA PRO C 306 -35.20 -6.98 -13.60
C PRO C 306 -36.10 -5.88 -14.14
N SER C 307 -37.25 -6.25 -14.71
CA SER C 307 -38.12 -5.27 -15.34
C SER C 307 -38.86 -4.43 -14.30
N GLU C 308 -38.84 -4.88 -13.05
CA GLU C 308 -39.41 -4.10 -11.95
C GLU C 308 -38.57 -2.85 -11.71
N ILE C 309 -37.31 -2.90 -12.12
CA ILE C 309 -36.45 -1.73 -12.08
C ILE C 309 -36.91 -0.73 -13.13
N SER C 310 -37.24 0.48 -12.69
CA SER C 310 -37.79 1.49 -13.59
C SER C 310 -36.82 2.64 -13.84
N ILE C 311 -36.83 3.16 -15.06
CA ILE C 311 -36.07 4.37 -15.39
C ILE C 311 -37.02 5.55 -15.43
N ILE C 312 -36.81 6.51 -14.53
CA ILE C 312 -37.70 7.65 -14.40
C ILE C 312 -37.11 8.91 -15.02
N ARG C 313 -37.86 9.54 -15.92
CA ARG C 313 -37.43 10.78 -16.55
C ARG C 313 -38.29 11.95 -16.10
N LYS C 314 -37.64 13.03 -15.68
CA LYS C 314 -38.34 14.24 -15.27
C LYS C 314 -37.81 15.43 -16.05
N VAL C 315 -38.25 16.63 -15.68
CA VAL C 315 -37.90 17.84 -16.40
C VAL C 315 -36.39 18.11 -16.39
N ARG C 316 -35.78 18.01 -15.21
CA ARG C 316 -34.36 18.29 -15.08
C ARG C 316 -33.56 17.07 -14.64
N ALA C 317 -34.19 15.90 -14.62
CA ALA C 317 -33.52 14.72 -14.11
C ALA C 317 -34.03 13.42 -14.71
N VAL C 318 -33.12 12.45 -14.84
CA VAL C 318 -33.47 11.10 -15.23
C VAL C 318 -32.75 10.14 -14.28
N GLY C 319 -33.47 9.11 -13.82
CA GLY C 319 -32.90 8.20 -12.85
C GLY C 319 -33.45 6.79 -12.89
N ILE C 320 -32.73 5.87 -12.26
CA ILE C 320 -33.17 4.49 -12.16
C ILE C 320 -33.57 4.20 -10.71
N VAL C 321 -34.65 3.45 -10.53
CA VAL C 321 -35.24 3.27 -9.20
C VAL C 321 -35.53 1.79 -8.89
N PRO C 322 -35.57 1.43 -7.60
CA PRO C 322 -35.92 0.07 -7.18
C PRO C 322 -37.35 -0.30 -7.53
N GLY C 323 -37.73 -1.55 -7.31
CA GLY C 323 -39.03 -2.04 -7.73
C GLY C 323 -39.81 -2.87 -6.73
N GLU C 324 -41.04 -3.24 -7.11
CA GLU C 324 -41.98 -3.98 -6.28
C GLU C 324 -42.01 -3.49 -4.84
N PRO C 335 -38.32 -4.88 -2.02
CA PRO C 335 -38.41 -6.25 -2.54
C PRO C 335 -37.42 -6.48 -3.69
N VAL C 336 -37.48 -5.64 -4.72
CA VAL C 336 -36.54 -5.72 -5.83
C VAL C 336 -35.59 -4.53 -5.78
N LYS C 337 -34.33 -4.80 -5.48
CA LYS C 337 -33.33 -3.75 -5.33
C LYS C 337 -32.18 -3.91 -6.32
N LEU C 338 -31.18 -3.05 -6.21
CA LEU C 338 -29.99 -3.13 -7.06
C LEU C 338 -28.74 -3.31 -6.21
N ASP C 339 -27.82 -4.14 -6.69
CA ASP C 339 -26.55 -4.35 -6.01
C ASP C 339 -25.68 -3.10 -6.14
N ARG C 340 -24.80 -2.89 -5.17
CA ARG C 340 -23.96 -1.71 -5.16
C ARG C 340 -23.00 -1.67 -6.35
N GLU C 341 -22.58 -2.85 -6.82
CA GLU C 341 -21.69 -2.93 -7.97
C GLU C 341 -22.42 -2.45 -9.21
N GLN C 342 -23.71 -2.78 -9.28
CA GLN C 342 -24.55 -2.35 -10.38
C GLN C 342 -24.79 -0.84 -10.33
N LEU C 343 -25.11 -0.34 -9.14
CA LEU C 343 -25.29 1.09 -8.92
C LEU C 343 -24.03 1.86 -9.27
N GLU C 344 -22.89 1.32 -8.86
CA GLU C 344 -21.59 1.96 -9.09
C GLU C 344 -21.22 1.92 -10.57
N GLU C 345 -21.53 0.81 -11.23
CA GLU C 345 -21.30 0.67 -12.67
C GLU C 345 -22.08 1.73 -13.43
N ILE C 346 -23.33 1.95 -13.00
CA ILE C 346 -24.21 2.91 -13.65
C ILE C 346 -23.71 4.34 -13.52
N VAL C 347 -23.37 4.76 -12.31
CA VAL C 347 -22.88 6.11 -12.06
C VAL C 347 -21.58 6.37 -12.81
N LEU C 348 -20.64 5.44 -12.72
CA LEU C 348 -19.35 5.57 -13.39
C LEU C 348 -19.52 5.67 -14.91
N THR C 349 -20.43 4.85 -15.45
CA THR C 349 -20.70 4.86 -16.88
C THR C 349 -21.33 6.19 -17.31
N LEU C 350 -22.25 6.68 -16.50
CA LEU C 350 -22.92 7.95 -16.77
C LEU C 350 -21.95 9.12 -16.74
N GLN C 351 -21.11 9.16 -15.72
CA GLN C 351 -20.15 10.26 -15.55
C GLN C 351 -19.14 10.30 -16.69
N ASN C 352 -18.63 9.13 -17.08
CA ASN C 352 -17.64 9.05 -18.14
C ASN C 352 -18.19 9.41 -19.52
N THR C 353 -19.38 8.90 -19.84
CA THR C 353 -20.00 9.18 -21.13
C THR C 353 -20.37 10.66 -21.26
N LEU C 354 -21.00 11.21 -20.23
CA LEU C 354 -21.43 12.60 -20.26
C LEU C 354 -20.25 13.56 -20.25
N GLU C 355 -19.14 13.16 -19.64
CA GLU C 355 -17.94 13.99 -19.61
C GLU C 355 -17.26 14.02 -20.98
N SER C 356 -17.72 13.16 -21.89
CA SER C 356 -17.25 13.18 -23.26
C SER C 356 -18.36 13.70 -24.18
N PHE C 357 -19.43 14.19 -23.56
CA PHE C 357 -20.56 14.74 -24.30
C PHE C 357 -20.52 16.27 -24.21
N ALA C 358 -20.38 16.91 -25.36
CA ALA C 358 -20.18 18.37 -25.43
C ALA C 358 -21.30 19.20 -24.80
N PRO C 359 -22.58 18.86 -25.03
CA PRO C 359 -23.61 19.64 -24.33
C PRO C 359 -23.51 19.52 -22.81
N SER C 360 -23.08 18.37 -22.33
CA SER C 360 -23.02 18.11 -20.89
C SER C 360 -21.90 18.89 -20.20
N ARG C 361 -20.83 19.19 -20.94
CA ARG C 361 -19.71 19.91 -20.36
C ARG C 361 -19.92 21.42 -20.40
N ARG C 362 -20.79 21.87 -21.30
CA ARG C 362 -21.16 23.27 -21.35
C ARG C 362 -22.12 23.60 -20.21
N ILE C 363 -22.57 22.56 -19.52
CA ILE C 363 -23.40 22.71 -18.33
C ILE C 363 -22.73 21.99 -17.17
N GLN C 364 -23.44 21.89 -16.04
CA GLN C 364 -22.95 21.11 -14.91
C GLN C 364 -24.00 20.09 -14.48
N PHE C 365 -23.55 18.87 -14.22
CA PHE C 365 -24.44 17.77 -13.87
C PHE C 365 -23.92 17.00 -12.67
N SER C 366 -24.80 16.25 -12.01
CA SER C 366 -24.41 15.46 -10.86
C SER C 366 -25.06 14.07 -10.89
N CYS C 367 -24.34 13.09 -10.36
CA CYS C 367 -24.85 11.73 -10.26
C CYS C 367 -24.85 11.26 -8.82
N PHE C 368 -25.79 10.40 -8.47
CA PHE C 368 -25.96 9.98 -7.09
C PHE C 368 -26.41 8.52 -6.99
N ASP C 369 -25.65 7.71 -6.26
CA ASP C 369 -26.03 6.31 -6.05
C ASP C 369 -26.04 5.88 -4.59
N GLY C 370 -26.55 6.75 -3.71
CA GLY C 370 -26.62 6.44 -2.30
C GLY C 370 -27.50 5.24 -1.99
N GLY C 371 -28.81 5.41 -2.11
CA GLY C 371 -29.75 4.33 -1.87
C GLY C 371 -29.73 3.29 -2.98
N SER C 372 -30.89 2.70 -3.24
CA SER C 372 -31.00 1.74 -4.33
C SER C 372 -31.38 2.44 -5.62
N ASP C 373 -31.22 3.76 -5.63
CA ASP C 373 -31.57 4.57 -6.79
C ASP C 373 -30.35 5.33 -7.32
N VAL C 374 -30.28 5.48 -8.64
CA VAL C 374 -29.26 6.31 -9.25
C VAL C 374 -29.90 7.49 -9.97
N TRP C 375 -29.54 8.70 -9.55
CA TRP C 375 -30.14 9.91 -10.12
C TRP C 375 -29.13 10.77 -10.87
N CYS C 376 -29.50 11.18 -12.07
CA CYS C 376 -28.69 12.12 -12.85
C CYS C 376 -29.42 13.45 -12.94
N ASP C 377 -28.87 14.47 -12.30
CA ASP C 377 -29.53 15.77 -12.21
C ASP C 377 -28.68 16.91 -12.76
N ILE C 378 -29.35 17.92 -13.30
CA ILE C 378 -28.65 19.13 -13.73
C ILE C 378 -28.30 19.98 -12.51
N GLY C 379 -27.04 20.39 -12.42
CA GLY C 379 -26.57 21.15 -11.28
C GLY C 379 -25.84 20.27 -10.29
N GLY C 380 -25.77 20.71 -9.03
CA GLY C 380 -25.07 19.95 -8.00
C GLY C 380 -25.30 20.44 -6.58
N LYS C 381 -24.60 19.80 -5.64
CA LYS C 381 -24.69 20.15 -4.22
C LYS C 381 -24.31 21.60 -3.95
N ASP C 382 -23.13 21.99 -4.43
CA ASP C 382 -22.61 23.33 -4.22
C ASP C 382 -23.55 24.41 -4.77
N LEU C 383 -24.04 24.19 -5.98
CA LEU C 383 -24.94 25.14 -6.63
C LEU C 383 -26.24 25.30 -5.85
N GLY C 384 -26.76 24.18 -5.34
CA GLY C 384 -28.00 24.20 -4.58
C GLY C 384 -27.88 25.00 -3.29
N VAL C 385 -26.77 24.82 -2.58
CA VAL C 385 -26.54 25.52 -1.33
C VAL C 385 -26.35 27.01 -1.55
N ARG C 386 -25.57 27.37 -2.57
CA ARG C 386 -25.31 28.76 -2.89
C ARG C 386 -26.56 29.45 -3.43
N SER C 387 -27.42 28.70 -4.12
CA SER C 387 -28.69 29.23 -4.60
C SER C 387 -29.58 29.60 -3.43
N LEU C 388 -29.61 28.73 -2.42
CA LEU C 388 -30.40 28.97 -1.22
C LEU C 388 -29.86 30.16 -0.44
N GLN C 389 -28.53 30.32 -0.44
CA GLN C 389 -27.90 31.44 0.24
C GLN C 389 -28.38 32.76 -0.31
N GLN C 390 -28.48 32.84 -1.63
CA GLN C 390 -28.94 34.05 -2.30
C GLN C 390 -30.45 34.21 -2.15
N PHE C 391 -31.17 33.10 -2.23
CA PHE C 391 -32.63 33.11 -2.21
C PHE C 391 -33.22 33.70 -0.94
N TYR C 392 -32.71 33.29 0.21
CA TYR C 392 -33.26 33.72 1.49
C TYR C 392 -33.15 35.22 1.72
N ASN C 393 -32.05 35.81 1.24
CA ASN C 393 -31.84 37.24 1.36
C ASN C 393 -31.01 37.77 0.20
N PRO C 394 -31.67 38.13 -0.91
CA PRO C 394 -30.98 38.60 -2.12
C PRO C 394 -30.17 39.88 -1.90
N GLU C 395 -30.63 40.76 -1.02
CA GLU C 395 -29.90 42.00 -0.75
C GLU C 395 -28.61 41.73 0.00
N SER C 396 -28.63 40.78 0.91
CA SER C 396 -27.43 40.34 1.61
C SER C 396 -27.39 38.83 1.68
N PRO C 397 -26.87 38.19 0.61
CA PRO C 397 -26.80 36.73 0.49
C PRO C 397 -26.07 36.08 1.66
N ILE C 398 -26.59 34.97 2.16
CA ILE C 398 -25.99 34.28 3.29
C ILE C 398 -24.59 33.80 2.93
N GLN C 399 -23.61 34.20 3.75
CA GLN C 399 -22.22 33.83 3.54
C GLN C 399 -21.98 32.37 3.93
N PRO C 400 -20.97 31.73 3.32
CA PRO C 400 -20.56 30.37 3.68
C PRO C 400 -20.20 30.24 5.16
N SER C 401 -19.69 31.33 5.73
CA SER C 401 -19.32 31.36 7.14
C SER C 401 -20.56 31.29 8.03
N GLU C 402 -21.72 31.55 7.43
CA GLU C 402 -22.98 31.51 8.16
C GLU C 402 -23.84 30.34 7.69
N THR C 403 -23.20 29.40 6.99
CA THR C 403 -23.90 28.26 6.42
C THR C 403 -23.34 26.94 6.97
N LEU C 404 -24.23 26.06 7.42
CA LEU C 404 -23.80 24.76 7.93
C LEU C 404 -24.58 23.63 7.27
N HIS C 405 -23.87 22.77 6.54
CA HIS C 405 -24.51 21.63 5.89
C HIS C 405 -24.28 20.33 6.65
N VAL C 406 -25.28 19.93 7.43
CA VAL C 406 -25.26 18.64 8.08
C VAL C 406 -25.54 17.54 7.06
N GLY C 407 -24.51 16.81 6.67
CA GLY C 407 -24.63 15.84 5.60
C GLY C 407 -24.07 14.46 5.91
N ASP C 408 -24.64 13.44 5.27
CA ASP C 408 -24.23 12.06 5.49
C ASP C 408 -23.72 11.40 4.21
N GLN C 409 -23.48 12.21 3.18
CA GLN C 409 -23.05 11.69 1.89
C GLN C 409 -21.59 12.02 1.60
N PHE C 410 -20.75 11.91 2.62
CA PHE C 410 -19.31 12.03 2.45
C PHE C 410 -18.72 10.68 2.09
N ALA C 411 -19.04 10.21 0.89
CA ALA C 411 -18.70 8.87 0.46
C ALA C 411 -18.62 8.82 -1.07
N PRO C 412 -18.24 7.67 -1.65
CA PRO C 412 -18.34 7.61 -3.11
C PRO C 412 -19.79 7.47 -3.60
N VAL C 413 -20.68 8.33 -3.11
CA VAL C 413 -22.08 8.30 -3.49
C VAL C 413 -22.30 8.98 -4.84
N GLY C 414 -21.22 9.41 -5.46
CA GLY C 414 -21.29 10.05 -6.76
C GLY C 414 -20.73 11.45 -6.74
N SER C 415 -21.03 12.23 -7.77
CA SER C 415 -20.57 13.61 -7.85
C SER C 415 -21.45 14.52 -7.00
N ALA C 416 -22.47 13.94 -6.37
CA ALA C 416 -23.33 14.67 -5.46
C ALA C 416 -22.88 14.46 -4.02
N ASN C 417 -21.61 14.08 -3.86
CA ASN C 417 -21.04 13.88 -2.54
C ASN C 417 -21.03 15.18 -1.73
N ASP C 418 -21.06 15.05 -0.41
CA ASP C 418 -21.11 16.21 0.47
C ASP C 418 -19.77 16.93 0.55
N PHE C 419 -18.75 16.40 -0.11
CA PHE C 419 -17.48 17.10 -0.23
C PHE C 419 -17.67 18.35 -1.10
N LYS C 420 -18.62 18.28 -2.02
CA LYS C 420 -18.98 19.41 -2.86
C LYS C 420 -19.60 20.53 -2.02
N ALA C 421 -20.27 20.16 -0.94
CA ALA C 421 -20.92 21.12 -0.07
C ALA C 421 -19.90 22.00 0.67
N ARG C 422 -18.67 21.50 0.77
CA ARG C 422 -17.60 22.24 1.43
C ARG C 422 -17.13 23.42 0.58
N LEU C 423 -17.60 23.48 -0.65
CA LEU C 423 -17.30 24.61 -1.54
C LEU C 423 -18.21 25.78 -1.24
N ALA C 424 -19.39 25.49 -0.69
CA ALA C 424 -20.41 26.50 -0.48
C ALA C 424 -20.55 26.94 0.97
N GLY C 425 -19.99 26.16 1.90
CA GLY C 425 -20.08 26.52 3.31
C GLY C 425 -19.56 25.47 4.27
N CYS C 426 -19.74 25.73 5.56
CA CYS C 426 -19.31 24.80 6.60
C CYS C 426 -20.16 23.54 6.58
N THR C 427 -19.58 22.42 7.02
CA THR C 427 -20.28 21.15 6.98
C THR C 427 -20.15 20.36 8.28
N LEU C 428 -21.15 19.54 8.56
CA LEU C 428 -21.05 18.53 9.61
C LEU C 428 -21.09 17.16 8.98
N TRP C 429 -20.19 16.29 9.43
CA TRP C 429 -20.11 14.92 8.92
C TRP C 429 -20.80 13.97 9.90
N ILE C 430 -21.99 13.50 9.53
CA ILE C 430 -22.77 12.63 10.40
C ILE C 430 -22.84 11.20 9.88
N ALA C 431 -22.71 10.25 10.79
CA ALA C 431 -22.73 8.83 10.43
C ALA C 431 -23.96 8.13 11.00
N SER C 432 -24.69 8.83 11.87
CA SER C 432 -25.91 8.29 12.45
C SER C 432 -26.92 9.42 12.64
N PRO C 433 -28.22 9.07 12.61
CA PRO C 433 -29.27 10.06 12.89
C PRO C 433 -29.16 10.60 14.31
N GLN C 434 -28.69 9.77 15.23
CA GLN C 434 -28.50 10.19 16.62
C GLN C 434 -27.38 11.22 16.71
N GLU C 435 -26.33 11.01 15.93
CA GLU C 435 -25.23 11.97 15.83
C GLU C 435 -25.78 13.34 15.43
N THR C 436 -26.69 13.33 14.47
CA THR C 436 -27.33 14.55 13.99
C THR C 436 -28.10 15.25 15.10
N VAL C 437 -28.87 14.46 15.85
CA VAL C 437 -29.65 14.99 16.96
C VAL C 437 -28.74 15.56 18.05
N ASN C 438 -27.71 14.80 18.41
CA ASN C 438 -26.71 15.23 19.38
C ASN C 438 -26.09 16.57 18.99
N TYR C 439 -25.65 16.67 17.74
CA TYR C 439 -25.03 17.88 17.22
C TYR C 439 -26.01 19.05 17.23
N LEU C 440 -27.25 18.80 16.81
CA LEU C 440 -28.27 19.83 16.79
C LEU C 440 -28.64 20.29 18.20
N HIS C 441 -28.65 19.34 19.14
CA HIS C 441 -29.00 19.65 20.53
C HIS C 441 -28.01 20.62 21.16
N ARG C 442 -26.73 20.31 21.04
CA ARG C 442 -25.69 21.17 21.61
C ARG C 442 -25.63 22.53 20.93
N LEU C 443 -25.87 22.53 19.63
CA LEU C 443 -25.91 23.77 18.86
C LEU C 443 -27.01 24.68 19.39
N LEU C 444 -28.20 24.12 19.56
CA LEU C 444 -29.38 24.88 19.96
C LEU C 444 -29.55 24.99 21.46
N GLU C 445 -28.60 24.47 22.23
CA GLU C 445 -28.71 24.54 23.68
C GLU C 445 -28.39 25.95 24.14
N THR C 446 -29.30 26.52 24.93
CA THR C 446 -29.18 27.89 25.40
C THR C 446 -28.00 28.05 26.37
N ARG D 1 0.74 7.02 3.68
CA ARG D 1 1.28 7.20 5.03
C ARG D 1 1.60 5.88 5.70
N TYR D 2 2.86 5.73 6.13
CA TYR D 2 3.26 4.53 6.85
C TYR D 2 2.62 4.52 8.23
N ARG D 3 1.54 3.76 8.36
CA ARG D 3 0.83 3.65 9.62
C ARG D 3 1.68 2.97 10.69
N VAL D 4 2.19 3.77 11.62
CA VAL D 4 3.07 3.26 12.66
C VAL D 4 2.32 2.46 13.73
N GLU D 5 0.99 2.44 13.63
CA GLU D 5 0.16 1.78 14.63
C GLU D 5 -0.54 0.54 14.07
N TYR D 6 -0.19 0.18 12.84
CA TYR D 6 -0.86 -0.90 12.11
C TYR D 6 -0.83 -2.23 12.85
N HIS D 7 0.34 -2.62 13.35
CA HIS D 7 0.53 -3.95 13.91
C HIS D 7 -0.01 -4.09 15.34
N LEU D 8 -0.49 -2.99 15.91
CA LEU D 8 -1.07 -3.03 17.25
C LEU D 8 -2.47 -3.62 17.23
N LYS D 9 -3.08 -3.66 16.05
CA LYS D 9 -4.43 -4.20 15.90
C LYS D 9 -4.49 -5.33 14.89
N SER D 10 -5.56 -6.10 14.95
CA SER D 10 -5.79 -7.18 14.01
C SER D 10 -6.32 -6.62 12.69
N HIS D 11 -5.58 -6.86 11.61
CA HIS D 11 -6.00 -6.41 10.29
C HIS D 11 -6.11 -7.59 9.30
N ARG D 12 -6.64 -8.71 9.81
CA ARG D 12 -6.86 -9.93 9.02
C ARG D 12 -7.92 -9.68 7.94
N LYS D 13 -7.61 -10.05 6.71
CA LYS D 13 -8.53 -9.90 5.58
C LYS D 13 -8.33 -11.04 4.58
N ASP D 14 -9.41 -11.72 4.21
CA ASP D 14 -9.32 -13.01 3.52
C ASP D 14 -8.45 -12.97 2.27
N GLU D 15 -7.22 -13.45 2.42
CA GLU D 15 -6.22 -13.39 1.36
C GLU D 15 -6.61 -14.26 0.18
N PHE D 16 -7.27 -15.38 0.43
CA PHE D 16 -7.70 -16.27 -0.64
C PHE D 16 -8.65 -15.56 -1.60
N ILE D 17 -9.63 -14.85 -1.03
CA ILE D 17 -10.62 -14.14 -1.83
C ILE D 17 -9.98 -12.97 -2.59
N ASP D 18 -9.13 -12.22 -1.90
CA ASP D 18 -8.40 -11.11 -2.53
C ASP D 18 -7.51 -11.64 -3.65
N TRP D 19 -6.94 -12.81 -3.44
CA TRP D 19 -6.14 -13.49 -4.46
C TRP D 19 -6.99 -13.78 -5.69
N VAL D 20 -8.22 -14.24 -5.46
CA VAL D 20 -9.15 -14.52 -6.55
C VAL D 20 -9.56 -13.23 -7.25
N LYS D 21 -9.77 -12.18 -6.48
CA LYS D 21 -10.13 -10.87 -7.04
C LYS D 21 -9.04 -10.35 -7.97
N GLY D 22 -7.79 -10.52 -7.56
CA GLY D 22 -6.66 -10.06 -8.36
C GLY D 22 -6.55 -10.79 -9.69
N LEU D 23 -6.87 -12.07 -9.69
CA LEU D 23 -6.81 -12.87 -10.90
C LEU D 23 -7.88 -12.47 -11.91
N LEU D 24 -9.07 -12.18 -11.40
CA LEU D 24 -10.21 -11.85 -12.24
C LEU D 24 -10.09 -10.46 -12.85
N ALA D 25 -9.26 -9.62 -12.24
CA ALA D 25 -9.09 -8.24 -12.68
C ALA D 25 -8.35 -8.15 -14.01
N SER D 26 -7.50 -9.13 -14.28
CA SER D 26 -6.70 -9.13 -15.50
C SER D 26 -7.55 -9.35 -16.77
N PRO D 27 -8.46 -10.34 -16.76
CA PRO D 27 -9.35 -10.41 -17.93
C PRO D 27 -10.32 -9.24 -17.99
N PHE D 28 -10.68 -8.70 -16.82
CA PHE D 28 -11.61 -7.58 -16.73
C PHE D 28 -11.10 -6.36 -17.48
N VAL D 29 -9.88 -5.94 -17.18
CA VAL D 29 -9.32 -4.73 -17.79
C VAL D 29 -8.99 -4.92 -19.27
N LEU D 30 -8.62 -6.14 -19.66
CA LEU D 30 -8.20 -6.40 -21.03
C LEU D 30 -9.36 -6.71 -21.96
N HIS D 31 -10.50 -7.12 -21.40
CA HIS D 31 -11.62 -7.55 -22.24
C HIS D 31 -12.91 -6.78 -21.97
N ALA D 32 -13.23 -6.57 -20.70
CA ALA D 32 -14.43 -5.81 -20.36
C ALA D 32 -14.21 -4.31 -20.57
N VAL D 33 -13.23 -3.75 -19.88
CA VAL D 33 -12.97 -2.31 -19.94
C VAL D 33 -12.44 -1.89 -21.32
N SER D 34 -11.84 -2.82 -22.03
CA SER D 34 -11.31 -2.53 -23.36
C SER D 34 -12.41 -2.43 -24.40
N HIS D 35 -13.63 -2.78 -24.00
CA HIS D 35 -14.78 -2.68 -24.88
C HIS D 35 -15.89 -1.88 -24.19
N GLU D 36 -15.47 -1.06 -23.23
CA GLU D 36 -16.33 -0.05 -22.65
C GLU D 36 -16.54 1.05 -23.68
N GLY D 37 -17.79 1.40 -23.93
CA GLY D 37 -18.10 2.40 -24.93
C GLY D 37 -18.62 1.77 -26.21
N ASP D 38 -18.29 0.51 -26.43
CA ASP D 38 -18.79 -0.22 -27.59
C ASP D 38 -20.29 -0.41 -27.50
N TYR D 39 -21.02 0.34 -28.32
CA TYR D 39 -22.48 0.35 -28.28
C TYR D 39 -23.09 -0.92 -28.90
N ASN D 40 -22.35 -1.56 -29.79
CA ASN D 40 -22.87 -2.65 -30.59
C ASN D 40 -23.04 -3.98 -29.85
N ASP D 41 -22.00 -4.81 -29.94
CA ASP D 41 -22.06 -6.19 -29.46
C ASP D 41 -21.64 -6.32 -28.00
N ASP D 42 -22.58 -6.07 -27.10
CA ASP D 42 -22.32 -6.23 -25.67
C ASP D 42 -22.38 -7.69 -25.26
N LEU D 43 -23.25 -8.46 -25.93
CA LEU D 43 -23.45 -9.86 -25.62
C LEU D 43 -22.20 -10.70 -25.88
N ALA D 44 -21.50 -10.40 -26.96
CA ALA D 44 -20.28 -11.12 -27.31
C ALA D 44 -19.20 -10.91 -26.26
N THR D 45 -19.02 -9.65 -25.86
CA THR D 45 -18.02 -9.30 -24.86
C THR D 45 -18.33 -9.96 -23.51
N THR D 46 -19.60 -9.89 -23.11
CA THR D 46 -20.04 -10.50 -21.86
C THR D 46 -19.78 -12.00 -21.84
N GLN D 47 -20.00 -12.65 -22.98
CA GLN D 47 -19.80 -14.08 -23.11
C GLN D 47 -18.32 -14.47 -22.99
N ARG D 48 -17.46 -13.73 -23.68
CA ARG D 48 -16.03 -14.00 -23.62
C ARG D 48 -15.47 -13.75 -22.22
N VAL D 49 -15.94 -12.67 -21.61
CA VAL D 49 -15.52 -12.31 -20.26
C VAL D 49 -15.95 -13.36 -19.24
N ARG D 50 -17.21 -13.78 -19.34
CA ARG D 50 -17.75 -14.81 -18.45
C ARG D 50 -16.98 -16.12 -18.59
N SER D 51 -16.63 -16.47 -19.82
CA SER D 51 -15.87 -17.70 -20.09
C SER D 51 -14.49 -17.65 -19.45
N GLN D 52 -13.84 -16.49 -19.53
CA GLN D 52 -12.53 -16.31 -18.93
C GLN D 52 -12.60 -16.41 -17.41
N TYR D 53 -13.62 -15.79 -16.82
CA TYR D 53 -13.84 -15.89 -15.38
C TYR D 53 -14.08 -17.33 -14.97
N ALA D 54 -14.89 -18.04 -15.75
CA ALA D 54 -15.27 -19.41 -15.45
C ALA D 54 -14.08 -20.35 -15.49
N ASP D 55 -13.19 -20.14 -16.46
CA ASP D 55 -11.98 -20.94 -16.59
C ASP D 55 -11.10 -20.79 -15.37
N ILE D 56 -10.99 -19.56 -14.87
CA ILE D 56 -10.20 -19.29 -13.67
C ILE D 56 -10.75 -20.03 -12.47
N PHE D 57 -12.07 -19.98 -12.29
CA PHE D 57 -12.71 -20.64 -11.17
C PHE D 57 -12.55 -22.16 -11.23
N LYS D 58 -12.59 -22.71 -12.45
CA LYS D 58 -12.41 -24.15 -12.62
C LYS D 58 -10.97 -24.54 -12.28
N ASP D 59 -10.02 -23.67 -12.62
CA ASP D 59 -8.63 -23.88 -12.29
C ASP D 59 -8.44 -23.90 -10.77
N ILE D 60 -9.13 -23.00 -10.08
CA ILE D 60 -9.06 -22.92 -8.64
C ILE D 60 -9.73 -24.13 -8.00
N GLU D 61 -10.78 -24.63 -8.64
CA GLU D 61 -11.41 -25.88 -8.21
C GLU D 61 -10.35 -26.97 -8.12
N GLY D 62 -9.63 -27.19 -9.23
CA GLY D 62 -8.57 -28.17 -9.30
C GLY D 62 -7.53 -28.00 -8.20
N LEU D 63 -7.12 -26.75 -7.97
CA LEU D 63 -6.14 -26.45 -6.93
C LEU D 63 -6.66 -26.83 -5.55
N ILE D 64 -7.94 -26.55 -5.31
CA ILE D 64 -8.59 -26.88 -4.05
C ILE D 64 -8.62 -28.40 -3.83
N LYS D 65 -9.07 -29.14 -4.84
CA LYS D 65 -9.13 -30.60 -4.74
C LYS D 65 -7.76 -31.21 -4.47
N ASP D 66 -6.75 -30.78 -5.22
CA ASP D 66 -5.38 -31.27 -5.03
C ASP D 66 -4.93 -31.04 -3.59
N LYS D 67 -5.29 -29.89 -3.04
CA LYS D 67 -4.96 -29.55 -1.66
C LYS D 67 -5.63 -30.51 -0.69
N ILE D 68 -6.91 -30.80 -0.92
CA ILE D 68 -7.66 -31.73 -0.09
C ILE D 68 -6.99 -33.09 -0.07
N GLU D 69 -6.49 -33.52 -1.22
CA GLU D 69 -5.74 -34.76 -1.30
C GLU D 69 -4.39 -34.62 -0.60
N PHE D 70 -3.77 -33.45 -0.73
CA PHE D 70 -2.45 -33.23 -0.13
C PHE D 70 -2.57 -32.87 1.35
N ASP D 71 -3.79 -32.63 1.82
CA ASP D 71 -4.01 -32.41 3.24
C ASP D 71 -4.50 -33.71 3.89
N SER D 72 -4.71 -34.72 3.06
CA SER D 72 -5.01 -36.06 3.54
C SER D 72 -3.71 -36.76 3.93
N ARG D 73 -2.60 -36.15 3.56
CA ARG D 73 -1.28 -36.60 3.97
C ARG D 73 -1.19 -36.61 5.49
N ASN D 74 -1.36 -35.43 6.09
CA ASN D 74 -1.25 -35.24 7.52
C ASN D 74 -2.50 -34.60 8.12
N LEU D 92 7.20 -32.68 5.52
CA LEU D 92 6.06 -31.76 5.50
C LEU D 92 6.11 -30.81 4.32
N GLY D 93 5.67 -31.29 3.16
CA GLY D 93 5.52 -30.43 2.00
C GLY D 93 4.26 -29.59 2.16
N GLN D 94 3.90 -28.86 1.10
CA GLN D 94 2.70 -28.05 1.13
C GLN D 94 1.89 -28.24 -0.15
N SER D 95 0.60 -27.93 -0.08
CA SER D 95 -0.23 -27.95 -1.27
C SER D 95 0.21 -26.81 -2.17
N ARG D 96 0.00 -26.98 -3.49
CA ARG D 96 0.36 -25.94 -4.45
C ARG D 96 -0.38 -24.65 -4.15
N LEU D 97 -1.64 -24.78 -3.74
CA LEU D 97 -2.47 -23.64 -3.40
C LEU D 97 -1.94 -22.91 -2.17
N ASN D 98 -1.42 -23.68 -1.22
CA ASN D 98 -0.83 -23.11 0.00
C ASN D 98 0.41 -22.28 -0.32
N LEU D 99 1.12 -22.65 -1.37
CA LEU D 99 2.26 -21.87 -1.83
C LEU D 99 1.78 -20.53 -2.38
N LEU D 100 0.78 -20.58 -3.24
CA LEU D 100 0.21 -19.38 -3.84
C LEU D 100 -0.38 -18.47 -2.77
N VAL D 101 -1.23 -19.03 -1.92
CA VAL D 101 -1.85 -18.29 -0.83
C VAL D 101 -1.47 -18.93 0.50
N PRO D 102 -0.52 -18.31 1.22
CA PRO D 102 0.08 -18.91 2.43
C PRO D 102 -0.86 -18.97 3.63
N SER D 103 -1.83 -18.05 3.71
CA SER D 103 -2.70 -17.96 4.87
C SER D 103 -4.01 -18.72 4.67
N ILE D 104 -4.04 -19.60 3.68
CA ILE D 104 -5.27 -20.29 3.32
C ILE D 104 -5.66 -21.33 4.38
N GLY D 105 -6.96 -21.49 4.59
CA GLY D 105 -7.46 -22.45 5.56
C GLY D 105 -7.69 -23.81 4.95
N THR D 106 -8.06 -24.78 5.77
CA THR D 106 -8.32 -26.13 5.29
C THR D 106 -9.67 -26.22 4.58
N PHE D 107 -9.68 -26.86 3.42
CA PHE D 107 -10.92 -27.14 2.71
C PHE D 107 -11.41 -28.55 3.01
N PHE D 108 -12.40 -28.66 3.89
CA PHE D 108 -12.95 -29.96 4.26
C PHE D 108 -13.84 -30.53 3.17
N THR D 109 -14.06 -29.74 2.12
CA THR D 109 -15.08 -30.06 1.14
C THR D 109 -14.76 -29.46 -0.23
N GLU D 110 -15.01 -30.24 -1.28
CA GLU D 110 -14.87 -29.76 -2.66
C GLU D 110 -15.80 -28.58 -2.94
N LEU D 111 -15.31 -27.59 -3.67
CA LEU D 111 -16.12 -26.43 -4.00
C LEU D 111 -16.38 -26.30 -5.50
N PRO D 112 -17.65 -26.41 -5.90
CA PRO D 112 -18.07 -26.20 -7.29
C PRO D 112 -18.12 -24.71 -7.64
N LEU D 113 -16.95 -24.11 -7.81
CA LEU D 113 -16.84 -22.67 -7.97
C LEU D 113 -17.40 -22.14 -9.30
N GLU D 114 -17.06 -22.81 -10.39
CA GLU D 114 -17.53 -22.38 -11.70
C GLU D 114 -19.06 -22.36 -11.76
N GLN D 115 -19.67 -23.44 -11.30
CA GLN D 115 -21.12 -23.54 -11.25
C GLN D 115 -21.71 -22.42 -10.40
N ALA D 116 -21.04 -22.11 -9.29
CA ALA D 116 -21.48 -21.06 -8.40
C ALA D 116 -21.32 -19.67 -9.03
N PHE D 117 -20.23 -19.49 -9.76
CA PHE D 117 -20.00 -18.22 -10.47
C PHE D 117 -21.09 -17.98 -11.50
N LEU D 118 -21.35 -18.98 -12.34
CA LEU D 118 -22.34 -18.88 -13.40
C LEU D 118 -23.71 -18.59 -12.84
N TRP D 119 -23.99 -19.12 -11.67
CA TRP D 119 -25.28 -18.89 -11.05
C TRP D 119 -25.39 -17.46 -10.52
N GLU D 120 -24.34 -16.99 -9.84
CA GLU D 120 -24.33 -15.62 -9.30
C GLU D 120 -24.21 -14.59 -10.41
N ASP D 121 -23.58 -14.98 -11.51
CA ASP D 121 -23.44 -14.09 -12.66
C ASP D 121 -24.79 -13.78 -13.27
N SER D 122 -25.73 -14.71 -13.13
CA SER D 122 -27.10 -14.49 -13.57
C SER D 122 -27.76 -13.46 -12.68
N GLN D 123 -27.61 -13.64 -11.37
CA GLN D 123 -28.23 -12.75 -10.39
C GLN D 123 -27.56 -11.38 -10.36
N ARG D 124 -26.24 -11.37 -10.17
CA ARG D 124 -25.52 -10.13 -9.90
C ARG D 124 -24.98 -9.45 -11.16
N ALA D 125 -25.02 -10.16 -12.28
CA ALA D 125 -24.56 -9.64 -13.58
C ALA D 125 -23.12 -9.13 -13.51
N ILE D 126 -22.21 -10.00 -13.07
CA ILE D 126 -20.80 -9.65 -12.89
C ILE D 126 -20.09 -9.45 -14.22
N SER D 127 -20.27 -10.40 -15.14
CA SER D 127 -19.56 -10.39 -16.41
C SER D 127 -20.03 -9.29 -17.35
N ALA D 128 -21.17 -8.68 -17.04
CA ALA D 128 -21.73 -7.63 -17.88
C ALA D 128 -21.14 -6.26 -17.55
N ARG D 129 -20.53 -6.15 -16.38
CA ARG D 129 -19.95 -4.88 -15.93
C ARG D 129 -18.68 -4.54 -16.70
N ARG D 130 -18.50 -3.27 -17.02
CA ARG D 130 -17.36 -2.82 -17.79
C ARG D 130 -16.52 -1.79 -17.02
N MSE D 131 -17.09 -1.28 -15.93
CA MSE D 131 -16.43 -0.25 -15.15
C MSE D 131 -16.06 -0.72 -13.74
O MSE D 131 -15.03 -0.34 -13.19
CB MSE D 131 -17.31 1.00 -15.06
CG MSE D 131 -17.59 1.65 -16.40
SE MSE D 131 -16.01 2.51 -17.16
CE MSE D 131 -15.69 3.82 -15.76
N VAL D 132 -16.93 -1.55 -13.16
CA VAL D 132 -16.70 -2.08 -11.83
C VAL D 132 -16.26 -3.54 -11.90
N ALA D 133 -15.04 -3.80 -11.43
CA ALA D 133 -14.46 -5.14 -11.46
C ALA D 133 -15.20 -6.10 -10.54
N PRO D 134 -15.02 -7.42 -10.75
CA PRO D 134 -15.53 -8.40 -9.78
C PRO D 134 -15.08 -8.06 -8.37
N SER D 135 -16.03 -8.04 -7.43
CA SER D 135 -15.76 -7.54 -6.09
C SER D 135 -15.51 -8.65 -5.07
N PHE D 136 -15.06 -8.25 -3.89
CA PHE D 136 -14.88 -9.17 -2.76
C PHE D 136 -16.20 -9.86 -2.43
N ASN D 137 -17.27 -9.08 -2.37
CA ASN D 137 -18.60 -9.60 -2.07
C ASN D 137 -19.08 -10.58 -3.13
N ASP D 138 -18.68 -10.34 -4.38
CA ASP D 138 -19.02 -11.26 -5.47
C ASP D 138 -18.41 -12.62 -5.21
N ILE D 139 -17.11 -12.65 -4.94
CA ILE D 139 -16.40 -13.89 -4.67
C ILE D 139 -16.94 -14.58 -3.42
N ARG D 140 -17.24 -13.77 -2.40
CA ARG D 140 -17.81 -14.29 -1.16
C ARG D 140 -19.15 -14.98 -1.42
N HIS D 141 -19.97 -14.36 -2.25
CA HIS D 141 -21.25 -14.94 -2.65
C HIS D 141 -21.04 -16.23 -3.42
N ILE D 142 -20.07 -16.23 -4.33
CA ILE D 142 -19.74 -17.41 -5.12
C ILE D 142 -19.24 -18.54 -4.23
N LEU D 143 -18.38 -18.20 -3.27
CA LEU D 143 -17.84 -19.19 -2.36
C LEU D 143 -18.93 -19.80 -1.46
N ASN D 144 -19.83 -18.95 -0.96
CA ASN D 144 -20.91 -19.43 -0.12
C ASN D 144 -21.91 -20.30 -0.88
N THR D 145 -22.24 -19.87 -2.10
CA THR D 145 -23.17 -20.61 -2.95
C THR D 145 -22.58 -21.97 -3.32
N ALA D 146 -21.27 -22.01 -3.52
CA ALA D 146 -20.57 -23.25 -3.85
C ALA D 146 -20.62 -24.25 -2.69
N GLN D 147 -20.47 -23.74 -1.47
CA GLN D 147 -20.52 -24.55 -0.26
C GLN D 147 -21.91 -25.17 -0.08
N ILE D 148 -22.94 -24.39 -0.39
CA ILE D 148 -24.31 -24.86 -0.35
C ILE D 148 -24.59 -25.89 -1.44
N PHE D 149 -24.15 -25.57 -2.66
CA PHE D 149 -24.33 -26.46 -3.81
C PHE D 149 -23.74 -27.85 -3.57
N HIS D 150 -22.60 -27.90 -2.88
CA HIS D 150 -21.96 -29.16 -2.54
C HIS D 150 -22.87 -30.06 -1.72
N PHE D 151 -23.36 -29.52 -0.61
CA PHE D 151 -24.20 -30.28 0.31
C PHE D 151 -25.48 -30.75 -0.35
N LYS D 152 -25.98 -29.98 -1.31
CA LYS D 152 -27.17 -30.34 -2.05
C LYS D 152 -26.89 -31.52 -2.98
N LYS D 153 -25.64 -31.61 -3.43
CA LYS D 153 -25.23 -32.72 -4.29
C LYS D 153 -25.10 -34.01 -3.49
N GLN D 154 -24.61 -33.90 -2.26
CA GLN D 154 -24.34 -35.07 -1.43
C GLN D 154 -25.61 -35.73 -0.89
N GLU D 155 -26.73 -35.02 -0.99
CA GLU D 155 -28.00 -35.51 -0.46
C GLU D 155 -28.43 -36.82 -1.10
N ASN D 156 -28.49 -36.84 -2.42
CA ASN D 156 -28.91 -38.01 -3.16
C ASN D 156 -27.81 -39.07 -3.30
N LEU D 157 -26.57 -38.65 -3.09
CA LEU D 157 -25.42 -39.49 -3.42
C LEU D 157 -25.24 -40.73 -2.53
N HIS D 158 -24.88 -41.82 -3.20
CA HIS D 158 -24.51 -43.10 -2.61
C HIS D 158 -23.63 -42.95 -1.36
N ASN D 159 -22.37 -42.58 -1.57
CA ASN D 159 -21.41 -42.43 -0.49
C ASN D 159 -21.14 -40.96 -0.17
N GLY D 160 -22.12 -40.11 -0.48
CA GLY D 160 -21.99 -38.69 -0.19
C GLY D 160 -22.05 -38.43 1.30
N LYS D 161 -21.28 -37.44 1.75
CA LYS D 161 -21.31 -37.03 3.15
C LYS D 161 -22.29 -35.89 3.35
N VAL D 162 -23.51 -36.24 3.73
CA VAL D 162 -24.57 -35.27 3.91
C VAL D 162 -24.33 -34.37 5.11
N LEU D 163 -24.96 -33.20 5.10
CA LEU D 163 -24.82 -32.22 6.16
C LEU D 163 -25.53 -32.67 7.44
N ARG D 164 -24.77 -32.85 8.51
CA ARG D 164 -25.34 -33.33 9.76
C ARG D 164 -25.51 -32.23 10.80
N LEU D 165 -24.61 -31.25 10.81
CA LEU D 165 -24.65 -30.20 11.83
C LEU D 165 -24.58 -28.80 11.24
N VAL D 166 -25.56 -27.96 11.56
CA VAL D 166 -25.53 -26.56 11.20
C VAL D 166 -25.39 -25.70 12.45
N THR D 167 -24.39 -24.83 12.47
CA THR D 167 -24.16 -23.98 13.62
C THR D 167 -24.39 -22.50 13.28
N PHE D 168 -24.88 -21.76 14.26
CA PHE D 168 -25.15 -20.33 14.09
C PHE D 168 -24.47 -19.50 15.17
N ASP D 169 -24.45 -18.18 14.98
CA ASP D 169 -23.86 -17.28 15.97
C ASP D 169 -24.93 -16.46 16.68
N GLY D 170 -25.09 -16.70 17.97
CA GLY D 170 -26.02 -15.93 18.79
C GLY D 170 -25.45 -14.55 19.05
N ASP D 171 -24.48 -14.47 19.95
CA ASP D 171 -23.80 -13.23 20.26
C ASP D 171 -22.29 -13.42 20.21
N THR D 184 -41.01 -13.21 13.98
CA THR D 184 -40.27 -12.00 14.34
C THR D 184 -39.06 -11.87 13.43
N ASN D 185 -38.55 -13.02 13.02
CA ASN D 185 -37.19 -13.20 12.54
C ASN D 185 -37.19 -14.37 11.57
N PRO D 186 -36.91 -14.07 10.29
CA PRO D 186 -37.20 -15.00 9.19
C PRO D 186 -36.27 -16.21 9.17
N VAL D 187 -35.31 -16.21 10.09
CA VAL D 187 -34.39 -17.32 10.24
C VAL D 187 -35.03 -18.45 11.02
N ILE D 188 -35.89 -18.09 11.98
CA ILE D 188 -36.56 -19.07 12.83
C ILE D 188 -37.29 -20.18 12.05
N PRO D 189 -38.05 -19.85 10.99
CA PRO D 189 -38.67 -20.94 10.23
C PRO D 189 -37.67 -21.92 9.63
N TYR D 190 -36.56 -21.40 9.11
CA TYR D 190 -35.57 -22.25 8.46
C TYR D 190 -34.80 -23.09 9.48
N ILE D 191 -34.64 -22.55 10.68
CA ILE D 191 -34.08 -23.33 11.78
C ILE D 191 -35.00 -24.50 12.08
N LEU D 192 -36.30 -24.21 12.15
CA LEU D 192 -37.32 -25.23 12.35
C LEU D 192 -37.34 -26.22 11.20
N LYS D 193 -37.18 -25.71 9.99
CA LYS D 193 -37.14 -26.57 8.80
C LYS D 193 -35.90 -27.45 8.82
N LEU D 194 -34.78 -26.88 9.26
CA LEU D 194 -33.54 -27.64 9.41
C LEU D 194 -33.71 -28.82 10.36
N LEU D 195 -34.31 -28.54 11.51
CA LEU D 195 -34.55 -29.57 12.52
C LEU D 195 -35.48 -30.66 11.99
N ARG D 196 -36.49 -30.25 11.22
CA ARG D 196 -37.43 -31.20 10.65
C ARG D 196 -36.74 -32.06 9.60
N CYS D 197 -35.77 -31.49 8.90
CA CYS D 197 -35.02 -32.21 7.88
C CYS D 197 -34.00 -33.17 8.48
N GLY D 198 -34.01 -33.30 9.80
CA GLY D 198 -33.13 -34.22 10.48
C GLY D 198 -31.71 -33.70 10.62
N ILE D 199 -31.57 -32.38 10.63
CA ILE D 199 -30.27 -31.75 10.79
C ILE D 199 -30.14 -31.13 12.18
N ASN D 200 -29.05 -31.45 12.87
CA ASN D 200 -28.80 -30.90 14.19
C ASN D 200 -28.40 -29.43 14.11
N VAL D 201 -29.00 -28.60 14.96
CA VAL D 201 -28.75 -27.17 14.94
C VAL D 201 -28.27 -26.66 16.29
N GLY D 202 -27.13 -26.01 16.29
CA GLY D 202 -26.57 -25.43 17.51
C GLY D 202 -26.29 -23.95 17.37
N ILE D 203 -26.41 -23.23 18.47
CA ILE D 203 -26.14 -21.79 18.47
C ILE D 203 -25.01 -21.45 19.43
N VAL D 204 -23.91 -20.95 18.88
CA VAL D 204 -22.74 -20.59 19.69
C VAL D 204 -22.75 -19.11 20.03
N THR D 205 -22.95 -18.80 21.31
CA THR D 205 -23.03 -17.42 21.76
C THR D 205 -21.92 -17.07 22.73
N ALA D 206 -21.24 -15.95 22.48
CA ALA D 206 -20.12 -15.54 23.32
C ALA D 206 -20.58 -15.07 24.71
N ALA D 207 -21.89 -14.99 24.90
CA ALA D 207 -22.44 -14.64 26.20
C ALA D 207 -22.07 -15.68 27.24
N GLY D 208 -21.70 -15.24 28.43
CA GLY D 208 -21.19 -16.13 29.45
C GLY D 208 -22.16 -16.50 30.55
N TYR D 209 -23.44 -16.21 30.33
CA TYR D 209 -24.48 -16.49 31.33
C TYR D 209 -24.56 -17.99 31.61
N ASP D 210 -24.61 -18.33 32.90
CA ASP D 210 -24.55 -19.72 33.32
C ASP D 210 -25.93 -20.32 33.62
N GLU D 211 -26.98 -19.56 33.35
CA GLU D 211 -28.34 -20.04 33.60
C GLU D 211 -29.11 -20.23 32.29
N ALA D 212 -29.98 -21.23 32.27
CA ALA D 212 -30.79 -21.52 31.09
C ALA D 212 -31.88 -20.47 30.90
N GLY D 213 -32.23 -19.80 31.99
CA GLY D 213 -33.27 -18.78 31.97
C GLY D 213 -32.99 -17.65 31.02
N THR D 214 -31.77 -17.13 31.04
CA THR D 214 -31.38 -16.02 30.19
C THR D 214 -31.52 -16.35 28.71
N TYR D 215 -31.05 -17.53 28.32
CA TYR D 215 -31.13 -17.95 26.92
C TYR D 215 -32.57 -18.25 26.51
N GLU D 216 -33.38 -18.67 27.47
CA GLU D 216 -34.80 -18.86 27.23
C GLU D 216 -35.48 -17.51 26.99
N ASN D 217 -35.07 -16.50 27.76
CA ASN D 217 -35.58 -15.14 27.58
C ASN D 217 -35.09 -14.53 26.27
N ARG D 218 -33.80 -14.69 26.00
CA ARG D 218 -33.18 -14.18 24.78
C ARG D 218 -33.75 -14.83 23.53
N LEU D 219 -33.90 -16.15 23.57
CA LEU D 219 -34.34 -16.92 22.41
C LEU D 219 -35.78 -17.39 22.56
N LYS D 220 -36.63 -16.55 23.15
CA LYS D 220 -38.01 -16.92 23.42
C LYS D 220 -38.80 -17.08 22.12
N GLY D 221 -38.43 -16.27 21.11
CA GLY D 221 -39.09 -16.36 19.82
C GLY D 221 -38.90 -17.73 19.19
N LEU D 222 -37.67 -18.25 19.29
CA LEU D 222 -37.35 -19.55 18.70
C LEU D 222 -38.01 -20.71 19.43
N ILE D 223 -37.98 -20.68 20.75
CA ILE D 223 -38.50 -21.80 21.54
C ILE D 223 -40.04 -21.86 21.46
N VAL D 224 -40.68 -20.71 21.32
CA VAL D 224 -42.14 -20.67 21.21
C VAL D 224 -42.59 -21.22 19.87
N ALA D 225 -41.93 -20.78 18.81
CA ALA D 225 -42.24 -21.23 17.45
C ALA D 225 -42.00 -22.73 17.30
N LEU D 226 -40.92 -23.22 17.89
CA LEU D 226 -40.60 -24.64 17.85
C LEU D 226 -41.59 -25.44 18.66
N HIS D 227 -42.01 -24.89 19.80
CA HIS D 227 -43.04 -25.50 20.63
C HIS D 227 -44.36 -25.58 19.87
N ASP D 228 -44.67 -24.51 19.16
CA ASP D 228 -45.93 -24.41 18.42
C ASP D 228 -45.87 -25.08 17.06
N SER D 229 -44.74 -25.70 16.73
CA SER D 229 -44.56 -26.35 15.44
C SER D 229 -45.08 -27.78 15.46
N THR D 230 -46.14 -28.02 14.69
CA THR D 230 -46.82 -29.30 14.67
C THR D 230 -46.11 -30.34 13.81
N ASP D 231 -45.48 -29.86 12.74
CA ASP D 231 -44.89 -30.74 11.73
C ASP D 231 -43.57 -31.38 12.16
N ILE D 232 -43.03 -30.95 13.29
CA ILE D 232 -41.76 -31.48 13.77
C ILE D 232 -41.95 -32.39 14.98
N PRO D 233 -41.52 -33.65 14.86
CA PRO D 233 -41.53 -34.58 16.00
C PRO D 233 -40.57 -34.10 17.11
N VAL D 234 -40.84 -34.52 18.34
CA VAL D 234 -40.13 -33.98 19.50
C VAL D 234 -38.63 -34.31 19.51
N SER D 235 -38.27 -35.49 19.00
CA SER D 235 -36.87 -35.89 18.95
C SER D 235 -36.06 -34.92 18.09
N GLN D 236 -36.67 -34.45 17.01
CA GLN D 236 -36.02 -33.51 16.11
C GLN D 236 -35.97 -32.09 16.71
N LYS D 237 -37.00 -31.72 17.47
CA LYS D 237 -37.04 -30.42 18.15
C LYS D 237 -35.88 -30.22 19.14
N GLN D 238 -35.82 -31.17 20.10
CA GLN D 238 -34.71 -31.52 21.02
C GLN D 238 -33.31 -31.77 20.45
N ASN D 239 -33.21 -31.65 19.13
CA ASN D 239 -31.90 -31.63 18.48
C ASN D 239 -31.44 -30.20 18.28
N LEU D 240 -31.96 -29.30 19.12
CA LEU D 240 -31.56 -27.90 19.13
C LEU D 240 -30.72 -27.62 20.37
N THR D 241 -29.52 -27.09 20.18
CA THR D 241 -28.63 -26.82 21.30
C THR D 241 -28.15 -25.38 21.34
N ILE D 242 -27.84 -24.90 22.54
CA ILE D 242 -27.23 -23.60 22.73
C ILE D 242 -25.89 -23.77 23.42
N MSE D 243 -24.81 -23.39 22.72
CA MSE D 243 -23.47 -23.48 23.30
C MSE D 243 -23.12 -22.18 24.01
O MSE D 243 -22.58 -21.25 23.39
CB MSE D 243 -22.44 -23.82 22.23
CG MSE D 243 -21.05 -24.11 22.78
SE MSE D 243 -21.01 -25.55 24.09
CE MSE D 243 -20.87 -27.07 22.88
N GLY D 244 -23.44 -22.09 25.30
CA GLY D 244 -23.15 -20.93 26.11
C GLY D 244 -21.66 -20.75 26.28
N GLY D 245 -21.21 -19.50 26.31
CA GLY D 245 -19.79 -19.21 26.19
C GLY D 245 -19.37 -19.67 24.81
N GLU D 246 -18.08 -19.78 24.55
CA GLU D 246 -17.67 -20.32 23.28
C GLU D 246 -17.73 -21.85 23.33
N SER D 247 -17.41 -22.40 24.50
CA SER D 247 -17.49 -23.84 24.70
C SER D 247 -17.66 -24.18 26.18
N SER D 248 -18.23 -23.24 26.93
CA SER D 248 -18.32 -23.36 28.38
C SER D 248 -19.60 -24.03 28.87
N TYR D 249 -20.74 -23.65 28.30
CA TYR D 249 -22.02 -24.20 28.74
C TYR D 249 -22.82 -24.78 27.57
N LEU D 250 -23.43 -25.94 27.80
CA LEU D 250 -24.29 -26.54 26.78
C LEU D 250 -25.73 -26.66 27.27
N PHE D 251 -26.66 -26.18 26.45
CA PHE D 251 -28.08 -26.28 26.76
C PHE D 251 -28.81 -26.97 25.62
N ARG D 252 -29.81 -27.78 25.97
CA ARG D 252 -30.60 -28.47 24.95
C ARG D 252 -32.07 -28.15 25.14
N TYR D 253 -32.77 -27.94 24.02
CA TYR D 253 -34.21 -27.74 24.07
C TYR D 253 -34.88 -28.93 24.72
N TYR D 254 -36.02 -28.68 25.36
CA TYR D 254 -36.76 -29.76 26.00
C TYR D 254 -38.26 -29.56 25.91
N GLU D 255 -38.98 -30.66 25.82
CA GLU D 255 -40.44 -30.63 25.85
C GLU D 255 -40.97 -31.74 26.75
N ASP D 256 -41.38 -31.37 27.95
CA ASP D 256 -41.91 -32.32 28.92
C ASP D 256 -43.15 -33.02 28.39
N PRO D 257 -43.17 -34.35 28.52
CA PRO D 257 -44.32 -35.12 28.03
C PRO D 257 -45.52 -35.19 28.99
N GLU D 258 -45.34 -34.89 30.28
CA GLU D 258 -46.48 -34.88 31.21
C GLU D 258 -47.04 -33.47 31.42
N GLU D 259 -46.19 -32.47 31.27
CA GLU D 259 -46.59 -31.08 31.48
C GLU D 259 -46.23 -30.22 30.27
N ASP D 260 -46.96 -29.14 30.08
CA ASP D 260 -46.68 -28.20 29.00
C ASP D 260 -45.55 -27.27 29.41
N ASN D 261 -44.37 -27.83 29.62
CA ASN D 261 -43.18 -27.05 29.94
C ASN D 261 -42.10 -27.27 28.89
N PHE D 262 -41.67 -26.18 28.26
CA PHE D 262 -40.64 -26.25 27.23
C PHE D 262 -39.57 -25.20 27.51
N GLY D 263 -38.47 -25.26 26.77
CA GLY D 263 -37.38 -24.32 26.95
C GLY D 263 -36.03 -24.99 26.79
N PHE D 264 -35.08 -24.62 27.64
CA PHE D 264 -33.73 -25.16 27.54
C PHE D 264 -33.28 -25.86 28.81
N ARG D 265 -32.58 -26.98 28.63
CA ARG D 265 -32.05 -27.77 29.73
C ARG D 265 -30.53 -27.76 29.68
N GLN D 266 -29.88 -27.62 30.84
CA GLN D 266 -28.43 -27.67 30.88
C GLN D 266 -27.96 -29.13 30.83
N ILE D 267 -26.87 -29.37 30.10
CA ILE D 267 -26.32 -30.71 29.96
C ILE D 267 -25.08 -30.86 30.82
N ASP D 268 -24.94 -32.02 31.47
CA ASP D 268 -23.78 -32.27 32.32
C ASP D 268 -22.51 -32.24 31.49
N LYS D 269 -21.43 -31.78 32.11
CA LYS D 269 -20.18 -31.45 31.44
C LYS D 269 -19.56 -32.69 30.82
N GLU D 270 -19.64 -33.81 31.54
CA GLU D 270 -18.98 -35.05 31.16
C GLU D 270 -19.42 -35.59 29.80
N GLU D 271 -20.68 -35.34 29.43
CA GLU D 271 -21.24 -35.89 28.21
C GLU D 271 -20.73 -35.19 26.94
N TRP D 272 -20.53 -33.88 27.01
CA TRP D 272 -20.14 -33.13 25.82
C TRP D 272 -18.72 -32.57 25.84
N LEU D 273 -18.13 -32.42 27.03
CA LEU D 273 -16.78 -31.85 27.12
C LEU D 273 -15.73 -32.69 26.42
N LEU D 274 -14.99 -32.06 25.52
CA LEU D 274 -13.89 -32.70 24.82
C LEU D 274 -12.79 -33.13 25.81
N PRO D 275 -12.02 -34.18 25.46
CA PRO D 275 -11.02 -34.75 26.37
C PRO D 275 -10.03 -33.72 26.92
N ARG D 276 -9.43 -32.92 26.04
CA ARG D 276 -8.45 -31.93 26.44
C ARG D 276 -9.02 -30.90 27.41
N MSE D 277 -10.30 -30.59 27.25
CA MSE D 277 -10.96 -29.62 28.10
C MSE D 277 -11.16 -30.16 29.51
O MSE D 277 -11.14 -29.42 30.49
CB MSE D 277 -12.32 -29.22 27.50
CG MSE D 277 -12.25 -28.83 26.03
SE MSE D 277 -13.95 -28.14 25.38
CE MSE D 277 -14.14 -26.64 26.60
N LYS D 278 -11.35 -31.48 29.60
CA LYS D 278 -11.55 -32.14 30.87
C LYS D 278 -10.22 -32.22 31.62
N ALA D 279 -9.13 -32.17 30.86
CA ALA D 279 -7.79 -32.19 31.42
C ALA D 279 -7.40 -30.82 31.97
N TRP D 280 -8.20 -29.81 31.67
CA TRP D 280 -7.90 -28.46 32.15
C TRP D 280 -8.14 -28.38 33.65
N SER D 281 -7.21 -27.73 34.34
CA SER D 281 -7.30 -27.57 35.79
C SER D 281 -8.20 -26.40 36.16
N LEU D 282 -9.11 -26.63 37.10
CA LEU D 282 -10.05 -25.61 37.54
C LEU D 282 -9.35 -24.38 38.10
N GLU D 283 -8.26 -24.60 38.82
CA GLU D 283 -7.54 -23.50 39.44
C GLU D 283 -6.94 -22.55 38.41
N ASP D 284 -6.48 -23.09 37.29
CA ASP D 284 -5.98 -22.25 36.21
C ASP D 284 -7.12 -21.54 35.50
N VAL D 285 -8.25 -22.24 35.37
CA VAL D 285 -9.46 -21.65 34.78
C VAL D 285 -9.88 -20.41 35.55
N GLU D 286 -9.93 -20.53 36.88
CA GLU D 286 -10.38 -19.44 37.73
C GLU D 286 -9.30 -18.37 37.92
N LYS D 287 -8.04 -18.79 37.91
CA LYS D 287 -6.93 -17.83 37.91
C LYS D 287 -7.02 -16.93 36.69
N THR D 288 -7.34 -17.53 35.55
CA THR D 288 -7.53 -16.80 34.30
C THR D 288 -8.69 -15.82 34.41
N LEU D 289 -9.83 -16.31 34.89
CA LEU D 289 -11.02 -15.48 35.02
C LEU D 289 -10.86 -14.39 36.06
N ASP D 290 -10.13 -14.70 37.14
CA ASP D 290 -9.85 -13.72 38.18
C ASP D 290 -8.93 -12.63 37.64
N PHE D 291 -7.90 -13.04 36.90
CA PHE D 291 -6.98 -12.09 36.28
C PHE D 291 -7.72 -11.22 35.28
N ALA D 292 -8.59 -11.84 34.49
CA ALA D 292 -9.37 -11.14 33.49
C ALA D 292 -10.33 -10.14 34.14
N GLU D 293 -10.92 -10.53 35.26
CA GLU D 293 -11.84 -9.66 35.98
C GLU D 293 -11.12 -8.44 36.53
N ARG D 294 -9.95 -8.65 37.10
CA ARG D 294 -9.13 -7.56 37.62
C ARG D 294 -8.69 -6.63 36.50
N THR D 295 -8.30 -7.21 35.37
CA THR D 295 -7.87 -6.43 34.22
C THR D 295 -9.01 -5.56 33.70
N LEU D 296 -10.24 -6.08 33.80
CA LEU D 296 -11.42 -5.36 33.35
C LEU D 296 -11.70 -4.12 34.20
N ASN D 297 -11.59 -4.26 35.51
CA ASN D 297 -11.82 -3.14 36.42
C ASN D 297 -10.73 -2.08 36.32
N ARG D 298 -9.52 -2.51 36.02
CA ARG D 298 -8.41 -1.61 35.78
C ARG D 298 -8.71 -0.74 34.55
N LEU D 299 -9.19 -1.40 33.50
CA LEU D 299 -9.58 -0.71 32.27
C LEU D 299 -10.76 0.21 32.50
N ARG D 300 -11.69 -0.25 33.34
CA ARG D 300 -12.85 0.55 33.71
C ARG D 300 -12.42 1.88 34.30
N LYS D 301 -11.48 1.82 35.24
CA LYS D 301 -10.96 3.01 35.89
C LYS D 301 -10.19 3.90 34.94
N ARG D 302 -9.22 3.30 34.24
CA ARG D 302 -8.34 4.05 33.35
C ARG D 302 -9.12 4.77 32.25
N LEU D 303 -10.12 4.11 31.70
CA LEU D 303 -10.93 4.71 30.63
C LEU D 303 -12.08 5.55 31.21
N ASN D 304 -12.14 5.61 32.54
CA ASN D 304 -13.16 6.36 33.26
C ASN D 304 -14.57 6.08 32.73
N LEU D 305 -14.88 4.80 32.60
CA LEU D 305 -16.20 4.37 32.12
C LEU D 305 -17.26 4.70 33.16
N PRO D 306 -18.47 5.05 32.68
CA PRO D 306 -19.60 5.35 33.57
C PRO D 306 -19.96 4.19 34.49
N SER D 307 -20.63 4.50 35.59
CA SER D 307 -20.88 3.51 36.63
C SER D 307 -21.94 2.45 36.28
N GLU D 308 -22.70 2.60 35.18
CA GLU D 308 -23.77 1.67 34.88
C GLU D 308 -23.17 0.53 34.03
N ILE D 309 -22.16 0.84 33.20
CA ILE D 309 -21.34 -0.21 32.62
C ILE D 309 -20.98 -1.08 33.82
N SER D 310 -21.33 -2.34 33.76
CA SER D 310 -21.08 -3.22 34.89
C SER D 310 -20.30 -4.43 34.44
N ILE D 311 -19.56 -5.01 35.37
CA ILE D 311 -18.75 -6.16 35.02
C ILE D 311 -19.34 -7.39 35.69
N ILE D 312 -19.68 -8.36 34.84
CA ILE D 312 -20.39 -9.56 35.26
C ILE D 312 -19.46 -10.76 35.23
N ARG D 313 -19.45 -11.50 36.33
CA ARG D 313 -18.62 -12.68 36.45
C ARG D 313 -19.46 -13.94 36.56
N LYS D 314 -19.13 -14.94 35.75
CA LYS D 314 -19.82 -16.21 35.79
C LYS D 314 -18.82 -17.35 36.03
N VAL D 315 -19.30 -18.58 35.96
CA VAL D 315 -18.48 -19.75 36.30
C VAL D 315 -17.30 -19.93 35.36
N ARG D 316 -17.55 -19.81 34.05
CA ARG D 316 -16.51 -20.02 33.06
C ARG D 316 -16.33 -18.81 32.14
N ALA D 317 -16.77 -17.64 32.60
CA ALA D 317 -16.70 -16.44 31.80
C ALA D 317 -16.80 -15.17 32.63
N VAL D 318 -16.15 -14.12 32.14
CA VAL D 318 -16.25 -12.79 32.75
C VAL D 318 -16.43 -11.76 31.65
N GLY D 319 -17.29 -10.77 31.89
CA GLY D 319 -17.59 -9.79 30.87
C GLY D 319 -18.00 -8.42 31.38
N ILE D 320 -17.89 -7.43 30.51
CA ILE D 320 -18.30 -6.07 30.84
C ILE D 320 -19.46 -5.66 29.93
N VAL D 321 -20.57 -5.24 30.54
CA VAL D 321 -21.80 -4.99 29.80
C VAL D 321 -22.34 -3.57 30.01
N PRO D 322 -23.08 -3.05 29.02
CA PRO D 322 -23.69 -1.72 29.14
C PRO D 322 -24.83 -1.68 30.15
N GLY D 323 -25.02 -0.52 30.78
CA GLY D 323 -26.09 -0.33 31.74
C GLY D 323 -27.11 0.69 31.28
N GLU D 324 -27.89 1.22 32.21
CA GLU D 324 -28.93 2.20 31.90
C GLU D 324 -28.96 3.29 32.95
N ARG D 325 -29.51 4.45 32.58
CA ARG D 325 -29.69 5.56 33.51
C ARG D 325 -31.12 6.06 33.42
N VAL D 336 -23.82 4.52 29.98
CA VAL D 336 -24.93 3.66 29.54
C VAL D 336 -24.46 2.69 28.46
N LYS D 337 -23.62 3.16 27.54
CA LYS D 337 -23.05 2.29 26.52
C LYS D 337 -21.57 2.60 26.27
N LEU D 338 -20.88 1.67 25.64
CA LEU D 338 -19.45 1.78 25.41
C LEU D 338 -19.11 2.08 23.95
N ASP D 339 -18.12 2.94 23.75
CA ASP D 339 -17.67 3.31 22.42
C ASP D 339 -17.00 2.12 21.75
N ARG D 340 -16.91 2.13 20.42
CA ARG D 340 -16.28 1.04 19.69
C ARG D 340 -14.81 0.91 20.09
N GLU D 341 -14.05 2.00 19.92
CA GLU D 341 -12.63 2.02 20.25
C GLU D 341 -12.35 1.55 21.67
N GLN D 342 -13.26 1.86 22.59
CA GLN D 342 -13.12 1.42 23.98
C GLN D 342 -13.25 -0.10 24.08
N LEU D 343 -14.18 -0.65 23.31
CA LEU D 343 -14.39 -2.09 23.27
C LEU D 343 -13.15 -2.81 22.73
N GLU D 344 -12.56 -2.25 21.68
CA GLU D 344 -11.37 -2.84 21.08
C GLU D 344 -10.17 -2.72 22.01
N GLU D 345 -10.09 -1.61 22.74
CA GLU D 345 -9.05 -1.42 23.74
C GLU D 345 -9.10 -2.53 24.78
N ILE D 346 -10.32 -2.92 25.14
CA ILE D 346 -10.52 -3.93 26.17
C ILE D 346 -10.11 -5.32 25.72
N VAL D 347 -10.61 -5.77 24.56
CA VAL D 347 -10.28 -7.11 24.08
C VAL D 347 -8.80 -7.25 23.73
N LEU D 348 -8.22 -6.21 23.13
CA LEU D 348 -6.80 -6.22 22.81
C LEU D 348 -5.98 -6.30 24.09
N THR D 349 -6.41 -5.57 25.10
CA THR D 349 -5.77 -5.60 26.41
C THR D 349 -5.86 -7.00 27.02
N LEU D 350 -7.07 -7.52 27.09
CA LEU D 350 -7.32 -8.84 27.67
C LEU D 350 -6.51 -9.93 26.97
N GLN D 351 -6.54 -9.91 25.64
CA GLN D 351 -5.87 -10.92 24.85
C GLN D 351 -4.36 -10.93 25.09
N ASN D 352 -3.76 -9.75 25.00
CA ASN D 352 -2.32 -9.61 25.19
C ASN D 352 -1.88 -9.95 26.61
N THR D 353 -2.66 -9.51 27.59
CA THR D 353 -2.32 -9.72 28.99
C THR D 353 -2.44 -11.20 29.39
N LEU D 354 -3.52 -11.83 28.95
CA LEU D 354 -3.76 -13.24 29.28
C LEU D 354 -2.81 -14.16 28.54
N GLU D 355 -2.36 -13.73 27.37
CA GLU D 355 -1.38 -14.51 26.59
C GLU D 355 0.00 -14.45 27.21
N SER D 356 0.14 -13.63 28.25
CA SER D 356 1.39 -13.56 29.01
C SER D 356 1.15 -14.12 30.41
N PHE D 357 0.01 -14.77 30.59
CA PHE D 357 -0.37 -15.38 31.87
C PHE D 357 -0.25 -16.90 31.75
N ALA D 358 0.69 -17.47 32.50
CA ALA D 358 1.00 -18.90 32.39
C ALA D 358 -0.20 -19.84 32.61
N PRO D 359 -1.05 -19.58 33.62
CA PRO D 359 -2.23 -20.46 33.73
C PRO D 359 -3.14 -20.39 32.51
N SER D 360 -3.17 -19.23 31.86
CA SER D 360 -4.04 -19.01 30.71
C SER D 360 -3.52 -19.69 29.44
N ARG D 361 -2.23 -20.03 29.43
CA ARG D 361 -1.67 -20.73 28.26
C ARG D 361 -1.87 -22.22 28.39
N ARG D 362 -2.10 -22.68 29.62
CA ARG D 362 -2.40 -24.08 29.87
C ARG D 362 -3.85 -24.35 29.52
N ILE D 363 -4.66 -23.29 29.54
CA ILE D 363 -6.06 -23.42 29.23
C ILE D 363 -6.53 -22.37 28.21
N GLN D 364 -6.75 -22.80 26.96
CA GLN D 364 -7.49 -22.01 25.93
C GLN D 364 -8.65 -21.15 26.39
N PHE D 365 -8.59 -19.91 25.89
CA PHE D 365 -9.57 -18.88 26.17
C PHE D 365 -9.96 -18.06 24.92
N SER D 366 -10.99 -17.22 25.07
CA SER D 366 -11.48 -16.39 23.96
C SER D 366 -12.09 -15.06 24.40
N CYS D 367 -11.96 -14.05 23.55
CA CYS D 367 -12.55 -12.73 23.80
C CYS D 367 -13.41 -12.26 22.62
N PHE D 368 -14.46 -11.50 22.91
CA PHE D 368 -15.41 -11.08 21.88
C PHE D 368 -15.94 -9.66 22.13
N ASP D 369 -15.79 -8.79 21.14
CA ASP D 369 -16.27 -7.41 21.28
C ASP D 369 -17.19 -7.00 20.12
N GLY D 370 -17.91 -7.98 19.57
CA GLY D 370 -18.78 -7.75 18.43
C GLY D 370 -19.96 -6.83 18.73
N GLY D 371 -20.75 -7.18 19.74
CA GLY D 371 -21.78 -6.26 20.21
C GLY D 371 -21.15 -5.08 20.92
N SER D 372 -21.88 -4.48 21.85
CA SER D 372 -21.29 -3.47 22.72
C SER D 372 -21.00 -4.06 24.09
N ASP D 373 -20.75 -5.36 24.11
CA ASP D 373 -20.22 -6.02 25.30
C ASP D 373 -18.88 -6.66 24.98
N VAL D 374 -18.08 -6.91 26.01
CA VAL D 374 -16.87 -7.70 25.87
C VAL D 374 -16.94 -8.89 26.81
N TRP D 375 -16.88 -10.10 26.26
CA TRP D 375 -16.91 -11.30 27.07
C TRP D 375 -15.61 -12.09 26.96
N CYS D 376 -15.04 -12.43 28.10
CA CYS D 376 -13.88 -13.31 28.15
C CYS D 376 -14.32 -14.70 28.59
N ASP D 377 -14.34 -15.63 27.64
CA ASP D 377 -14.86 -16.96 27.92
C ASP D 377 -13.77 -18.03 27.86
N ILE D 378 -13.91 -19.05 28.70
CA ILE D 378 -13.04 -20.22 28.64
C ILE D 378 -13.40 -21.05 27.43
N GLY D 379 -12.40 -21.36 26.61
CA GLY D 379 -12.61 -22.15 25.40
C GLY D 379 -12.59 -21.31 24.15
N GLY D 380 -13.14 -21.85 23.07
CA GLY D 380 -13.16 -21.16 21.79
C GLY D 380 -14.29 -21.64 20.89
N LYS D 381 -14.51 -20.91 19.80
CA LYS D 381 -15.56 -21.26 18.84
C LYS D 381 -15.26 -22.60 18.19
N ASP D 382 -13.99 -22.80 17.83
CA ASP D 382 -13.58 -24.08 17.26
C ASP D 382 -14.01 -25.20 18.19
N LEU D 383 -13.61 -25.12 19.46
CA LEU D 383 -13.95 -26.14 20.45
C LEU D 383 -15.46 -26.38 20.57
N GLY D 384 -16.23 -25.30 20.52
CA GLY D 384 -17.67 -25.39 20.64
C GLY D 384 -18.31 -26.24 19.56
N VAL D 385 -17.90 -26.02 18.32
CA VAL D 385 -18.45 -26.76 17.20
C VAL D 385 -18.11 -28.26 17.29
N ARG D 386 -16.86 -28.59 17.55
CA ARG D 386 -16.45 -29.99 17.65
C ARG D 386 -16.97 -30.67 18.91
N SER D 387 -17.25 -29.88 19.95
CA SER D 387 -17.91 -30.41 21.13
C SER D 387 -19.32 -30.85 20.75
N LEU D 388 -19.98 -30.04 19.94
CA LEU D 388 -21.32 -30.36 19.45
C LEU D 388 -21.29 -31.55 18.51
N GLN D 389 -20.22 -31.63 17.71
CA GLN D 389 -20.05 -32.75 16.78
C GLN D 389 -20.00 -34.10 17.51
N GLN D 390 -19.40 -34.09 18.69
CA GLN D 390 -19.26 -35.29 19.49
C GLN D 390 -20.54 -35.59 20.27
N PHE D 391 -21.15 -34.54 20.82
CA PHE D 391 -22.32 -34.66 21.68
C PHE D 391 -23.51 -35.34 20.98
N TYR D 392 -23.81 -34.89 19.76
CA TYR D 392 -24.96 -35.41 19.02
C TYR D 392 -24.84 -36.90 18.72
N ASN D 393 -23.66 -37.33 18.27
CA ASN D 393 -23.44 -38.73 17.96
C ASN D 393 -22.04 -39.17 18.39
N PRO D 394 -21.89 -39.51 19.67
CA PRO D 394 -20.59 -39.89 20.25
C PRO D 394 -19.94 -41.09 19.56
N GLU D 395 -20.75 -42.08 19.18
CA GLU D 395 -20.24 -43.31 18.59
C GLU D 395 -19.81 -43.10 17.13
N SER D 396 -20.51 -42.22 16.43
CA SER D 396 -20.12 -41.83 15.08
C SER D 396 -20.12 -40.31 14.97
N PRO D 397 -19.06 -39.67 15.50
CA PRO D 397 -18.94 -38.20 15.58
C PRO D 397 -19.15 -37.49 14.25
N ILE D 398 -19.82 -36.35 14.29
CA ILE D 398 -20.06 -35.55 13.09
C ILE D 398 -18.76 -34.95 12.58
N GLN D 399 -18.42 -35.27 11.33
CA GLN D 399 -17.19 -34.80 10.73
C GLN D 399 -17.33 -33.34 10.25
N PRO D 400 -16.20 -32.62 10.17
CA PRO D 400 -16.18 -31.26 9.64
C PRO D 400 -16.81 -31.15 8.25
N SER D 401 -16.71 -32.22 7.47
CA SER D 401 -17.28 -32.26 6.12
C SER D 401 -18.80 -32.29 6.15
N GLU D 402 -19.36 -32.54 7.34
CA GLU D 402 -20.80 -32.60 7.51
C GLU D 402 -21.29 -31.46 8.41
N THR D 403 -20.42 -30.49 8.63
CA THR D 403 -20.73 -29.37 9.51
C THR D 403 -20.69 -28.05 8.75
N LEU D 404 -21.65 -27.16 9.03
CA LEU D 404 -21.69 -25.86 8.38
C LEU D 404 -21.98 -24.76 9.39
N HIS D 405 -21.02 -23.85 9.58
CA HIS D 405 -21.21 -22.72 10.48
C HIS D 405 -21.63 -21.48 9.71
N VAL D 406 -22.84 -21.00 9.97
CA VAL D 406 -23.33 -19.77 9.37
C VAL D 406 -22.95 -18.59 10.26
N GLY D 407 -21.94 -17.84 9.86
CA GLY D 407 -21.38 -16.83 10.72
C GLY D 407 -21.36 -15.40 10.21
N ASP D 408 -21.61 -14.47 11.12
CA ASP D 408 -21.57 -13.03 10.81
C ASP D 408 -20.39 -12.37 11.49
N GLN D 409 -19.56 -13.18 12.14
CA GLN D 409 -18.42 -12.66 12.91
C GLN D 409 -17.09 -12.95 12.24
N PHE D 410 -17.09 -12.98 10.91
CA PHE D 410 -15.84 -13.06 10.15
C PHE D 410 -15.18 -11.68 10.11
N ALA D 411 -14.94 -11.14 11.29
CA ALA D 411 -14.51 -9.76 11.45
C ALA D 411 -13.50 -9.66 12.59
N PRO D 412 -12.85 -8.51 12.77
CA PRO D 412 -12.00 -8.38 13.96
C PRO D 412 -12.81 -8.27 15.25
N VAL D 413 -13.47 -9.36 15.64
CA VAL D 413 -14.30 -9.36 16.84
C VAL D 413 -13.62 -10.13 17.97
N GLY D 414 -12.29 -10.15 17.95
CA GLY D 414 -11.52 -10.85 18.97
C GLY D 414 -11.18 -12.26 18.56
N SER D 415 -10.74 -13.06 19.53
CA SER D 415 -10.34 -14.44 19.26
C SER D 415 -11.55 -15.36 19.07
N ALA D 416 -12.75 -14.81 19.25
CA ALA D 416 -13.97 -15.58 19.07
C ALA D 416 -14.52 -15.39 17.66
N ASN D 417 -13.68 -14.92 16.75
CA ASN D 417 -14.08 -14.71 15.36
C ASN D 417 -14.39 -16.03 14.66
N ASP D 418 -15.12 -15.95 13.55
CA ASP D 418 -15.59 -17.15 12.85
C ASP D 418 -14.53 -17.79 11.97
N PHE D 419 -13.35 -17.17 11.90
CA PHE D 419 -12.24 -17.78 11.18
C PHE D 419 -11.74 -19.01 11.92
N LYS D 420 -11.97 -19.03 13.23
CA LYS D 420 -11.61 -20.18 14.05
C LYS D 420 -12.60 -21.32 13.84
N ALA D 421 -13.79 -20.98 13.38
CA ALA D 421 -14.81 -21.99 13.07
C ALA D 421 -14.42 -22.76 11.82
N ARG D 422 -13.50 -22.19 11.04
CA ARG D 422 -13.00 -22.85 9.84
C ARG D 422 -12.07 -24.01 10.18
N LEU D 423 -11.71 -24.13 11.45
CA LEU D 423 -10.90 -25.24 11.92
C LEU D 423 -11.78 -26.46 12.18
N ALA D 424 -13.03 -26.20 12.55
CA ALA D 424 -13.93 -27.27 12.98
C ALA D 424 -14.80 -27.80 11.86
N GLY D 425 -15.01 -27.01 10.81
CA GLY D 425 -15.83 -27.43 9.69
C GLY D 425 -16.08 -26.37 8.65
N CYS D 426 -16.94 -26.68 7.68
CA CYS D 426 -17.29 -25.75 6.62
C CYS D 426 -18.01 -24.53 7.18
N THR D 427 -17.88 -23.39 6.51
CA THR D 427 -18.49 -22.17 6.99
C THR D 427 -19.26 -21.41 5.90
N LEU D 428 -20.23 -20.61 6.34
CA LEU D 428 -20.88 -19.65 5.47
C LEU D 428 -20.67 -18.25 6.03
N TRP D 429 -20.15 -17.36 5.18
CA TRP D 429 -19.85 -15.99 5.57
C TRP D 429 -21.05 -15.09 5.23
N ILE D 430 -21.78 -14.67 6.26
CA ILE D 430 -22.97 -13.85 6.04
C ILE D 430 -22.76 -12.43 6.56
N ALA D 431 -23.23 -11.46 5.78
CA ALA D 431 -23.09 -10.05 6.13
C ALA D 431 -24.44 -9.44 6.49
N SER D 432 -25.51 -10.06 5.99
CA SER D 432 -26.86 -9.59 6.26
C SER D 432 -27.75 -10.74 6.71
N PRO D 433 -28.76 -10.45 7.54
CA PRO D 433 -29.73 -11.47 7.95
C PRO D 433 -30.48 -12.05 6.74
N GLN D 434 -30.65 -11.22 5.70
CA GLN D 434 -31.31 -11.66 4.49
C GLN D 434 -30.45 -12.70 3.76
N GLU D 435 -29.13 -12.57 3.88
CA GLU D 435 -28.22 -13.54 3.30
C GLU D 435 -28.42 -14.91 3.93
N THR D 436 -28.61 -14.92 5.25
CA THR D 436 -28.84 -16.16 5.99
C THR D 436 -30.10 -16.86 5.49
N VAL D 437 -31.18 -16.09 5.37
CA VAL D 437 -32.44 -16.61 4.88
C VAL D 437 -32.31 -17.20 3.47
N ASN D 438 -31.68 -16.44 2.59
CA ASN D 438 -31.48 -16.87 1.21
C ASN D 438 -30.60 -18.11 1.12
N TYR D 439 -29.54 -18.15 1.92
CA TYR D 439 -28.63 -19.28 1.95
C TYR D 439 -29.34 -20.54 2.43
N LEU D 440 -30.10 -20.42 3.51
CA LEU D 440 -30.84 -21.54 4.06
C LEU D 440 -31.98 -21.96 3.14
N HIS D 441 -32.53 -21.00 2.41
CA HIS D 441 -33.61 -21.29 1.47
C HIS D 441 -33.11 -22.16 0.32
N ARG D 442 -31.97 -21.79 -0.25
CA ARG D 442 -31.37 -22.56 -1.34
C ARG D 442 -31.00 -23.96 -0.92
N LEU D 443 -30.46 -24.07 0.29
CA LEU D 443 -30.04 -25.35 0.83
C LEU D 443 -31.22 -26.30 1.00
N LEU D 444 -32.26 -25.82 1.69
CA LEU D 444 -33.40 -26.66 2.04
C LEU D 444 -34.46 -26.73 0.95
N GLU D 445 -34.21 -26.09 -0.19
CA GLU D 445 -35.18 -26.13 -1.28
C GLU D 445 -35.17 -27.47 -1.98
N THR D 446 -36.36 -28.01 -2.21
CA THR D 446 -36.51 -29.34 -2.78
C THR D 446 -36.52 -29.30 -4.31
N9 NOS E . 19.01 -4.41 15.52
C4 NOS E . 18.42 -3.77 14.42
N3 NOS E . 18.81 -2.76 13.52
C2 NOS E . 17.98 -2.32 12.53
N1 NOS E . 16.74 -2.88 12.39
C6 NOS E . 16.34 -3.85 13.25
O6 NOS E . 15.00 -4.35 12.99
C5 NOS E . 17.19 -4.29 14.27
N7 NOS E . 17.00 -5.25 15.24
C8 NOS E . 18.13 -5.31 16.00
C5' NOS E . 21.48 -0.73 14.65
O5' NOS E . 21.58 -1.05 13.27
C4' NOS E . 21.63 -1.95 15.53
O4' NOS E . 20.33 -2.48 15.85
C1' NOS E . 20.37 -3.88 15.75
C2' NOS E . 21.37 -4.17 14.64
O2' NOS E . 21.84 -5.50 14.69
C3' NOS E . 22.44 -3.11 14.91
O3' NOS E . 23.37 -3.60 15.87
N9 NOS F . 5.96 5.23 -24.68
C4 NOS F . 6.11 4.47 -23.50
N3 NOS F . 6.96 3.43 -23.10
C2 NOS F . 6.87 2.89 -21.85
N1 NOS F . 5.93 3.35 -20.98
C6 NOS F . 5.10 4.36 -21.35
O6 NOS F . 4.15 4.76 -20.32
C5 NOS F . 5.19 4.91 -22.62
N7 NOS F . 4.48 5.93 -23.23
C8 NOS F . 4.96 6.11 -24.48
C5' NOS F . 8.44 1.62 -25.57
O5' NOS F . 9.08 1.93 -24.34
C4' NOS F . 8.09 2.87 -26.35
O4' NOS F . 6.82 3.40 -25.88
C1' NOS F . 6.94 4.79 -25.69
C2' NOS F . 8.41 5.02 -25.33
O2' NOS F . 8.78 6.36 -25.52
C3' NOS F . 9.10 4.02 -26.24
O3' NOS F . 9.29 4.61 -27.53
N9 NOS G . -13.28 21.63 5.91
C4 NOS G . -12.82 20.32 6.17
N3 NOS G . -13.08 19.37 7.17
C2 NOS G . -12.47 18.15 7.17
N1 NOS G . -11.59 17.84 6.19
C6 NOS G . -11.31 18.75 5.21
O6 NOS G . -10.35 18.29 4.22
C5 NOS G . -11.94 19.99 5.21
N7 NOS G . -11.83 21.07 4.34
C8 NOS G . -12.65 22.05 4.79
C5' NOS G . -14.37 20.38 9.99
O5' NOS G . -15.52 19.68 10.43
C4' NOS G . -14.73 21.61 9.18
O4' NOS G . -13.67 21.87 8.21
C1' NOS G . -14.24 22.04 6.94
C2' NOS G . -15.54 21.24 6.96
O2' NOS G . -16.43 21.66 5.95
C3' NOS G . -16.02 21.51 8.38
O3' NOS G . -16.70 22.77 8.42
N9 NOS H . -12.36 -22.33 3.50
C4 NOS H . -12.20 -21.01 3.01
N3 NOS H . -13.05 -20.08 2.40
C2 NOS H . -12.60 -18.84 2.01
N1 NOS H . -11.30 -18.51 2.24
C6 NOS H . -10.46 -19.40 2.84
O6 NOS H . -9.11 -18.91 3.01
C5 NOS H . -10.93 -20.66 3.22
N7 NOS H . -10.27 -21.71 3.83
C8 NOS H . -11.16 -22.71 3.99
C5' NOS H . -15.83 -21.30 0.89
O5' NOS H . -15.80 -20.04 1.56
C4' NOS H . -15.53 -22.44 1.84
O4' NOS H . -14.09 -22.61 1.94
C1' NOS H . -13.74 -22.76 3.30
C2' NOS H . -14.78 -21.98 4.07
O2' NOS H . -14.84 -22.35 5.43
C3' NOS H . -16.05 -22.28 3.27
O3' NOS H . -16.61 -23.52 3.71
#